data_9G7P
#
_entry.id   9G7P
#
_cell.length_a   121.196
_cell.length_b   121.196
_cell.length_c   125.216
_cell.angle_alpha   90.000
_cell.angle_beta   90.000
_cell.angle_gamma   120.000
#
_symmetry.space_group_name_H-M   'P 31'
#
loop_
_entity.id
_entity.type
_entity.pdbx_description
1 polymer 'Shewanella putrefaciens PE-like toxin catalytically inactive mutant'
2 non-polymer GLYCEROL
3 non-polymer 'MAGNESIUM ION'
4 water water
#
_entity_poly.entity_id   1
_entity_poly.type   'polypeptide(L)'
_entity_poly.pdbx_seq_one_letter_code
;GVNEAFDLWQECATHCQLDLSQGIRSSELDLTPLFETSNEEGILHYSMLLGEGNEGLKLAIDNALTLHTTHSTINFTSET
AESGPRSYSYIRKGENNWSLNWLVPVGDDAPASIKIFFLEQDAVGLNRYISPIYSIEVSNNLLNSLAHKSTFYIRAFDNN
QTLSMVNISSAGVSYVAAPQQHHRQKRWSEWHTGKLLCFLDPFDAFYNYVTQHTCNPDDTWEGQIYRVLAGNPATLDTTA
PSTTPAVISHRIHFDRGNSLASLTAHQVCGIPLESLARTRHPRGWEELNNCGYPVRNLVSLFILARLSWDRVEQVIHNAL
TNPTPGNALDDAIREAPERARVTLTLAAAQVNQFDNQAAGNTPEQAQSADVVSLSCSAGALHCSAPADSANALLEREHPN
GANFLGAGEAVSFTTRGTRNWSSARLNHAHQQLIARGYVFVGYHGSSLEGAQSIVFGGIRTRTQALDDVWQGLYISGDPA
VAYGYAQDQEPDSRGRIRNGTMLRVYVPGTATAYLYETPLTLADPEAVDAVGHLIGHPLPLQTEAITGPEEAGGRPATIL
GWELAEQAVAIPSTIPTDPSNIGGDLDPSSIPDEESDISALPDNVTKPHHDEL
;
_entity_poly.pdbx_strand_id   AAA,BBB,CCC
#
loop_
_chem_comp.id
_chem_comp.type
_chem_comp.name
_chem_comp.formula
GOL non-polymer GLYCEROL 'C3 H8 O3'
MG non-polymer 'MAGNESIUM ION' 'Mg 2'
#
# COMPACT_ATOMS: atom_id res chain seq x y z
N VAL A 2 -45.10 -33.45 59.32
CA VAL A 2 -44.36 -34.35 60.26
C VAL A 2 -43.36 -35.19 59.44
N ASN A 3 -42.12 -35.31 59.95
CA ASN A 3 -40.94 -35.93 59.28
C ASN A 3 -40.85 -35.46 57.81
N GLU A 4 -41.08 -34.16 57.57
CA GLU A 4 -40.85 -33.52 56.24
C GLU A 4 -39.37 -33.69 55.88
N ALA A 5 -38.48 -33.29 56.79
CA ALA A 5 -37.01 -33.29 56.63
C ALA A 5 -36.51 -34.70 56.25
N PHE A 6 -35.40 -34.74 55.50
CA PHE A 6 -34.53 -35.92 55.29
C PHE A 6 -33.13 -35.41 54.95
N ASP A 7 -32.15 -36.32 54.82
CA ASP A 7 -30.75 -35.98 54.48
C ASP A 7 -30.41 -36.69 53.16
N LEU A 8 -30.60 -36.00 52.02
CA LEU A 8 -30.34 -36.52 50.66
C LEU A 8 -28.95 -37.18 50.58
N TRP A 9 -27.92 -36.49 51.05
CA TRP A 9 -26.49 -36.89 50.87
C TRP A 9 -26.08 -38.00 51.86
N GLN A 10 -26.93 -38.37 52.82
CA GLN A 10 -26.66 -39.50 53.74
C GLN A 10 -27.56 -40.68 53.37
N GLU A 11 -28.87 -40.47 53.34
CA GLU A 11 -29.91 -41.52 53.15
C GLU A 11 -29.98 -41.96 51.69
N CYS A 12 -29.76 -41.05 50.73
CA CYS A 12 -29.97 -41.33 49.28
C CYS A 12 -28.63 -41.34 48.52
N ALA A 13 -27.50 -41.21 49.23
CA ALA A 13 -26.13 -41.34 48.68
C ALA A 13 -26.05 -42.59 47.80
N THR A 14 -26.45 -43.74 48.37
CA THR A 14 -26.48 -45.05 47.67
C THR A 14 -27.88 -45.25 47.10
N HIS A 15 -28.87 -45.50 47.95
CA HIS A 15 -30.29 -45.70 47.58
C HIS A 15 -31.21 -45.31 48.75
N CYS A 16 -32.36 -44.71 48.43
CA CYS A 16 -33.47 -44.43 49.38
C CYS A 16 -34.80 -44.57 48.63
N GLN A 17 -35.78 -45.24 49.23
CA GLN A 17 -37.21 -45.15 48.86
C GLN A 17 -37.80 -44.01 49.69
N LEU A 18 -37.95 -42.82 49.10
CA LEU A 18 -38.41 -41.61 49.83
C LEU A 18 -39.95 -41.62 49.85
N ASP A 19 -40.53 -41.54 51.05
CA ASP A 19 -41.99 -41.52 51.27
C ASP A 19 -42.52 -40.11 50.92
N LEU A 20 -43.43 -40.02 49.94
CA LEU A 20 -44.08 -38.75 49.52
C LEU A 20 -45.55 -38.74 49.97
N SER A 21 -46.00 -39.81 50.63
CA SER A 21 -47.41 -40.09 51.03
C SER A 21 -47.91 -39.08 52.07
N GLN A 22 -46.99 -38.51 52.87
CA GLN A 22 -47.30 -37.58 54.00
C GLN A 22 -47.08 -36.12 53.57
N GLY A 23 -47.05 -35.85 52.26
CA GLY A 23 -46.80 -34.51 51.70
C GLY A 23 -45.32 -34.22 51.51
N ILE A 24 -44.98 -32.93 51.42
CA ILE A 24 -43.67 -32.43 50.90
C ILE A 24 -42.52 -32.99 51.75
N ARG A 25 -41.40 -33.30 51.10
CA ARG A 25 -40.11 -33.68 51.73
C ARG A 25 -39.05 -32.66 51.30
N SER A 26 -38.16 -32.27 52.22
CA SER A 26 -37.10 -31.26 51.98
C SER A 26 -35.80 -31.72 52.63
N SER A 27 -34.67 -31.40 52.00
CA SER A 27 -33.31 -31.71 52.51
C SER A 27 -32.42 -30.48 52.30
N GLU A 28 -31.76 -30.05 53.37
CA GLU A 28 -30.66 -29.06 53.34
C GLU A 28 -29.51 -29.75 52.62
N LEU A 29 -28.94 -29.10 51.59
CA LEU A 29 -27.67 -29.50 50.93
C LEU A 29 -26.59 -28.52 51.39
N ASP A 30 -25.97 -28.82 52.52
CA ASP A 30 -25.02 -27.89 53.20
C ASP A 30 -23.59 -28.24 52.75
N LEU A 31 -22.99 -27.39 51.94
CA LEU A 31 -21.65 -27.63 51.34
C LEU A 31 -20.57 -26.99 52.23
N THR A 32 -20.95 -26.03 53.07
CA THR A 32 -20.03 -25.16 53.86
C THR A 32 -19.03 -26.00 54.68
N PRO A 33 -19.44 -27.09 55.37
CA PRO A 33 -18.48 -27.91 56.10
C PRO A 33 -17.37 -28.50 55.20
N LEU A 34 -17.73 -28.82 53.95
CA LEU A 34 -16.99 -29.77 53.07
C LEU A 34 -16.15 -29.04 52.03
N PHE A 35 -16.44 -27.76 51.75
CA PHE A 35 -15.85 -27.00 50.62
C PHE A 35 -15.97 -25.50 50.90
N GLU A 36 -14.83 -24.82 50.96
CA GLU A 36 -14.72 -23.35 51.19
C GLU A 36 -14.51 -22.69 49.83
N THR A 37 -15.51 -21.96 49.33
CA THR A 37 -15.53 -21.37 47.96
C THR A 37 -14.49 -20.23 47.86
N SER A 38 -14.01 -19.72 49.00
CA SER A 38 -12.87 -18.77 49.09
C SER A 38 -11.66 -19.34 48.33
N ASN A 39 -11.12 -18.57 47.39
CA ASN A 39 -9.91 -18.92 46.59
C ASN A 39 -10.12 -20.19 45.74
N GLU A 40 -11.37 -20.60 45.51
CA GLU A 40 -11.71 -21.71 44.57
C GLU A 40 -12.24 -21.11 43.26
N GLU A 41 -11.82 -21.67 42.13
CA GLU A 41 -12.40 -21.39 40.79
C GLU A 41 -12.56 -22.72 40.06
N GLY A 42 -13.80 -23.09 39.76
CA GLY A 42 -14.11 -24.37 39.10
C GLY A 42 -15.59 -24.62 39.05
N ILE A 43 -15.98 -25.89 38.94
CA ILE A 43 -17.37 -26.32 38.68
C ILE A 43 -17.83 -27.27 39.79
N LEU A 44 -18.94 -26.93 40.43
CA LEU A 44 -19.74 -27.87 41.26
C LEU A 44 -20.71 -28.59 40.34
N HIS A 45 -20.70 -29.92 40.35
CA HIS A 45 -21.65 -30.78 39.61
C HIS A 45 -22.51 -31.52 40.63
N TYR A 46 -23.72 -31.03 40.85
CA TYR A 46 -24.79 -31.65 41.67
C TYR A 46 -25.53 -32.65 40.79
N SER A 47 -25.81 -33.84 41.32
CA SER A 47 -26.59 -34.87 40.59
C SER A 47 -27.27 -35.83 41.56
N MET A 48 -28.39 -36.40 41.14
CA MET A 48 -29.03 -37.58 41.75
C MET A 48 -29.70 -38.35 40.62
N LEU A 49 -29.79 -39.67 40.76
CA LEU A 49 -30.54 -40.54 39.83
C LEU A 49 -31.95 -40.75 40.39
N LEU A 50 -32.98 -40.40 39.62
CA LEU A 50 -34.41 -40.63 39.95
C LEU A 50 -34.85 -41.93 39.28
N GLY A 51 -35.36 -42.89 40.07
CA GLY A 51 -35.80 -44.22 39.62
C GLY A 51 -37.31 -44.32 39.56
N GLU A 52 -37.85 -45.51 39.86
CA GLU A 52 -39.32 -45.77 39.91
C GLU A 52 -40.00 -44.70 40.77
N GLY A 53 -41.12 -44.16 40.27
CA GLY A 53 -41.90 -43.09 40.92
C GLY A 53 -41.36 -41.71 40.61
N ASN A 54 -40.58 -41.56 39.52
CA ASN A 54 -39.99 -40.27 39.08
C ASN A 54 -41.03 -39.46 38.28
N GLU A 55 -42.22 -40.02 38.04
CA GLU A 55 -43.31 -39.40 37.25
C GLU A 55 -44.32 -38.73 38.20
N GLY A 56 -44.85 -37.57 37.81
CA GLY A 56 -45.90 -36.83 38.55
C GLY A 56 -45.36 -36.17 39.82
N LEU A 57 -44.11 -35.71 39.79
CA LEU A 57 -43.44 -35.05 40.95
C LEU A 57 -43.25 -33.56 40.68
N LYS A 58 -43.14 -32.79 41.76
CA LYS A 58 -42.63 -31.40 41.77
C LYS A 58 -41.34 -31.38 42.60
N LEU A 59 -40.26 -30.99 41.96
CA LEU A 59 -38.89 -30.87 42.52
C LEU A 59 -38.56 -29.39 42.59
N ALA A 60 -37.75 -28.94 43.56
CA ALA A 60 -37.32 -27.53 43.61
C ALA A 60 -35.93 -27.43 44.26
N ILE A 61 -35.17 -26.42 43.87
CA ILE A 61 -33.92 -25.97 44.55
C ILE A 61 -34.21 -24.56 45.08
N ASP A 62 -34.26 -24.41 46.41
CA ASP A 62 -34.76 -23.19 47.10
C ASP A 62 -36.10 -22.82 46.46
N ASN A 63 -36.28 -21.54 46.12
CA ASN A 63 -37.47 -21.05 45.36
C ASN A 63 -37.01 -20.62 43.95
N ALA A 64 -35.82 -21.05 43.53
CA ALA A 64 -35.09 -20.56 42.33
C ALA A 64 -35.41 -21.41 41.10
N LEU A 65 -35.39 -22.72 41.24
CA LEU A 65 -35.64 -23.69 40.14
C LEU A 65 -36.73 -24.68 40.56
N THR A 66 -37.80 -24.78 39.78
CA THR A 66 -38.95 -25.68 40.02
C THR A 66 -39.13 -26.58 38.79
N LEU A 67 -39.19 -27.90 38.97
CA LEU A 67 -39.43 -28.92 37.90
C LEU A 67 -40.76 -29.63 38.16
N HIS A 68 -41.50 -29.92 37.10
CA HIS A 68 -42.67 -30.83 37.08
C HIS A 68 -42.37 -31.98 36.13
N THR A 69 -42.53 -33.23 36.60
CA THR A 69 -42.27 -34.46 35.81
C THR A 69 -43.60 -35.14 35.48
N THR A 70 -43.69 -35.65 34.25
CA THR A 70 -44.69 -36.63 33.78
C THR A 70 -43.93 -37.78 33.13
N HIS A 71 -44.65 -38.76 32.59
CA HIS A 71 -44.06 -39.91 31.85
C HIS A 71 -43.30 -39.39 30.62
N SER A 72 -43.82 -38.35 29.95
CA SER A 72 -43.36 -37.92 28.60
C SER A 72 -42.63 -36.57 28.64
N THR A 73 -42.70 -35.80 29.73
CA THR A 73 -42.09 -34.45 29.80
C THR A 73 -41.39 -34.21 31.15
N ILE A 74 -40.32 -33.41 31.11
CA ILE A 74 -39.68 -32.76 32.29
C ILE A 74 -39.71 -31.25 32.01
N ASN A 75 -40.54 -30.51 32.75
CA ASN A 75 -40.76 -29.06 32.58
C ASN A 75 -40.11 -28.34 33.76
N PHE A 76 -39.47 -27.20 33.54
CA PHE A 76 -38.89 -26.41 34.64
C PHE A 76 -39.04 -24.90 34.39
N THR A 77 -39.15 -24.16 35.48
CA THR A 77 -39.12 -22.68 35.54
C THR A 77 -37.95 -22.28 36.43
N SER A 78 -37.13 -21.33 35.97
CA SER A 78 -35.95 -20.84 36.71
C SER A 78 -36.06 -19.33 36.89
N GLU A 79 -35.63 -18.83 38.05
CA GLU A 79 -35.36 -17.40 38.26
C GLU A 79 -34.17 -17.00 37.37
N THR A 80 -34.09 -15.72 37.01
CA THR A 80 -32.97 -15.14 36.25
C THR A 80 -32.44 -13.93 37.05
N ALA A 81 -31.31 -13.38 36.65
CA ALA A 81 -30.66 -12.23 37.34
C ALA A 81 -31.62 -11.04 37.42
N GLU A 82 -32.26 -10.65 36.31
CA GLU A 82 -33.06 -9.39 36.22
C GLU A 82 -34.26 -9.52 35.27
N SER A 83 -34.35 -10.54 34.42
CA SER A 83 -35.31 -10.61 33.30
C SER A 83 -36.58 -11.37 33.72
N GLY A 84 -36.67 -11.77 34.99
CA GLY A 84 -37.83 -12.50 35.51
C GLY A 84 -37.79 -13.98 35.13
N PRO A 85 -38.80 -14.77 35.53
CA PRO A 85 -38.74 -16.22 35.39
C PRO A 85 -38.83 -16.66 33.93
N ARG A 86 -38.41 -17.89 33.70
CA ARG A 86 -38.12 -18.46 32.36
C ARG A 86 -38.43 -19.96 32.39
N SER A 87 -39.21 -20.44 31.42
CA SER A 87 -39.80 -21.81 31.43
C SER A 87 -39.38 -22.59 30.18
N TYR A 88 -39.03 -23.86 30.39
CA TYR A 88 -38.65 -24.83 29.32
C TYR A 88 -39.39 -26.14 29.54
N SER A 89 -39.77 -26.78 28.43
CA SER A 89 -40.41 -28.11 28.35
C SER A 89 -39.52 -29.05 27.54
N TYR A 90 -39.06 -30.14 28.16
CA TYR A 90 -38.25 -31.20 27.52
C TYR A 90 -39.13 -32.44 27.30
N ILE A 91 -39.30 -32.86 26.05
CA ILE A 91 -39.98 -34.14 25.70
C ILE A 91 -38.96 -35.26 25.89
N ARG A 92 -39.25 -36.18 26.83
CA ARG A 92 -38.33 -37.28 27.21
C ARG A 92 -38.05 -38.18 26.01
N LYS A 93 -36.81 -38.62 25.86
CA LYS A 93 -36.38 -39.58 24.82
C LYS A 93 -36.34 -40.99 25.42
N GLY A 94 -36.27 -41.10 26.75
CA GLY A 94 -36.25 -42.37 27.51
C GLY A 94 -37.56 -42.64 28.24
N GLU A 95 -37.67 -43.82 28.86
CA GLU A 95 -38.89 -44.31 29.57
C GLU A 95 -38.54 -44.83 30.98
N ASN A 96 -37.27 -44.76 31.40
CA ASN A 96 -36.79 -45.44 32.64
C ASN A 96 -36.15 -44.39 33.54
N ASN A 97 -35.03 -44.70 34.22
CA ASN A 97 -34.42 -43.77 35.19
C ASN A 97 -33.85 -42.56 34.44
N TRP A 98 -33.65 -41.46 35.16
CA TRP A 98 -32.92 -40.27 34.64
C TRP A 98 -32.28 -39.51 35.79
N SER A 99 -31.13 -38.90 35.53
CA SER A 99 -30.35 -38.09 36.49
C SER A 99 -30.71 -36.61 36.33
N LEU A 100 -30.97 -35.94 37.45
CA LEU A 100 -31.08 -34.47 37.55
C LEU A 100 -29.66 -33.94 37.81
N ASN A 101 -29.15 -33.13 36.89
CA ASN A 101 -27.79 -32.55 36.97
C ASN A 101 -27.90 -31.03 36.94
N TRP A 102 -27.23 -30.36 37.87
CA TRP A 102 -27.02 -28.90 37.77
C TRP A 102 -25.56 -28.57 38.10
N LEU A 103 -24.98 -27.66 37.32
CA LEU A 103 -23.60 -27.17 37.48
C LEU A 103 -23.66 -25.74 38.02
N VAL A 104 -22.88 -25.49 39.06
CA VAL A 104 -22.70 -24.15 39.67
C VAL A 104 -21.23 -23.79 39.51
N PRO A 105 -20.90 -22.77 38.70
CA PRO A 105 -19.52 -22.31 38.60
C PRO A 105 -19.17 -21.57 39.89
N VAL A 106 -17.94 -21.78 40.36
CA VAL A 106 -17.37 -21.14 41.59
C VAL A 106 -16.26 -20.19 41.17
N GLY A 107 -16.20 -19.02 41.80
CA GLY A 107 -15.12 -18.02 41.60
C GLY A 107 -15.68 -16.65 41.27
N ASP A 108 -14.99 -15.59 41.70
CA ASP A 108 -15.33 -14.18 41.37
C ASP A 108 -15.30 -13.98 39.84
N ASP A 109 -14.37 -14.63 39.14
CA ASP A 109 -14.15 -14.46 37.68
C ASP A 109 -14.88 -15.54 36.89
N ALA A 110 -15.63 -16.44 37.56
CA ALA A 110 -16.33 -17.57 36.91
C ALA A 110 -17.59 -17.08 36.21
N PRO A 111 -18.17 -17.86 35.26
CA PRO A 111 -19.36 -17.44 34.53
C PRO A 111 -20.54 -17.18 35.47
N ALA A 112 -21.54 -16.45 34.99
CA ALA A 112 -22.73 -16.00 35.76
C ALA A 112 -23.96 -16.79 35.33
N SER A 113 -23.77 -18.04 34.91
CA SER A 113 -24.87 -18.96 34.54
C SER A 113 -24.71 -20.29 35.29
N ILE A 114 -25.83 -20.92 35.59
CA ILE A 114 -25.89 -22.35 36.04
C ILE A 114 -26.26 -23.18 34.81
N LYS A 115 -25.91 -24.46 34.82
CA LYS A 115 -26.36 -25.44 33.81
C LYS A 115 -27.33 -26.41 34.46
N ILE A 116 -28.41 -26.75 33.75
CA ILE A 116 -29.36 -27.83 34.14
C ILE A 116 -29.46 -28.80 32.97
N PHE A 117 -29.36 -30.11 33.20
CA PHE A 117 -29.61 -31.11 32.15
C PHE A 117 -30.00 -32.47 32.75
N PHE A 118 -30.71 -33.25 31.94
CA PHE A 118 -31.31 -34.54 32.30
C PHE A 118 -30.67 -35.62 31.43
N LEU A 119 -30.06 -36.62 32.07
CA LEU A 119 -29.45 -37.80 31.40
C LEU A 119 -30.39 -38.98 31.60
N GLU A 120 -30.99 -39.49 30.51
CA GLU A 120 -31.96 -40.59 30.55
C GLU A 120 -31.24 -41.92 30.28
N GLN A 121 -31.59 -42.95 31.05
CA GLN A 121 -30.93 -44.27 30.95
C GLN A 121 -31.78 -45.19 30.06
N ASP A 122 -31.20 -46.28 29.57
CA ASP A 122 -31.92 -47.39 28.89
C ASP A 122 -32.61 -48.25 29.96
N ALA A 123 -33.26 -49.33 29.55
CA ALA A 123 -33.97 -50.29 30.43
C ALA A 123 -33.01 -50.88 31.48
N VAL A 124 -31.72 -51.03 31.17
CA VAL A 124 -30.72 -51.72 32.06
C VAL A 124 -29.88 -50.68 32.84
N GLY A 125 -30.34 -49.43 32.92
CA GLY A 125 -29.76 -48.39 33.81
C GLY A 125 -28.43 -47.83 33.31
N LEU A 126 -28.14 -47.86 32.01
CA LEU A 126 -26.93 -47.18 31.43
C LEU A 126 -27.34 -45.87 30.73
N ASN A 127 -26.49 -44.83 30.84
CA ASN A 127 -26.72 -43.49 30.26
C ASN A 127 -26.81 -43.60 28.74
N ARG A 128 -27.95 -43.18 28.17
CA ARG A 128 -28.29 -43.40 26.74
C ARG A 128 -28.67 -42.09 26.02
N TYR A 129 -29.40 -41.17 26.67
CA TYR A 129 -29.91 -39.94 26.01
C TYR A 129 -29.67 -38.74 26.91
N ILE A 130 -29.44 -37.57 26.33
CA ILE A 130 -29.30 -36.30 27.10
C ILE A 130 -30.34 -35.28 26.59
N SER A 131 -30.93 -34.54 27.51
CA SER A 131 -31.74 -33.33 27.23
C SER A 131 -30.84 -32.27 26.59
N PRO A 132 -31.40 -31.15 26.10
CA PRO A 132 -30.60 -29.96 25.92
C PRO A 132 -29.88 -29.66 27.25
N ILE A 133 -28.68 -29.10 27.16
CA ILE A 133 -28.02 -28.44 28.31
C ILE A 133 -28.62 -27.04 28.40
N TYR A 134 -29.36 -26.74 29.47
CA TYR A 134 -30.00 -25.42 29.71
C TYR A 134 -29.06 -24.57 30.56
N SER A 135 -28.70 -23.39 30.04
CA SER A 135 -27.84 -22.37 30.67
C SER A 135 -28.73 -21.17 31.03
N ILE A 136 -28.83 -20.86 32.33
CA ILE A 136 -29.68 -19.75 32.85
C ILE A 136 -28.75 -18.77 33.57
N GLU A 137 -28.76 -17.50 33.15
CA GLU A 137 -28.04 -16.41 33.85
C GLU A 137 -28.87 -16.00 35.08
N VAL A 138 -28.33 -16.27 36.27
CA VAL A 138 -28.99 -16.03 37.58
C VAL A 138 -28.22 -14.94 38.32
N SER A 139 -28.82 -14.40 39.39
CA SER A 139 -28.24 -13.34 40.26
C SER A 139 -26.92 -13.81 40.88
N ASN A 140 -26.02 -12.86 41.19
CA ASN A 140 -24.80 -13.12 41.99
C ASN A 140 -25.16 -13.82 43.32
N ASN A 141 -26.28 -13.45 43.95
CA ASN A 141 -26.69 -14.02 45.27
C ASN A 141 -27.02 -15.50 45.11
N LEU A 142 -27.75 -15.89 44.06
CA LEU A 142 -28.09 -17.31 43.81
C LEU A 142 -26.81 -18.11 43.47
N LEU A 143 -25.92 -17.57 42.62
CA LEU A 143 -24.63 -18.23 42.26
C LEU A 143 -23.86 -18.56 43.55
N ASN A 144 -23.81 -17.62 44.49
CA ASN A 144 -23.05 -17.77 45.76
C ASN A 144 -23.74 -18.79 46.65
N SER A 145 -25.05 -18.66 46.86
CA SER A 145 -25.86 -19.52 47.76
C SER A 145 -25.82 -20.99 47.27
N LEU A 146 -25.97 -21.23 45.97
CA LEU A 146 -26.00 -22.60 45.38
C LEU A 146 -24.64 -23.30 45.56
N ALA A 147 -23.59 -22.54 45.87
CA ALA A 147 -22.22 -23.05 46.14
C ALA A 147 -21.96 -23.17 47.65
N HIS A 148 -22.97 -22.90 48.51
CA HIS A 148 -22.87 -22.91 50.00
C HIS A 148 -23.97 -23.80 50.60
N LYS A 149 -25.21 -23.31 50.66
CA LYS A 149 -26.37 -24.04 51.21
C LYS A 149 -27.57 -23.78 50.30
N SER A 150 -28.28 -24.85 49.96
CA SER A 150 -29.58 -24.80 49.27
C SER A 150 -30.43 -25.92 49.85
N THR A 151 -31.74 -25.89 49.58
CA THR A 151 -32.69 -26.95 49.98
C THR A 151 -33.28 -27.56 48.72
N PHE A 152 -33.32 -28.89 48.68
CA PHE A 152 -34.00 -29.70 47.64
C PHE A 152 -35.38 -30.10 48.18
N TYR A 153 -36.45 -29.75 47.48
CA TYR A 153 -37.85 -30.10 47.83
C TYR A 153 -38.36 -31.14 46.82
N ILE A 154 -39.13 -32.11 47.29
CA ILE A 154 -39.79 -33.11 46.41
C ILE A 154 -41.18 -33.43 46.97
N ARG A 155 -42.16 -33.49 46.09
CA ARG A 155 -43.61 -33.62 46.41
C ARG A 155 -44.31 -34.37 45.27
N ALA A 156 -45.30 -35.19 45.60
CA ALA A 156 -46.23 -35.84 44.64
C ALA A 156 -47.51 -35.00 44.54
N PHE A 157 -48.54 -35.52 43.86
CA PHE A 157 -49.93 -34.99 43.83
C PHE A 157 -50.89 -36.16 44.05
N SER A 164 -47.20 -43.98 46.77
CA SER A 164 -46.67 -42.62 46.48
C SER A 164 -45.29 -42.43 47.13
N MET A 165 -44.23 -42.92 46.47
CA MET A 165 -42.82 -42.69 46.88
C MET A 165 -41.92 -42.66 45.64
N VAL A 166 -40.69 -42.18 45.82
CA VAL A 166 -39.71 -42.05 44.71
C VAL A 166 -38.41 -42.73 45.13
N ASN A 167 -37.80 -43.46 44.20
CA ASN A 167 -36.45 -44.09 44.33
C ASN A 167 -35.40 -43.07 43.91
N ILE A 168 -34.59 -42.59 44.88
CA ILE A 168 -33.41 -41.73 44.62
C ILE A 168 -32.15 -42.55 44.90
N SER A 169 -31.14 -42.45 44.05
CA SER A 169 -29.83 -43.12 44.22
C SER A 169 -28.71 -42.23 43.69
N SER A 170 -27.49 -42.44 44.15
CA SER A 170 -26.25 -41.77 43.70
C SER A 170 -26.38 -40.25 43.88
N ALA A 171 -27.08 -39.81 44.91
CA ALA A 171 -27.22 -38.38 45.27
C ALA A 171 -25.87 -37.89 45.77
N GLY A 172 -25.44 -36.69 45.33
CA GLY A 172 -24.21 -36.07 45.83
C GLY A 172 -23.78 -34.89 44.98
N VAL A 173 -22.53 -34.47 45.15
CA VAL A 173 -21.93 -33.33 44.43
C VAL A 173 -20.43 -33.59 44.28
N SER A 174 -19.90 -33.25 43.10
CA SER A 174 -18.47 -33.35 42.75
C SER A 174 -17.98 -31.97 42.36
N TYR A 175 -16.66 -31.81 42.33
CA TYR A 175 -15.97 -30.54 42.04
C TYR A 175 -14.77 -30.83 41.15
N VAL A 176 -14.52 -29.94 40.19
CA VAL A 176 -13.27 -29.89 39.38
C VAL A 176 -12.82 -28.42 39.32
N ALA A 177 -11.56 -28.16 39.66
CA ALA A 177 -10.95 -26.82 39.64
C ALA A 177 -10.64 -26.44 38.18
N ALA A 178 -10.88 -25.17 37.83
CA ALA A 178 -10.46 -24.56 36.55
C ALA A 178 -8.93 -24.56 36.50
N PRO A 179 -8.30 -24.83 35.33
CA PRO A 179 -6.85 -24.77 35.22
C PRO A 179 -6.35 -23.33 35.16
N GLN A 180 -5.60 -22.90 36.19
CA GLN A 180 -5.11 -21.51 36.38
C GLN A 180 -3.96 -21.19 35.40
N GLN A 181 -3.35 -22.19 34.77
CA GLN A 181 -2.23 -21.97 33.81
C GLN A 181 -2.75 -21.31 32.52
N HIS A 182 -4.03 -21.48 32.18
CA HIS A 182 -4.69 -20.87 31.00
C HIS A 182 -5.33 -19.54 31.39
N HIS A 183 -5.08 -18.47 30.64
CA HIS A 183 -5.69 -17.13 30.82
C HIS A 183 -7.23 -17.26 30.86
N ARG A 184 -7.90 -16.27 31.45
CA ARG A 184 -9.32 -16.33 31.87
C ARG A 184 -10.25 -16.59 30.67
N GLN A 185 -10.01 -15.95 29.52
CA GLN A 185 -10.90 -16.10 28.34
C GLN A 185 -10.91 -17.58 27.90
N LYS A 186 -9.74 -18.11 27.58
CA LYS A 186 -9.54 -19.53 27.18
C LYS A 186 -10.12 -20.46 28.25
N ARG A 187 -9.86 -20.17 29.52
CA ARG A 187 -10.14 -21.08 30.68
C ARG A 187 -11.60 -21.56 30.65
N TRP A 188 -12.54 -20.66 30.36
CA TRP A 188 -14.00 -20.92 30.44
C TRP A 188 -14.62 -20.94 29.03
N SER A 189 -13.79 -21.13 27.99
CA SER A 189 -14.20 -20.97 26.57
C SER A 189 -15.30 -21.97 26.19
N GLU A 190 -15.29 -23.17 26.78
CA GLU A 190 -16.23 -24.27 26.41
C GLU A 190 -17.46 -24.28 27.33
N TRP A 191 -17.61 -23.28 28.22
CA TRP A 191 -18.78 -23.19 29.13
C TRP A 191 -20.09 -23.15 28.31
N HIS A 192 -20.10 -22.50 27.15
CA HIS A 192 -21.32 -22.35 26.29
C HIS A 192 -21.23 -23.26 25.04
N THR A 193 -20.57 -24.41 25.13
CA THR A 193 -20.56 -25.42 24.03
C THR A 193 -20.93 -26.81 24.58
N GLY A 194 -21.22 -27.75 23.70
CA GLY A 194 -21.49 -29.15 24.08
C GLY A 194 -20.26 -29.81 24.71
N LYS A 195 -19.07 -29.27 24.45
CA LYS A 195 -17.79 -29.80 25.01
C LYS A 195 -17.74 -29.58 26.53
N LEU A 196 -18.69 -28.84 27.10
CA LEU A 196 -18.91 -28.75 28.56
C LEU A 196 -18.89 -30.16 29.18
N LEU A 197 -19.51 -31.13 28.53
CA LEU A 197 -19.64 -32.52 29.03
C LEU A 197 -18.25 -33.13 29.25
N CYS A 198 -17.24 -32.68 28.49
CA CYS A 198 -15.83 -33.17 28.55
C CYS A 198 -15.15 -32.70 29.85
N PHE A 199 -15.74 -31.75 30.59
CA PHE A 199 -15.25 -31.29 31.92
C PHE A 199 -15.60 -32.29 33.04
N LEU A 200 -16.61 -33.14 32.83
CA LEU A 200 -17.23 -34.01 33.86
C LEU A 200 -16.93 -35.48 33.55
N ASP A 201 -16.07 -36.10 34.35
CA ASP A 201 -15.50 -37.47 34.12
C ASP A 201 -16.56 -38.47 33.69
N PRO A 202 -17.76 -38.53 34.32
CA PRO A 202 -18.77 -39.49 33.90
C PRO A 202 -19.39 -39.32 32.50
N PHE A 203 -19.13 -38.20 31.80
CA PHE A 203 -19.81 -37.87 30.52
C PHE A 203 -18.83 -37.70 29.36
N ASP A 204 -17.52 -37.68 29.59
CA ASP A 204 -16.50 -37.50 28.51
C ASP A 204 -16.78 -38.49 27.38
N ALA A 205 -16.88 -39.77 27.72
CA ALA A 205 -17.03 -40.88 26.74
C ALA A 205 -18.42 -40.77 26.10
N PHE A 206 -19.43 -40.35 26.86
CA PHE A 206 -20.79 -40.09 26.33
C PHE A 206 -20.69 -39.08 25.17
N TYR A 207 -20.02 -37.95 25.40
CA TYR A 207 -19.77 -36.92 24.36
C TYR A 207 -19.06 -37.57 23.16
N ASN A 208 -18.00 -38.35 23.40
CA ASN A 208 -17.21 -39.00 22.32
C ASN A 208 -18.11 -39.90 21.47
N TYR A 209 -19.01 -40.67 22.09
CA TYR A 209 -19.81 -41.69 21.37
C TYR A 209 -20.97 -41.00 20.63
N VAL A 210 -21.54 -39.95 21.24
CA VAL A 210 -22.72 -39.24 20.68
C VAL A 210 -22.28 -38.30 19.55
N THR A 211 -21.12 -37.64 19.66
CA THR A 211 -20.66 -36.65 18.64
C THR A 211 -19.57 -37.23 17.72
N GLN A 212 -18.85 -38.27 18.15
CA GLN A 212 -17.66 -38.81 17.45
C GLN A 212 -16.59 -37.72 17.29
N HIS A 213 -16.55 -36.77 18.22
CA HIS A 213 -15.50 -35.73 18.34
C HIS A 213 -14.65 -36.02 19.58
N THR A 214 -13.39 -35.60 19.52
CA THR A 214 -12.39 -35.62 20.61
C THR A 214 -12.84 -34.70 21.75
N CYS A 215 -12.51 -35.08 22.99
CA CYS A 215 -12.46 -34.16 24.16
C CYS A 215 -11.04 -33.59 24.22
N ASN A 216 -10.79 -32.47 23.52
CA ASN A 216 -9.42 -31.91 23.34
C ASN A 216 -8.84 -31.64 24.73
N PRO A 217 -7.71 -32.30 25.09
CA PRO A 217 -7.20 -32.23 26.47
C PRO A 217 -6.97 -30.80 26.94
N ASP A 218 -6.30 -29.99 26.11
CA ASP A 218 -5.85 -28.61 26.45
C ASP A 218 -7.05 -27.65 26.49
N ASP A 219 -8.20 -28.00 25.92
CA ASP A 219 -9.40 -27.12 25.86
C ASP A 219 -10.48 -27.57 26.87
N THR A 220 -10.42 -28.79 27.41
CA THR A 220 -11.51 -29.38 28.23
C THR A 220 -11.04 -29.78 29.63
N TRP A 221 -9.96 -29.17 30.15
CA TRP A 221 -9.49 -29.29 31.57
C TRP A 221 -8.95 -30.70 31.87
N GLU A 222 -8.55 -31.48 30.88
CA GLU A 222 -8.11 -32.88 31.12
C GLU A 222 -6.96 -32.84 32.13
N GLY A 223 -6.99 -33.72 33.13
CA GLY A 223 -5.93 -33.79 34.16
C GLY A 223 -6.32 -33.07 35.43
N GLN A 224 -7.22 -32.08 35.36
CA GLN A 224 -7.85 -31.49 36.56
C GLN A 224 -8.54 -32.63 37.33
N ILE A 225 -8.45 -32.61 38.65
CA ILE A 225 -9.00 -33.69 39.52
C ILE A 225 -10.48 -33.43 39.75
N TYR A 226 -11.34 -34.31 39.24
CA TYR A 226 -12.81 -34.35 39.46
C TYR A 226 -13.05 -35.21 40.68
N ARG A 227 -13.47 -34.63 41.80
CA ARG A 227 -13.53 -35.31 43.13
C ARG A 227 -14.89 -35.09 43.77
N VAL A 228 -15.40 -36.11 44.45
CA VAL A 228 -16.68 -36.09 45.23
C VAL A 228 -16.46 -35.19 46.45
N LEU A 229 -17.41 -34.30 46.75
CA LEU A 229 -17.40 -33.47 47.99
C LEU A 229 -18.37 -34.05 49.02
N ALA A 230 -19.46 -34.67 48.58
CA ALA A 230 -20.54 -35.17 49.46
C ALA A 230 -21.38 -36.23 48.74
N GLY A 231 -22.06 -37.07 49.51
CA GLY A 231 -22.86 -38.21 49.02
C GLY A 231 -22.03 -39.14 48.18
N ASN A 232 -22.67 -39.93 47.33
CA ASN A 232 -22.01 -40.94 46.45
C ASN A 232 -22.51 -40.75 45.03
N PRO A 233 -22.12 -39.64 44.34
CA PRO A 233 -22.62 -39.36 43.00
C PRO A 233 -21.90 -40.26 41.98
N ALA A 234 -22.50 -40.47 40.80
CA ALA A 234 -21.86 -41.18 39.67
C ALA A 234 -20.64 -40.37 39.22
N THR A 235 -19.46 -41.01 39.20
CA THR A 235 -18.17 -40.40 38.79
C THR A 235 -17.56 -41.19 37.63
N LEU A 236 -17.86 -42.48 37.53
CA LEU A 236 -17.35 -43.37 36.46
C LEU A 236 -18.31 -43.31 35.27
N ASP A 237 -17.79 -43.59 34.08
CA ASP A 237 -18.62 -43.69 32.85
C ASP A 237 -19.51 -44.93 32.96
N THR A 238 -20.80 -44.79 32.66
CA THR A 238 -21.78 -45.91 32.53
C THR A 238 -22.62 -45.66 31.27
N THR A 239 -21.96 -45.27 30.18
CA THR A 239 -22.60 -44.98 28.86
C THR A 239 -23.01 -46.30 28.21
N ALA A 240 -24.23 -46.39 27.70
CA ALA A 240 -24.69 -47.55 26.91
C ALA A 240 -23.68 -47.79 25.79
N PRO A 241 -23.06 -48.98 25.68
CA PRO A 241 -22.09 -49.23 24.62
C PRO A 241 -22.73 -49.13 23.21
N SER A 242 -24.06 -49.30 23.10
CA SER A 242 -24.83 -49.26 21.82
C SER A 242 -25.25 -47.82 21.48
N THR A 243 -24.83 -46.82 22.25
CA THR A 243 -25.15 -45.38 21.98
C THR A 243 -24.75 -45.05 20.54
N THR A 244 -25.65 -44.44 19.78
CA THR A 244 -25.46 -44.02 18.37
C THR A 244 -25.27 -42.51 18.30
N PRO A 245 -24.70 -41.97 17.19
CA PRO A 245 -24.51 -40.53 17.04
C PRO A 245 -25.84 -39.78 17.14
N ALA A 246 -25.80 -38.58 17.73
CA ALA A 246 -26.97 -37.69 17.85
C ALA A 246 -26.45 -36.29 18.14
N VAL A 247 -27.19 -35.28 17.67
CA VAL A 247 -26.84 -33.87 17.91
C VAL A 247 -27.12 -33.59 19.39
N ILE A 248 -26.16 -33.00 20.09
CA ILE A 248 -26.36 -32.46 21.46
C ILE A 248 -26.65 -30.96 21.30
N SER A 249 -27.65 -30.46 22.02
CA SER A 249 -28.05 -29.04 22.00
C SER A 249 -27.70 -28.40 23.35
N HIS A 250 -27.22 -27.15 23.32
CA HIS A 250 -26.85 -26.33 24.49
C HIS A 250 -27.58 -24.99 24.33
N ARG A 251 -28.63 -24.78 25.12
CA ARG A 251 -29.51 -23.61 25.01
C ARG A 251 -29.02 -22.54 26.00
N ILE A 252 -28.74 -21.34 25.48
CA ILE A 252 -28.04 -20.26 26.25
C ILE A 252 -28.98 -19.05 26.33
N HIS A 253 -29.46 -18.79 27.54
CA HIS A 253 -30.24 -17.58 27.90
C HIS A 253 -29.28 -16.41 28.14
N PHE A 254 -29.57 -15.25 27.55
CA PHE A 254 -28.88 -13.97 27.82
C PHE A 254 -29.85 -13.04 28.55
N ASP A 255 -29.60 -12.86 29.85
CA ASP A 255 -30.47 -12.03 30.74
C ASP A 255 -30.54 -10.59 30.22
N ARG A 256 -29.46 -10.06 29.65
CA ARG A 256 -29.34 -8.66 29.17
C ARG A 256 -30.24 -8.41 27.94
N GLY A 257 -30.70 -9.47 27.27
CA GLY A 257 -31.58 -9.35 26.09
C GLY A 257 -30.81 -9.05 24.82
N ASN A 258 -29.50 -9.28 24.82
CA ASN A 258 -28.58 -8.90 23.72
C ASN A 258 -27.95 -10.15 23.09
N SER A 259 -28.73 -11.22 22.95
CA SER A 259 -28.25 -12.54 22.43
C SER A 259 -27.73 -12.38 21.00
N LEU A 260 -28.50 -11.76 20.10
CA LEU A 260 -28.12 -11.65 18.66
C LEU A 260 -26.81 -10.87 18.52
N ALA A 261 -26.69 -9.73 19.22
CA ALA A 261 -25.50 -8.86 19.25
C ALA A 261 -24.30 -9.63 19.83
N SER A 262 -24.50 -10.37 20.93
CA SER A 262 -23.46 -11.18 21.59
C SER A 262 -23.02 -12.34 20.67
N LEU A 263 -23.96 -13.04 20.07
CA LEU A 263 -23.68 -14.14 19.12
C LEU A 263 -22.85 -13.59 17.96
N THR A 264 -23.25 -12.45 17.42
CA THR A 264 -22.59 -11.83 16.23
C THR A 264 -21.14 -11.50 16.60
N ALA A 265 -20.92 -10.95 17.81
CA ALA A 265 -19.58 -10.55 18.30
C ALA A 265 -18.70 -11.79 18.44
N HIS A 266 -19.25 -12.88 18.96
CA HIS A 266 -18.60 -14.20 19.03
C HIS A 266 -18.14 -14.62 17.63
N GLN A 267 -18.97 -14.44 16.60
CA GLN A 267 -18.73 -15.00 15.22
C GLN A 267 -17.75 -14.10 14.45
N VAL A 268 -17.83 -12.79 14.65
CA VAL A 268 -16.96 -11.78 13.99
C VAL A 268 -15.56 -11.88 14.59
N CYS A 269 -15.48 -11.88 15.93
CA CYS A 269 -14.20 -11.68 16.67
C CYS A 269 -13.50 -13.02 16.93
N GLY A 270 -14.21 -14.14 16.82
CA GLY A 270 -13.69 -15.47 17.20
C GLY A 270 -13.40 -15.54 18.69
N ILE A 271 -14.30 -14.99 19.49
CA ILE A 271 -14.19 -14.88 20.96
C ILE A 271 -15.21 -15.86 21.52
N PRO A 272 -14.90 -16.63 22.58
CA PRO A 272 -15.89 -17.53 23.18
C PRO A 272 -17.15 -16.77 23.58
N LEU A 273 -18.32 -17.38 23.35
CA LEU A 273 -19.64 -16.76 23.66
C LEU A 273 -19.72 -16.44 25.16
N GLU A 274 -19.16 -17.29 26.04
CA GLU A 274 -19.12 -17.06 27.52
C GLU A 274 -18.52 -15.67 27.82
N SER A 275 -17.50 -15.24 27.09
CA SER A 275 -16.83 -13.92 27.30
C SER A 275 -17.81 -12.76 27.06
N LEU A 276 -18.86 -12.97 26.26
CA LEU A 276 -19.86 -11.91 25.95
C LEU A 276 -21.14 -12.10 26.77
N ALA A 277 -21.14 -13.07 27.69
CA ALA A 277 -22.27 -13.36 28.59
C ALA A 277 -22.24 -12.39 29.78
N ARG A 278 -23.23 -12.50 30.67
CA ARG A 278 -23.28 -11.74 31.95
C ARG A 278 -21.99 -12.02 32.73
N THR A 279 -21.39 -10.97 33.31
CA THR A 279 -20.21 -11.05 34.20
C THR A 279 -20.67 -10.85 35.65
N ARG A 280 -19.99 -11.47 36.61
CA ARG A 280 -20.28 -11.29 38.06
C ARG A 280 -19.88 -9.88 38.48
N HIS A 281 -18.70 -9.42 38.05
CA HIS A 281 -18.15 -8.06 38.30
C HIS A 281 -17.72 -7.47 36.96
N PRO A 282 -17.98 -6.16 36.69
CA PRO A 282 -17.62 -5.57 35.40
C PRO A 282 -16.21 -5.94 34.94
N ARG A 283 -16.12 -6.75 33.88
CA ARG A 283 -14.83 -7.14 33.24
C ARG A 283 -14.57 -6.23 32.04
N GLY A 284 -13.38 -6.35 31.46
CA GLY A 284 -12.93 -5.50 30.34
C GLY A 284 -11.67 -6.04 29.70
N TRP A 285 -11.73 -7.30 29.26
CA TRP A 285 -10.60 -8.01 28.59
C TRP A 285 -10.14 -7.17 27.40
N GLU A 286 -8.87 -7.30 27.01
CA GLU A 286 -8.26 -6.56 25.87
C GLU A 286 -9.00 -6.93 24.57
N GLU A 287 -9.40 -8.19 24.41
CA GLU A 287 -10.06 -8.71 23.19
C GLU A 287 -11.50 -8.21 23.11
N LEU A 288 -12.11 -7.89 24.26
CA LEU A 288 -13.53 -7.41 24.35
C LEU A 288 -13.60 -5.92 24.03
N ASN A 289 -12.68 -5.11 24.55
CA ASN A 289 -12.69 -3.64 24.33
C ASN A 289 -12.33 -3.34 22.86
N ASN A 290 -11.44 -4.13 22.26
CA ASN A 290 -10.91 -3.89 20.89
C ASN A 290 -11.89 -4.36 19.80
N CYS A 291 -12.57 -5.50 20.01
CA CYS A 291 -13.41 -6.16 18.97
C CYS A 291 -14.78 -6.55 19.54
N GLY A 292 -14.81 -7.31 20.64
CA GLY A 292 -16.03 -7.91 21.21
C GLY A 292 -17.14 -6.89 21.43
N TYR A 293 -16.92 -5.94 22.33
CA TYR A 293 -17.93 -4.93 22.74
C TYR A 293 -18.28 -4.05 21.56
N PRO A 294 -17.30 -3.48 20.81
CA PRO A 294 -17.62 -2.64 19.67
C PRO A 294 -18.50 -3.35 18.63
N VAL A 295 -18.24 -4.64 18.36
CA VAL A 295 -19.04 -5.40 17.36
C VAL A 295 -20.45 -5.60 17.92
N ARG A 296 -20.57 -6.02 19.18
CA ARG A 296 -21.89 -6.17 19.84
C ARG A 296 -22.62 -4.82 19.74
N ASN A 297 -21.92 -3.73 20.05
CA ASN A 297 -22.54 -2.37 20.11
C ASN A 297 -23.04 -1.98 18.71
N LEU A 298 -22.31 -2.30 17.64
CA LEU A 298 -22.74 -1.98 16.26
C LEU A 298 -24.07 -2.68 15.96
N VAL A 299 -24.23 -3.95 16.33
CA VAL A 299 -25.51 -4.70 16.11
C VAL A 299 -26.64 -3.98 16.88
N SER A 300 -26.41 -3.65 18.14
CA SER A 300 -27.39 -2.93 18.99
C SER A 300 -27.80 -1.60 18.33
N LEU A 301 -26.85 -0.82 17.84
CA LEU A 301 -27.14 0.48 17.16
C LEU A 301 -27.97 0.22 15.91
N PHE A 302 -27.65 -0.82 15.14
CA PHE A 302 -28.42 -1.16 13.91
C PHE A 302 -29.87 -1.47 14.30
N ILE A 303 -30.07 -2.24 15.36
CA ILE A 303 -31.43 -2.62 15.86
C ILE A 303 -32.18 -1.34 16.24
N LEU A 304 -31.53 -0.42 16.97
CA LEU A 304 -32.16 0.85 17.44
C LEU A 304 -32.57 1.74 16.26
N ALA A 305 -31.92 1.61 15.10
CA ALA A 305 -32.21 2.41 13.89
C ALA A 305 -33.51 1.96 13.24
N ARG A 306 -34.02 0.77 13.58
CA ARG A 306 -35.31 0.23 13.08
C ARG A 306 -35.24 0.05 11.55
N LEU A 307 -34.11 -0.41 11.03
CA LEU A 307 -33.84 -0.66 9.59
C LEU A 307 -33.99 -2.15 9.30
N SER A 308 -34.48 -2.49 8.11
CA SER A 308 -34.59 -3.88 7.61
C SER A 308 -33.19 -4.51 7.52
N TRP A 309 -33.04 -5.75 7.97
CA TRP A 309 -31.76 -6.51 7.87
C TRP A 309 -31.39 -6.75 6.39
N ASP A 310 -32.37 -6.67 5.48
CA ASP A 310 -32.17 -6.81 4.01
C ASP A 310 -31.31 -5.65 3.46
N ARG A 311 -31.18 -4.54 4.18
CA ARG A 311 -30.59 -3.31 3.62
C ARG A 311 -29.20 -3.03 4.22
N VAL A 312 -28.58 -3.98 4.92
CA VAL A 312 -27.31 -3.71 5.67
C VAL A 312 -26.27 -3.15 4.70
N GLU A 313 -26.11 -3.72 3.51
CA GLU A 313 -24.99 -3.29 2.61
C GLU A 313 -25.27 -1.87 2.09
N GLN A 314 -26.52 -1.52 1.77
CA GLN A 314 -26.90 -0.15 1.36
C GLN A 314 -26.76 0.82 2.54
N VAL A 315 -27.07 0.41 3.77
CA VAL A 315 -26.89 1.26 4.98
C VAL A 315 -25.40 1.57 5.15
N ILE A 316 -24.52 0.58 4.98
CA ILE A 316 -23.06 0.82 5.05
C ILE A 316 -22.63 1.75 3.91
N HIS A 317 -23.07 1.47 2.67
CA HIS A 317 -22.68 2.28 1.47
C HIS A 317 -23.07 3.75 1.71
N ASN A 318 -24.30 3.96 2.17
CA ASN A 318 -24.88 5.30 2.47
C ASN A 318 -24.04 5.99 3.55
N ALA A 319 -23.68 5.26 4.62
CA ALA A 319 -22.88 5.79 5.75
C ALA A 319 -21.52 6.30 5.24
N LEU A 320 -20.95 5.63 4.24
CA LEU A 320 -19.58 5.91 3.75
C LEU A 320 -19.58 7.02 2.70
N THR A 321 -20.66 7.18 1.91
CA THR A 321 -20.69 8.04 0.70
C THR A 321 -21.61 9.26 0.86
N ASN A 322 -22.62 9.18 1.74
CA ASN A 322 -23.67 10.22 1.84
C ASN A 322 -24.21 10.20 3.27
N PRO A 323 -23.33 10.35 4.29
CA PRO A 323 -23.72 10.15 5.69
C PRO A 323 -24.64 11.25 6.22
N THR A 324 -25.44 10.92 7.23
CA THR A 324 -26.15 11.90 8.09
C THR A 324 -25.19 12.32 9.21
N PRO A 325 -24.70 13.58 9.24
CA PRO A 325 -23.76 13.99 10.27
C PRO A 325 -24.38 13.88 11.68
N GLY A 326 -23.62 13.39 12.65
CA GLY A 326 -24.05 13.18 14.05
C GLY A 326 -24.92 11.95 14.26
N ASN A 327 -25.24 11.19 13.20
CA ASN A 327 -26.02 9.91 13.33
C ASN A 327 -25.09 8.82 13.88
N ALA A 328 -25.42 8.24 15.04
CA ALA A 328 -24.52 7.37 15.80
C ALA A 328 -24.20 6.10 14.97
N LEU A 329 -25.20 5.55 14.28
CA LEU A 329 -24.99 4.31 13.46
C LEU A 329 -24.03 4.63 12.31
N ASP A 330 -24.27 5.71 11.56
CA ASP A 330 -23.40 6.14 10.44
C ASP A 330 -21.97 6.32 10.95
N ASP A 331 -21.79 7.02 12.09
CA ASP A 331 -20.45 7.28 12.68
C ASP A 331 -19.80 5.95 13.10
N ALA A 332 -20.56 4.99 13.63
CA ALA A 332 -20.01 3.69 14.11
C ALA A 332 -19.53 2.88 12.90
N ILE A 333 -20.28 2.90 11.80
CA ILE A 333 -19.90 2.22 10.54
C ILE A 333 -18.62 2.88 10.01
N ARG A 334 -18.57 4.21 9.99
CA ARG A 334 -17.45 4.98 9.37
C ARG A 334 -16.15 4.70 10.12
N GLU A 335 -16.21 4.48 11.43
CA GLU A 335 -15.04 4.19 12.30
C GLU A 335 -14.33 2.90 11.83
N ALA A 336 -15.06 1.90 11.32
CA ALA A 336 -14.51 0.56 10.97
C ALA A 336 -15.41 -0.09 9.92
N PRO A 337 -15.37 0.37 8.65
CA PRO A 337 -16.35 -0.02 7.65
C PRO A 337 -16.35 -1.52 7.30
N GLU A 338 -15.16 -2.10 7.14
CA GLU A 338 -15.00 -3.52 6.75
C GLU A 338 -15.49 -4.42 7.88
N ARG A 339 -15.19 -4.07 9.13
CA ARG A 339 -15.74 -4.80 10.31
C ARG A 339 -17.28 -4.73 10.29
N ALA A 340 -17.85 -3.57 9.93
CA ALA A 340 -19.31 -3.39 9.83
C ALA A 340 -19.88 -4.33 8.76
N ARG A 341 -19.19 -4.46 7.62
CA ARG A 341 -19.63 -5.35 6.51
C ARG A 341 -19.74 -6.78 7.05
N VAL A 342 -18.67 -7.26 7.69
CA VAL A 342 -18.59 -8.65 8.22
C VAL A 342 -19.67 -8.80 9.29
N THR A 343 -19.73 -7.85 10.23
CA THR A 343 -20.68 -7.88 11.39
C THR A 343 -22.12 -7.95 10.89
N LEU A 344 -22.57 -7.00 10.08
CA LEU A 344 -24.01 -6.83 9.75
C LEU A 344 -24.46 -7.87 8.73
N THR A 345 -23.59 -8.37 7.83
CA THR A 345 -23.97 -9.43 6.86
C THR A 345 -24.08 -10.77 7.59
N LEU A 346 -23.30 -10.98 8.66
CA LEU A 346 -23.43 -12.20 9.51
C LEU A 346 -24.75 -12.13 10.28
N ALA A 347 -25.03 -11.01 10.96
CA ALA A 347 -26.26 -10.85 11.76
C ALA A 347 -27.49 -10.99 10.85
N ALA A 348 -27.47 -10.40 9.65
CA ALA A 348 -28.58 -10.44 8.68
C ALA A 348 -28.85 -11.89 8.28
N ALA A 349 -27.80 -12.68 8.05
CA ALA A 349 -27.92 -14.11 7.68
C ALA A 349 -28.53 -14.87 8.86
N GLN A 350 -28.09 -14.58 10.09
CA GLN A 350 -28.61 -15.24 11.31
C GLN A 350 -30.10 -14.92 11.47
N VAL A 351 -30.45 -13.65 11.31
CA VAL A 351 -31.87 -13.19 11.39
C VAL A 351 -32.71 -13.91 10.31
N ASN A 352 -32.22 -14.02 9.08
CA ASN A 352 -32.96 -14.68 7.97
C ASN A 352 -33.16 -16.16 8.31
N GLN A 353 -32.12 -16.84 8.81
CA GLN A 353 -32.18 -18.27 9.18
C GLN A 353 -33.22 -18.45 10.30
N PHE A 354 -33.20 -17.58 11.31
CA PHE A 354 -34.15 -17.62 12.45
C PHE A 354 -35.58 -17.49 11.92
N ASP A 355 -35.80 -16.50 11.03
CA ASP A 355 -37.13 -16.20 10.43
C ASP A 355 -37.68 -17.46 9.77
N ASN A 356 -36.84 -18.21 9.05
CA ASN A 356 -37.28 -19.37 8.23
C ASN A 356 -37.48 -20.62 9.10
N GLN A 357 -37.18 -20.58 10.40
CA GLN A 357 -37.26 -21.77 11.29
C GLN A 357 -38.69 -22.06 11.72
N ALA A 358 -39.58 -21.06 11.72
CA ALA A 358 -40.98 -21.20 12.18
C ALA A 358 -41.81 -20.02 11.67
N ALA A 359 -43.06 -20.29 11.26
CA ALA A 359 -44.04 -19.29 10.79
C ALA A 359 -44.10 -18.14 11.80
N GLY A 360 -44.14 -18.49 13.10
CA GLY A 360 -44.25 -17.54 14.22
C GLY A 360 -43.05 -16.62 14.33
N ASN A 361 -41.86 -17.09 13.94
CA ASN A 361 -40.58 -16.34 14.14
C ASN A 361 -40.65 -15.05 13.31
N THR A 362 -40.20 -13.93 13.90
CA THR A 362 -40.05 -12.62 13.21
C THR A 362 -38.61 -12.16 13.38
N PRO A 363 -38.09 -11.33 12.43
CA PRO A 363 -36.76 -10.73 12.56
C PRO A 363 -36.50 -10.14 13.94
N GLU A 364 -37.55 -9.60 14.54
CA GLU A 364 -37.46 -8.82 15.79
C GLU A 364 -37.36 -9.76 17.00
N GLN A 365 -38.02 -10.91 16.99
CA GLN A 365 -37.86 -11.95 18.06
C GLN A 365 -36.41 -12.46 18.09
N ALA A 366 -35.69 -12.41 16.97
CA ALA A 366 -34.27 -12.83 16.85
C ALA A 366 -33.38 -12.07 17.84
N GLN A 367 -33.72 -10.81 18.16
CA GLN A 367 -32.83 -9.89 18.90
C GLN A 367 -32.49 -10.48 20.27
N SER A 368 -33.45 -11.13 20.95
CA SER A 368 -33.36 -11.56 22.37
C SER A 368 -33.55 -13.09 22.52
N ALA A 369 -33.74 -13.82 21.42
CA ALA A 369 -33.91 -15.29 21.40
C ALA A 369 -32.71 -15.97 22.07
N ASP A 370 -32.94 -17.09 22.76
CA ASP A 370 -31.84 -17.94 23.28
C ASP A 370 -30.97 -18.34 22.09
N VAL A 371 -29.68 -18.53 22.34
CA VAL A 371 -28.77 -19.22 21.39
C VAL A 371 -28.89 -20.72 21.67
N VAL A 372 -29.02 -21.54 20.63
CA VAL A 372 -28.81 -23.01 20.76
C VAL A 372 -27.55 -23.38 19.99
N SER A 373 -26.51 -23.78 20.72
CA SER A 373 -25.25 -24.35 20.19
C SER A 373 -25.48 -25.85 19.93
N LEU A 374 -25.27 -26.30 18.69
CA LEU A 374 -25.47 -27.72 18.30
C LEU A 374 -24.11 -28.40 18.16
N SER A 375 -23.90 -29.46 18.93
CA SER A 375 -22.73 -30.37 18.78
C SER A 375 -23.00 -31.33 17.63
N CYS A 376 -22.64 -30.92 16.41
CA CYS A 376 -22.81 -31.72 15.18
C CYS A 376 -21.89 -32.95 15.22
N SER A 377 -22.35 -34.05 14.62
CA SER A 377 -21.64 -35.36 14.56
C SER A 377 -20.49 -35.26 13.56
N ALA A 378 -19.28 -35.68 13.94
CA ALA A 378 -18.09 -35.65 13.07
C ALA A 378 -18.42 -36.32 11.73
N GLY A 379 -18.16 -35.61 10.61
CA GLY A 379 -18.25 -36.19 9.26
C GLY A 379 -19.64 -36.08 8.65
N ALA A 380 -20.72 -36.28 9.44
CA ALA A 380 -22.11 -36.21 8.94
C ALA A 380 -22.29 -34.94 8.11
N LEU A 381 -22.88 -35.04 6.93
CA LEU A 381 -23.01 -33.92 5.97
C LEU A 381 -24.13 -32.97 6.41
N HIS A 382 -25.11 -33.47 7.17
CA HIS A 382 -26.26 -32.67 7.67
C HIS A 382 -26.27 -32.73 9.20
N CYS A 383 -26.55 -31.60 9.84
CA CYS A 383 -26.60 -31.46 11.32
C CYS A 383 -27.99 -30.93 11.68
N SER A 384 -28.98 -31.83 11.78
CA SER A 384 -30.41 -31.51 12.01
C SER A 384 -30.61 -30.92 13.40
N ALA A 385 -31.29 -29.77 13.48
CA ALA A 385 -31.67 -29.12 14.76
C ALA A 385 -32.82 -29.89 15.38
N PRO A 386 -32.80 -30.14 16.71
CA PRO A 386 -33.98 -30.65 17.40
C PRO A 386 -35.18 -29.70 17.24
N ALA A 387 -36.39 -30.27 17.17
CA ALA A 387 -37.68 -29.55 17.00
C ALA A 387 -37.80 -28.42 18.04
N ASP A 388 -37.34 -28.62 19.27
CA ASP A 388 -37.56 -27.66 20.39
C ASP A 388 -36.57 -26.48 20.31
N SER A 389 -35.70 -26.42 19.28
CA SER A 389 -34.73 -25.32 19.03
C SER A 389 -35.26 -24.29 18.01
N ALA A 390 -36.46 -24.47 17.47
CA ALA A 390 -37.04 -23.64 16.38
C ALA A 390 -37.17 -22.17 16.79
N ASN A 391 -37.25 -21.86 18.09
CA ASN A 391 -37.45 -20.49 18.62
C ASN A 391 -36.11 -19.88 19.06
N ALA A 392 -34.98 -20.47 18.64
CA ALA A 392 -33.63 -20.07 19.08
C ALA A 392 -32.74 -19.73 17.87
N LEU A 393 -31.71 -18.93 18.12
CA LEU A 393 -30.60 -18.64 17.19
C LEU A 393 -29.68 -19.88 17.17
N LEU A 394 -29.57 -20.56 16.03
CA LEU A 394 -28.78 -21.82 15.91
C LEU A 394 -27.34 -21.48 15.53
N GLU A 395 -26.37 -22.08 16.22
CA GLU A 395 -24.96 -22.11 15.81
C GLU A 395 -24.49 -23.55 15.84
N ARG A 396 -23.99 -24.04 14.71
CA ARG A 396 -23.47 -25.43 14.58
C ARG A 396 -21.99 -25.40 14.96
N GLU A 397 -21.61 -26.19 15.96
CA GLU A 397 -20.19 -26.40 16.34
C GLU A 397 -19.59 -27.37 15.32
N HIS A 398 -18.68 -26.87 14.48
CA HIS A 398 -17.77 -27.64 13.61
C HIS A 398 -16.35 -27.19 13.91
N PRO A 399 -15.34 -28.10 13.84
CA PRO A 399 -13.95 -27.66 13.92
C PRO A 399 -13.71 -26.50 12.95
N ASN A 400 -12.89 -25.54 13.34
CA ASN A 400 -12.53 -24.37 12.50
C ASN A 400 -10.99 -24.24 12.50
N GLY A 401 -10.49 -23.25 11.76
CA GLY A 401 -9.06 -22.98 11.55
C GLY A 401 -8.29 -22.93 12.86
N ALA A 402 -8.85 -22.33 13.90
CA ALA A 402 -8.19 -22.13 15.21
C ALA A 402 -7.83 -23.49 15.82
N ASN A 403 -8.58 -24.55 15.52
CA ASN A 403 -8.31 -25.91 16.03
C ASN A 403 -7.12 -26.54 15.32
N PHE A 404 -6.60 -25.94 14.23
CA PHE A 404 -5.56 -26.57 13.37
C PHE A 404 -4.29 -25.72 13.29
N LEU A 405 -4.22 -24.58 13.98
CA LEU A 405 -3.05 -23.66 13.92
C LEU A 405 -1.84 -24.32 14.59
N GLY A 406 -2.08 -25.26 15.51
CA GLY A 406 -1.01 -25.99 16.24
C GLY A 406 -0.23 -25.07 17.16
N ALA A 407 0.95 -25.53 17.58
CA ALA A 407 1.81 -24.86 18.58
C ALA A 407 2.41 -23.60 17.96
N GLY A 408 2.53 -22.53 18.75
CA GLY A 408 3.18 -21.27 18.35
C GLY A 408 2.54 -20.08 19.03
N GLU A 409 3.02 -18.88 18.70
CA GLU A 409 2.50 -17.59 19.24
C GLU A 409 1.16 -17.30 18.53
N ALA A 410 0.38 -16.37 19.08
CA ALA A 410 -0.98 -16.02 18.61
C ALA A 410 -0.91 -15.57 17.16
N VAL A 411 -1.71 -16.19 16.29
CA VAL A 411 -1.86 -15.79 14.86
C VAL A 411 -2.85 -14.62 14.82
N SER A 412 -2.49 -13.57 14.07
CA SER A 412 -3.32 -12.37 13.84
C SER A 412 -3.05 -11.85 12.42
N PHE A 413 -4.00 -11.10 11.88
CA PHE A 413 -4.01 -10.59 10.47
C PHE A 413 -3.82 -9.08 10.51
N THR A 414 -2.76 -8.60 9.85
CA THR A 414 -2.41 -7.16 9.75
C THR A 414 -2.04 -6.81 8.30
N THR A 415 -2.06 -5.52 7.96
CA THR A 415 -1.69 -5.00 6.62
C THR A 415 -0.23 -5.38 6.31
N ARG A 416 0.63 -5.40 7.34
CA ARG A 416 2.06 -5.79 7.22
C ARG A 416 2.22 -7.32 7.13
N GLY A 417 1.14 -8.09 7.28
CA GLY A 417 1.13 -9.53 7.01
C GLY A 417 0.53 -10.34 8.14
N THR A 418 0.31 -11.63 7.91
CA THR A 418 -0.12 -12.59 8.95
C THR A 418 1.03 -12.79 9.95
N ARG A 419 0.75 -12.67 11.24
CA ARG A 419 1.79 -12.79 12.31
C ARG A 419 1.89 -14.25 12.76
N ASN A 420 3.11 -14.74 12.95
CA ASN A 420 3.44 -16.06 13.57
C ASN A 420 2.92 -17.19 12.69
N TRP A 421 3.17 -17.12 11.38
CA TRP A 421 2.66 -18.11 10.41
C TRP A 421 3.73 -18.43 9.35
N SER A 422 4.65 -19.32 9.72
CA SER A 422 5.79 -19.79 8.89
C SER A 422 5.34 -20.95 7.99
N SER A 423 6.12 -21.22 6.94
CA SER A 423 5.92 -22.38 6.04
C SER A 423 5.80 -23.66 6.87
N ALA A 424 6.65 -23.81 7.89
CA ALA A 424 6.70 -25.00 8.78
C ALA A 424 5.38 -25.12 9.54
N ARG A 425 4.85 -24.03 10.07
CA ARG A 425 3.58 -24.06 10.82
C ARG A 425 2.45 -24.48 9.86
N LEU A 426 2.46 -23.97 8.62
CA LEU A 426 1.44 -24.33 7.59
C LEU A 426 1.54 -25.82 7.27
N ASN A 427 2.74 -26.35 7.02
CA ASN A 427 2.94 -27.78 6.68
C ASN A 427 2.36 -28.64 7.81
N HIS A 428 2.64 -28.28 9.07
CA HIS A 428 2.12 -29.00 10.26
C HIS A 428 0.59 -28.92 10.26
N ALA A 429 0.01 -27.75 10.01
CA ALA A 429 -1.46 -27.53 9.98
C ALA A 429 -2.07 -28.41 8.89
N HIS A 430 -1.53 -28.33 7.68
CA HIS A 430 -1.97 -29.13 6.50
C HIS A 430 -1.98 -30.60 6.86
N GLN A 431 -0.88 -31.09 7.43
CA GLN A 431 -0.71 -32.52 7.82
C GLN A 431 -1.79 -32.89 8.84
N GLN A 432 -2.07 -32.02 9.82
CA GLN A 432 -3.13 -32.28 10.84
C GLN A 432 -4.50 -32.35 10.15
N LEU A 433 -4.75 -31.49 9.15
CA LEU A 433 -6.04 -31.48 8.42
C LEU A 433 -6.20 -32.77 7.61
N ILE A 434 -5.22 -33.16 6.79
CA ILE A 434 -5.35 -34.37 5.92
C ILE A 434 -5.43 -35.62 6.81
N ALA A 435 -4.75 -35.63 7.97
CA ALA A 435 -4.83 -36.74 8.96
C ALA A 435 -6.25 -36.85 9.53
N ARG A 436 -7.02 -35.75 9.55
CA ARG A 436 -8.42 -35.73 10.03
C ARG A 436 -9.39 -35.91 8.84
N GLY A 437 -8.88 -36.18 7.64
CA GLY A 437 -9.70 -36.55 6.47
C GLY A 437 -10.17 -35.35 5.65
N TYR A 438 -9.76 -34.14 6.03
CA TYR A 438 -10.08 -32.90 5.27
C TYR A 438 -9.33 -32.88 3.94
N VAL A 439 -9.91 -32.21 2.95
CA VAL A 439 -9.38 -32.09 1.57
C VAL A 439 -9.30 -30.61 1.21
N PHE A 440 -8.16 -30.17 0.68
CA PHE A 440 -7.94 -28.79 0.16
C PHE A 440 -8.84 -28.57 -1.05
N VAL A 441 -9.60 -27.47 -1.10
CA VAL A 441 -10.51 -27.15 -2.23
C VAL A 441 -10.11 -25.82 -2.88
N GLY A 442 -9.30 -25.00 -2.21
CA GLY A 442 -8.78 -23.77 -2.83
C GLY A 442 -8.52 -22.65 -1.84
N TYR A 443 -8.22 -21.49 -2.39
CA TYR A 443 -7.83 -20.27 -1.66
C TYR A 443 -9.07 -19.39 -1.54
N HIS A 444 -9.18 -18.69 -0.43
CA HIS A 444 -10.18 -17.62 -0.19
C HIS A 444 -9.43 -16.35 0.18
N GLY A 445 -9.64 -15.27 -0.57
CA GLY A 445 -9.19 -13.92 -0.20
C GLY A 445 -10.23 -13.24 0.67
N SER A 446 -9.80 -12.61 1.76
CA SER A 446 -10.72 -11.84 2.63
C SER A 446 -10.00 -10.60 3.15
N SER A 447 -10.75 -9.71 3.77
CA SER A 447 -10.22 -8.60 4.58
C SER A 447 -9.58 -9.19 5.83
N LEU A 448 -8.81 -8.37 6.54
CA LEU A 448 -8.24 -8.72 7.87
C LEU A 448 -9.37 -9.18 8.81
N GLU A 449 -10.48 -8.46 8.85
CA GLU A 449 -11.63 -8.76 9.76
C GLU A 449 -12.37 -10.00 9.27
N GLY A 450 -12.53 -10.14 7.95
CA GLY A 450 -13.06 -11.37 7.34
C GLY A 450 -12.26 -12.59 7.73
N ALA A 451 -10.92 -12.49 7.73
CA ALA A 451 -10.01 -13.61 8.04
C ALA A 451 -10.14 -13.99 9.52
N GLN A 452 -10.13 -13.00 10.40
CA GLN A 452 -10.29 -13.19 11.87
C GLN A 452 -11.57 -14.00 12.11
N SER A 453 -12.69 -13.59 11.50
CA SER A 453 -14.02 -14.23 11.64
C SER A 453 -13.97 -15.69 11.16
N ILE A 454 -13.44 -15.92 9.97
CA ILE A 454 -13.52 -17.24 9.29
C ILE A 454 -12.60 -18.25 10.02
N VAL A 455 -11.42 -17.80 10.45
CA VAL A 455 -10.39 -18.68 11.07
C VAL A 455 -10.76 -18.97 12.54
N PHE A 456 -11.08 -17.94 13.32
CA PHE A 456 -11.27 -18.05 14.79
C PHE A 456 -12.74 -18.23 15.16
N GLY A 457 -13.68 -17.69 14.38
CA GLY A 457 -15.12 -17.87 14.61
C GLY A 457 -15.68 -19.04 13.80
N GLY A 458 -15.12 -19.27 12.61
CA GLY A 458 -15.63 -20.31 11.68
C GLY A 458 -16.27 -19.69 10.46
N ILE A 459 -16.27 -20.44 9.36
CA ILE A 459 -17.00 -20.03 8.13
C ILE A 459 -18.50 -20.13 8.43
N ARG A 460 -19.27 -19.10 8.06
CA ARG A 460 -20.75 -19.19 8.16
C ARG A 460 -21.41 -18.20 7.21
N THR A 461 -22.69 -18.43 6.95
CA THR A 461 -23.53 -17.69 5.99
C THR A 461 -23.43 -16.19 6.25
N ARG A 462 -23.21 -15.42 5.19
CA ARG A 462 -23.40 -13.95 5.17
C ARG A 462 -24.39 -13.64 4.06
N THR A 463 -25.22 -12.61 4.22
CA THR A 463 -26.00 -12.06 3.09
C THR A 463 -25.01 -11.51 2.07
N GLN A 464 -25.33 -11.70 0.79
CA GLN A 464 -24.48 -11.31 -0.37
C GLN A 464 -25.40 -10.60 -1.38
N ALA A 465 -24.92 -9.51 -1.97
CA ALA A 465 -25.61 -8.81 -3.09
C ALA A 465 -25.39 -9.62 -4.38
N LEU A 466 -26.08 -10.76 -4.52
CA LEU A 466 -26.04 -11.60 -5.73
C LEU A 466 -27.28 -12.49 -5.79
N ASP A 467 -27.50 -13.16 -6.92
CA ASP A 467 -28.69 -14.03 -7.17
C ASP A 467 -28.70 -15.14 -6.11
N ASP A 468 -29.86 -15.35 -5.48
CA ASP A 468 -30.07 -16.37 -4.43
C ASP A 468 -29.45 -17.70 -4.87
N VAL A 469 -29.55 -18.07 -6.15
CA VAL A 469 -29.22 -19.46 -6.60
C VAL A 469 -27.70 -19.69 -6.56
N TRP A 470 -26.87 -18.65 -6.62
CA TRP A 470 -25.39 -18.76 -6.70
C TRP A 470 -24.73 -18.40 -5.36
N GLN A 471 -25.50 -18.36 -4.28
CA GLN A 471 -24.99 -18.01 -2.94
C GLN A 471 -24.08 -19.12 -2.41
N GLY A 472 -23.07 -18.74 -1.64
CA GLY A 472 -22.11 -19.66 -1.01
C GLY A 472 -20.79 -18.97 -0.78
N LEU A 473 -19.80 -19.69 -0.26
CA LEU A 473 -18.43 -19.15 -0.08
C LEU A 473 -17.70 -19.24 -1.43
N TYR A 474 -17.23 -18.10 -1.95
CA TYR A 474 -16.48 -18.00 -3.23
C TYR A 474 -14.99 -18.20 -2.95
N ILE A 475 -14.43 -19.29 -3.47
CA ILE A 475 -12.97 -19.61 -3.37
C ILE A 475 -12.45 -19.84 -4.80
N SER A 476 -11.15 -20.15 -4.94
CA SER A 476 -10.57 -20.56 -6.23
C SER A 476 -9.35 -21.45 -6.00
N GLY A 477 -9.25 -22.52 -6.80
CA GLY A 477 -8.02 -23.34 -6.93
C GLY A 477 -6.84 -22.48 -7.36
N ASP A 478 -7.11 -21.39 -8.07
CA ASP A 478 -6.08 -20.45 -8.58
C ASP A 478 -5.91 -19.32 -7.56
N PRO A 479 -4.75 -19.25 -6.84
CA PRO A 479 -4.55 -18.24 -5.80
C PRO A 479 -4.61 -16.80 -6.35
N ALA A 480 -4.37 -16.61 -7.65
CA ALA A 480 -4.40 -15.30 -8.33
C ALA A 480 -5.85 -14.77 -8.37
N VAL A 481 -6.84 -15.67 -8.47
CA VAL A 481 -8.28 -15.30 -8.43
C VAL A 481 -8.61 -14.84 -6.99
N ALA A 482 -8.31 -15.69 -6.00
CA ALA A 482 -8.51 -15.41 -4.55
C ALA A 482 -7.88 -14.06 -4.18
N TYR A 483 -6.69 -13.79 -4.70
CA TYR A 483 -5.85 -12.60 -4.38
C TYR A 483 -6.65 -11.32 -4.62
N GLY A 484 -7.45 -11.28 -5.70
CA GLY A 484 -8.32 -10.13 -6.03
C GLY A 484 -9.28 -9.78 -4.90
N TYR A 485 -9.65 -10.74 -4.05
CA TYR A 485 -10.63 -10.58 -2.95
C TYR A 485 -9.91 -10.39 -1.61
N ALA A 486 -8.57 -10.47 -1.59
CA ALA A 486 -7.74 -10.42 -0.37
C ALA A 486 -7.47 -8.96 -0.02
N GLN A 487 -8.55 -8.20 0.21
CA GLN A 487 -8.52 -6.76 0.52
C GLN A 487 -9.92 -6.35 0.98
N ASP A 488 -10.08 -5.09 1.39
CA ASP A 488 -11.41 -4.55 1.80
C ASP A 488 -12.35 -4.64 0.59
N GLN A 489 -13.59 -5.04 0.83
CA GLN A 489 -14.63 -5.28 -0.20
C GLN A 489 -14.93 -3.98 -0.95
N GLU A 490 -14.97 -2.84 -0.23
CA GLU A 490 -15.22 -1.49 -0.80
C GLU A 490 -14.33 -0.50 -0.06
N PRO A 491 -14.10 0.72 -0.61
CA PRO A 491 -13.33 1.73 0.09
C PRO A 491 -14.00 2.21 1.39
N ASP A 492 -13.21 2.79 2.28
CA ASP A 492 -13.68 3.46 3.53
C ASP A 492 -14.19 4.85 3.15
N SER A 493 -14.47 5.71 4.15
CA SER A 493 -15.07 7.05 3.97
C SER A 493 -14.10 8.01 3.26
N ARG A 494 -12.78 7.74 3.31
CA ARG A 494 -11.73 8.55 2.63
C ARG A 494 -11.35 7.94 1.29
N GLY A 495 -12.03 6.89 0.84
CA GLY A 495 -11.76 6.21 -0.44
C GLY A 495 -10.57 5.25 -0.38
N ARG A 496 -10.13 4.86 0.82
CA ARG A 496 -8.92 3.99 1.01
C ARG A 496 -9.33 2.51 1.02
N ILE A 497 -8.45 1.65 0.50
CA ILE A 497 -8.58 0.16 0.57
C ILE A 497 -7.31 -0.39 1.25
N ARG A 498 -7.47 -1.24 2.27
CA ARG A 498 -6.36 -1.99 2.90
C ARG A 498 -6.25 -3.35 2.22
N ASN A 499 -5.02 -3.83 2.01
CA ASN A 499 -4.75 -5.25 1.66
C ASN A 499 -5.34 -6.12 2.77
N GLY A 500 -5.62 -7.39 2.46
CA GLY A 500 -6.19 -8.35 3.42
C GLY A 500 -5.34 -9.60 3.53
N THR A 501 -6.01 -10.74 3.56
CA THR A 501 -5.40 -12.04 3.95
C THR A 501 -5.79 -13.10 2.92
N MET A 502 -4.82 -13.91 2.50
CA MET A 502 -5.05 -15.18 1.76
C MET A 502 -5.26 -16.32 2.76
N LEU A 503 -6.34 -17.07 2.58
CA LEU A 503 -6.69 -18.26 3.40
C LEU A 503 -6.72 -19.50 2.52
N ARG A 504 -6.48 -20.66 3.13
CA ARG A 504 -6.64 -21.98 2.48
C ARG A 504 -7.91 -22.61 3.05
N VAL A 505 -8.75 -23.17 2.18
CA VAL A 505 -10.05 -23.78 2.58
C VAL A 505 -10.02 -25.28 2.30
N TYR A 506 -10.44 -26.04 3.32
CA TYR A 506 -10.46 -27.52 3.34
C TYR A 506 -11.88 -27.96 3.65
N VAL A 507 -12.41 -28.94 2.93
CA VAL A 507 -13.74 -29.55 3.25
C VAL A 507 -13.50 -30.91 3.88
N PRO A 508 -14.47 -31.41 4.67
CA PRO A 508 -14.38 -32.75 5.23
C PRO A 508 -14.42 -33.77 4.08
N GLY A 509 -13.67 -34.87 4.21
CA GLY A 509 -13.53 -35.91 3.17
C GLY A 509 -14.87 -36.55 2.84
N THR A 510 -15.83 -36.42 3.74
CA THR A 510 -17.21 -36.95 3.58
C THR A 510 -17.93 -36.23 2.42
N ALA A 511 -17.43 -35.08 1.94
CA ALA A 511 -18.09 -34.25 0.92
C ALA A 511 -17.49 -34.47 -0.49
N THR A 512 -16.53 -35.38 -0.69
CA THR A 512 -15.76 -35.47 -1.96
C THR A 512 -16.67 -35.82 -3.15
N ALA A 513 -17.76 -36.55 -2.94
CA ALA A 513 -18.72 -36.93 -4.01
C ALA A 513 -19.59 -35.73 -4.42
N TYR A 514 -19.55 -34.62 -3.67
CA TYR A 514 -20.42 -33.45 -3.88
C TYR A 514 -19.59 -32.26 -4.36
N LEU A 515 -18.33 -32.49 -4.73
CA LEU A 515 -17.44 -31.46 -5.34
C LEU A 515 -17.53 -31.57 -6.86
N TYR A 516 -18.38 -30.74 -7.46
CA TYR A 516 -18.78 -30.84 -8.89
C TYR A 516 -18.04 -29.79 -9.71
N GLU A 517 -17.96 -30.03 -11.02
CA GLU A 517 -17.36 -29.09 -11.99
C GLU A 517 -18.14 -29.08 -13.30
N THR A 518 -18.26 -27.89 -13.89
CA THR A 518 -18.97 -27.59 -15.17
C THR A 518 -18.06 -26.71 -16.01
N PRO A 519 -18.10 -26.82 -17.36
CA PRO A 519 -17.43 -25.85 -18.23
C PRO A 519 -18.18 -24.52 -18.30
N LEU A 520 -19.43 -24.48 -17.82
CA LEU A 520 -20.30 -23.28 -17.88
C LEU A 520 -19.81 -22.21 -16.90
N THR A 521 -20.17 -20.95 -17.15
CA THR A 521 -19.71 -19.79 -16.36
C THR A 521 -20.51 -19.73 -15.04
N LEU A 522 -19.82 -19.62 -13.91
CA LEU A 522 -20.48 -19.45 -12.59
C LEU A 522 -21.23 -18.11 -12.61
N ALA A 523 -22.40 -18.06 -11.95
CA ALA A 523 -23.23 -16.86 -11.75
C ALA A 523 -23.91 -16.44 -13.06
N ASP A 524 -23.85 -17.28 -14.10
CA ASP A 524 -24.48 -17.03 -15.42
C ASP A 524 -25.90 -17.62 -15.41
N PRO A 525 -26.96 -16.78 -15.50
CA PRO A 525 -28.34 -17.28 -15.53
C PRO A 525 -28.62 -18.44 -16.50
N GLU A 526 -27.84 -18.52 -17.59
CA GLU A 526 -27.98 -19.58 -18.63
C GLU A 526 -27.34 -20.89 -18.17
N ALA A 527 -26.53 -20.87 -17.10
CA ALA A 527 -25.88 -22.07 -16.52
C ALA A 527 -26.76 -22.72 -15.43
N VAL A 528 -27.85 -22.08 -15.01
CA VAL A 528 -28.62 -22.47 -13.78
C VAL A 528 -29.21 -23.88 -13.94
N ASP A 529 -29.91 -24.15 -15.03
CA ASP A 529 -30.61 -25.46 -15.22
C ASP A 529 -29.58 -26.59 -15.41
N ALA A 530 -28.48 -26.33 -16.14
CA ALA A 530 -27.40 -27.32 -16.38
C ALA A 530 -26.70 -27.68 -15.07
N VAL A 531 -26.43 -26.70 -14.20
CA VAL A 531 -25.80 -26.97 -12.87
C VAL A 531 -26.78 -27.80 -12.03
N GLY A 532 -28.07 -27.43 -12.02
CA GLY A 532 -29.14 -28.20 -11.35
C GLY A 532 -29.12 -29.67 -11.78
N HIS A 533 -29.02 -29.93 -13.07
CA HIS A 533 -28.98 -31.31 -13.64
C HIS A 533 -27.74 -32.04 -13.10
N LEU A 534 -26.59 -31.36 -13.06
CA LEU A 534 -25.30 -31.95 -12.62
C LEU A 534 -25.43 -32.40 -11.15
N ILE A 535 -25.98 -31.55 -10.27
CA ILE A 535 -25.97 -31.79 -8.79
C ILE A 535 -27.23 -32.57 -8.37
N GLY A 536 -28.15 -32.82 -9.30
CA GLY A 536 -29.36 -33.66 -9.12
C GLY A 536 -30.49 -32.95 -8.38
N HIS A 537 -30.50 -31.61 -8.37
CA HIS A 537 -31.58 -30.78 -7.79
C HIS A 537 -31.32 -29.31 -8.13
N PRO A 538 -32.36 -28.44 -8.15
CA PRO A 538 -32.14 -27.05 -8.50
C PRO A 538 -31.19 -26.35 -7.51
N LEU A 539 -30.36 -25.44 -8.02
CA LEU A 539 -29.66 -24.43 -7.19
C LEU A 539 -30.70 -23.76 -6.29
N PRO A 540 -30.33 -23.26 -5.09
CA PRO A 540 -28.93 -23.11 -4.68
C PRO A 540 -28.24 -24.39 -4.19
N LEU A 541 -26.92 -24.29 -4.02
CA LEU A 541 -26.06 -25.37 -3.49
C LEU A 541 -26.43 -25.61 -2.02
N GLN A 542 -26.51 -26.88 -1.63
CA GLN A 542 -26.69 -27.30 -0.22
C GLN A 542 -25.31 -27.75 0.29
N THR A 543 -25.13 -29.05 0.51
CA THR A 543 -23.84 -29.63 0.94
C THR A 543 -23.07 -30.03 -0.33
N GLU A 544 -23.01 -29.15 -1.34
CA GLU A 544 -22.23 -29.33 -2.59
C GLU A 544 -21.33 -28.12 -2.85
N ALA A 545 -20.38 -28.29 -3.75
CA ALA A 545 -19.59 -27.21 -4.38
C ALA A 545 -19.76 -27.32 -5.90
N ILE A 546 -19.61 -26.20 -6.59
CA ILE A 546 -19.55 -26.15 -8.08
C ILE A 546 -18.30 -25.34 -8.45
N THR A 547 -17.49 -25.91 -9.34
CA THR A 547 -16.31 -25.26 -9.96
C THR A 547 -16.63 -24.98 -11.43
N GLY A 548 -16.19 -23.83 -11.91
CA GLY A 548 -16.27 -23.45 -13.33
C GLY A 548 -15.59 -22.12 -13.61
N PRO A 549 -15.46 -21.74 -14.90
CA PRO A 549 -14.98 -20.41 -15.26
C PRO A 549 -15.72 -19.29 -14.51
N GLU A 550 -14.93 -18.38 -13.95
CA GLU A 550 -15.32 -17.15 -13.21
C GLU A 550 -16.11 -16.24 -14.18
N GLU A 551 -15.66 -16.19 -15.43
CA GLU A 551 -16.32 -15.52 -16.57
C GLU A 551 -16.02 -16.34 -17.82
N ALA A 552 -16.65 -16.01 -18.95
CA ALA A 552 -16.53 -16.75 -20.23
C ALA A 552 -15.04 -16.91 -20.59
N GLY A 553 -14.59 -18.16 -20.78
CA GLY A 553 -13.20 -18.53 -21.14
C GLY A 553 -12.20 -18.32 -20.00
N GLY A 554 -12.65 -17.79 -18.86
CA GLY A 554 -11.79 -17.24 -17.78
C GLY A 554 -11.24 -18.31 -16.85
N ARG A 555 -10.60 -17.87 -15.75
CA ARG A 555 -9.92 -18.74 -14.76
C ARG A 555 -10.98 -19.39 -13.87
N PRO A 556 -10.69 -20.57 -13.27
CA PRO A 556 -11.70 -21.27 -12.47
C PRO A 556 -11.97 -20.58 -11.13
N ALA A 557 -13.20 -20.71 -10.64
CA ALA A 557 -13.59 -20.40 -9.26
C ALA A 557 -14.48 -21.55 -8.76
N THR A 558 -14.66 -21.62 -7.44
CA THR A 558 -15.46 -22.67 -6.77
C THR A 558 -16.40 -21.95 -5.81
N ILE A 559 -17.69 -22.29 -5.83
CA ILE A 559 -18.67 -21.87 -4.79
C ILE A 559 -18.94 -23.07 -3.91
N LEU A 560 -18.65 -22.96 -2.62
CA LEU A 560 -19.13 -23.91 -1.59
C LEU A 560 -20.52 -23.47 -1.17
N GLY A 561 -21.52 -24.33 -1.32
CA GLY A 561 -22.84 -24.16 -0.71
C GLY A 561 -22.68 -23.86 0.78
N TRP A 562 -23.51 -22.98 1.33
CA TRP A 562 -23.30 -22.50 2.72
C TRP A 562 -23.28 -23.68 3.70
N GLU A 563 -24.09 -24.72 3.47
CA GLU A 563 -24.18 -25.87 4.39
C GLU A 563 -22.86 -26.65 4.39
N LEU A 564 -22.20 -26.80 3.25
CA LEU A 564 -20.83 -27.37 3.16
C LEU A 564 -19.82 -26.39 3.79
N ALA A 565 -19.93 -25.10 3.46
CA ALA A 565 -18.95 -24.05 3.87
C ALA A 565 -18.84 -24.00 5.41
N GLU A 566 -19.96 -24.13 6.12
CA GLU A 566 -20.04 -24.21 7.62
C GLU A 566 -19.11 -25.31 8.15
N GLN A 567 -18.98 -26.43 7.44
CA GLN A 567 -18.17 -27.61 7.86
C GLN A 567 -16.73 -27.48 7.36
N ALA A 568 -16.46 -26.56 6.44
CA ALA A 568 -15.10 -26.32 5.89
C ALA A 568 -14.26 -25.63 6.96
N VAL A 569 -12.94 -25.78 6.83
CA VAL A 569 -11.93 -25.13 7.71
C VAL A 569 -11.10 -24.18 6.84
N ALA A 570 -10.89 -22.97 7.31
CA ALA A 570 -9.97 -21.99 6.71
C ALA A 570 -8.77 -21.80 7.63
N ILE A 571 -7.56 -21.99 7.10
CA ILE A 571 -6.29 -21.63 7.80
C ILE A 571 -5.55 -20.62 6.94
N PRO A 572 -4.67 -19.79 7.54
CA PRO A 572 -3.93 -18.79 6.76
C PRO A 572 -3.06 -19.46 5.70
N SER A 573 -2.91 -18.79 4.55
CA SER A 573 -1.92 -19.09 3.51
C SER A 573 -0.60 -18.42 3.90
N THR A 574 0.53 -18.88 3.34
CA THR A 574 1.84 -18.19 3.45
C THR A 574 2.03 -17.29 2.24
N ILE A 575 1.05 -17.23 1.33
CA ILE A 575 1.00 -16.23 0.24
C ILE A 575 0.62 -14.89 0.87
N PRO A 576 1.56 -13.92 0.94
CA PRO A 576 1.25 -12.61 1.50
C PRO A 576 0.50 -11.73 0.48
N THR A 577 -0.31 -10.80 0.99
CA THR A 577 -0.84 -9.65 0.22
C THR A 577 0.24 -8.56 0.24
N ASP A 578 0.60 -8.04 -0.93
CA ASP A 578 1.66 -7.02 -1.09
C ASP A 578 1.04 -5.67 -0.77
N PRO A 579 1.39 -5.03 0.37
CA PRO A 579 0.82 -3.73 0.73
C PRO A 579 1.37 -2.56 -0.12
N SER A 580 2.46 -2.79 -0.88
CA SER A 580 3.02 -1.83 -1.86
C SER A 580 2.14 -1.73 -3.12
N ASN A 581 1.38 -2.77 -3.45
CA ASN A 581 0.62 -2.88 -4.73
C ASN A 581 -0.82 -3.31 -4.44
N ILE A 582 -1.51 -2.58 -3.57
CA ILE A 582 -2.95 -2.79 -3.25
C ILE A 582 -3.73 -2.66 -4.56
N GLY A 583 -4.57 -3.65 -4.88
CA GLY A 583 -5.35 -3.70 -6.14
C GLY A 583 -4.59 -4.40 -7.26
N GLY A 584 -3.33 -4.78 -7.04
CA GLY A 584 -2.46 -5.37 -8.08
C GLY A 584 -2.69 -6.87 -8.24
N ASP A 585 -2.12 -7.47 -9.28
CA ASP A 585 -2.20 -8.93 -9.58
C ASP A 585 -1.17 -9.67 -8.73
N LEU A 586 -1.49 -10.90 -8.32
CA LEU A 586 -0.58 -11.77 -7.53
C LEU A 586 0.69 -12.00 -8.35
N ASP A 587 1.85 -11.74 -7.75
CA ASP A 587 3.18 -12.17 -8.26
C ASP A 587 3.35 -13.65 -7.93
N PRO A 588 3.30 -14.57 -8.94
CA PRO A 588 3.44 -16.01 -8.68
C PRO A 588 4.78 -16.40 -8.04
N SER A 589 5.75 -15.48 -8.04
CA SER A 589 7.08 -15.62 -7.37
C SER A 589 6.94 -15.50 -5.85
N SER A 590 5.83 -14.95 -5.33
CA SER A 590 5.60 -14.75 -3.88
C SER A 590 4.91 -15.98 -3.26
N ILE A 591 4.58 -16.99 -4.07
CA ILE A 591 3.98 -18.28 -3.62
C ILE A 591 5.09 -19.23 -3.20
N PRO A 592 5.31 -19.52 -1.90
CA PRO A 592 6.36 -20.45 -1.48
C PRO A 592 6.15 -21.84 -2.10
N ASP A 593 7.23 -22.47 -2.55
CA ASP A 593 7.17 -23.83 -3.17
C ASP A 593 6.61 -24.82 -2.15
N GLU A 594 6.91 -24.64 -0.87
CA GLU A 594 6.37 -25.50 0.22
C GLU A 594 4.84 -25.42 0.22
N GLU A 595 4.24 -24.28 -0.10
CA GLU A 595 2.76 -24.15 -0.19
C GLU A 595 2.25 -24.80 -1.49
N SER A 596 2.84 -24.47 -2.65
CA SER A 596 2.49 -25.10 -3.95
C SER A 596 2.46 -26.62 -3.80
N ASP A 597 3.42 -27.19 -3.06
CA ASP A 597 3.61 -28.66 -2.87
C ASP A 597 2.41 -29.32 -2.19
N ILE A 598 1.65 -28.59 -1.35
CA ILE A 598 0.52 -29.16 -0.57
C ILE A 598 -0.82 -28.73 -1.16
N SER A 599 -0.85 -28.20 -2.39
CA SER A 599 -2.04 -27.52 -2.97
C SER A 599 -2.65 -28.29 -4.16
N ALA A 600 -2.36 -29.58 -4.31
CA ALA A 600 -3.13 -30.46 -5.23
C ALA A 600 -4.63 -30.32 -4.91
N LEU A 601 -5.45 -30.19 -5.95
CA LEU A 601 -6.91 -29.93 -5.85
C LEU A 601 -7.66 -31.24 -6.07
N PRO A 602 -8.97 -31.32 -5.74
CA PRO A 602 -9.71 -32.58 -5.87
C PRO A 602 -9.99 -32.94 -7.33
N ASP A 603 -10.37 -34.21 -7.55
CA ASP A 603 -10.94 -34.74 -8.81
C ASP A 603 -12.45 -34.46 -8.77
N ASN A 604 -12.86 -33.36 -9.40
CA ASN A 604 -14.26 -32.86 -9.32
C ASN A 604 -15.14 -33.80 -10.14
N VAL A 605 -16.41 -33.94 -9.75
CA VAL A 605 -17.43 -34.78 -10.42
C VAL A 605 -18.02 -33.94 -11.56
N THR A 606 -17.98 -34.45 -12.81
CA THR A 606 -18.35 -33.69 -14.03
C THR A 606 -19.64 -34.23 -14.63
N LYS A 607 -20.14 -35.37 -14.13
CA LYS A 607 -21.40 -36.00 -14.60
C LYS A 607 -22.27 -36.33 -13.39
N PRO A 608 -23.62 -36.28 -13.51
CA PRO A 608 -24.47 -36.54 -12.36
C PRO A 608 -24.32 -38.02 -11.92
N HIS A 609 -24.52 -38.28 -10.63
CA HIS A 609 -24.35 -39.63 -10.02
C HIS A 609 -25.39 -40.60 -10.59
N HIS A 610 -26.59 -40.11 -10.96
CA HIS A 610 -27.73 -40.93 -11.46
C HIS A 610 -28.33 -40.32 -12.74
N VAL B 2 78.28 13.12 -9.38
CA VAL B 2 79.10 13.91 -8.41
C VAL B 2 78.15 14.73 -7.53
N ASN B 3 78.39 14.71 -6.21
CA ASN B 3 77.58 15.41 -5.16
C ASN B 3 76.10 15.00 -5.24
N GLU B 4 75.80 13.79 -5.71
CA GLU B 4 74.44 13.18 -5.56
C GLU B 4 74.11 13.16 -4.06
N ALA B 5 75.05 12.66 -3.24
CA ALA B 5 74.91 12.49 -1.78
C ALA B 5 74.69 13.85 -1.10
N PHE B 6 73.78 13.90 -0.13
CA PHE B 6 73.65 14.99 0.87
C PHE B 6 73.25 14.35 2.20
N ASP B 7 73.27 15.13 3.27
CA ASP B 7 72.91 14.68 4.64
C ASP B 7 71.67 15.47 5.07
N LEU B 8 70.48 14.87 4.87
CA LEU B 8 69.17 15.53 5.11
C LEU B 8 69.09 16.05 6.55
N TRP B 9 69.50 15.23 7.51
CA TRP B 9 69.31 15.48 8.96
C TRP B 9 70.36 16.45 9.54
N GLN B 10 71.43 16.74 8.79
CA GLN B 10 72.40 17.79 9.18
C GLN B 10 72.13 19.05 8.36
N GLU B 11 72.12 18.91 7.03
CA GLU B 11 72.08 20.06 6.09
C GLU B 11 70.69 20.69 6.09
N CYS B 12 69.62 19.89 6.13
CA CYS B 12 68.21 20.37 6.02
C CYS B 12 67.50 20.27 7.37
N ALA B 13 68.26 20.11 8.47
CA ALA B 13 67.75 20.12 9.85
C ALA B 13 66.90 21.37 10.08
N THR B 14 67.45 22.55 9.74
CA THR B 14 66.77 23.86 9.86
C THR B 14 66.24 24.29 8.50
N HIS B 15 67.15 24.52 7.55
CA HIS B 15 66.82 24.94 6.16
C HIS B 15 67.98 24.62 5.21
N CYS B 16 67.66 24.09 4.02
CA CYS B 16 68.59 23.87 2.89
C CYS B 16 67.85 24.19 1.59
N GLN B 17 68.54 24.84 0.64
CA GLN B 17 68.15 24.93 -0.79
C GLN B 17 68.88 23.81 -1.53
N LEU B 18 68.21 22.70 -1.79
CA LEU B 18 68.83 21.51 -2.43
C LEU B 18 68.81 21.70 -3.95
N ASP B 19 69.99 21.64 -4.57
CA ASP B 19 70.19 21.81 -6.04
C ASP B 19 69.80 20.49 -6.72
N LEU B 20 68.88 20.55 -7.68
CA LEU B 20 68.40 19.38 -8.48
C LEU B 20 68.83 19.54 -9.95
N SER B 21 69.64 20.56 -10.25
CA SER B 21 70.14 20.95 -11.60
C SER B 21 70.90 19.80 -12.26
N GLN B 22 71.66 19.03 -11.46
CA GLN B 22 72.66 18.03 -11.92
C GLN B 22 72.16 16.60 -11.62
N GLY B 23 70.85 16.39 -11.67
CA GLY B 23 70.21 15.06 -11.49
C GLY B 23 69.90 14.73 -10.04
N ILE B 24 69.58 13.46 -9.79
CA ILE B 24 69.01 12.92 -8.52
C ILE B 24 69.92 13.27 -7.33
N ARG B 25 69.32 13.58 -6.18
CA ARG B 25 70.00 13.70 -4.87
C ARG B 25 69.50 12.60 -3.95
N SER B 26 70.36 12.10 -3.08
CA SER B 26 70.09 10.96 -2.17
C SER B 26 70.76 11.19 -0.82
N SER B 27 70.09 10.82 0.27
CA SER B 27 70.59 10.94 1.66
C SER B 27 70.28 9.67 2.43
N GLU B 28 71.29 9.06 3.02
CA GLU B 28 71.15 7.95 3.99
C GLU B 28 70.57 8.55 5.29
N LEU B 29 69.47 7.98 5.77
CA LEU B 29 68.83 8.32 7.07
C LEU B 29 69.18 7.20 8.04
N ASP B 30 70.28 7.36 8.77
CA ASP B 30 70.91 6.29 9.58
C ASP B 30 70.54 6.51 11.04
N LEU B 31 69.65 5.67 11.59
CA LEU B 31 69.18 5.73 12.99
C LEU B 31 70.09 4.88 13.89
N THR B 32 70.86 3.94 13.32
CA THR B 32 71.61 2.91 14.10
C THR B 32 72.46 3.57 15.19
N PRO B 33 73.18 4.70 14.94
CA PRO B 33 73.97 5.33 15.99
C PRO B 33 73.11 6.00 17.09
N LEU B 34 71.84 6.30 16.80
CA LEU B 34 70.96 7.18 17.62
C LEU B 34 69.85 6.38 18.31
N PHE B 35 69.61 5.13 17.93
CA PHE B 35 68.39 4.38 18.36
C PHE B 35 68.57 2.88 18.19
N GLU B 36 68.37 2.14 19.28
CA GLU B 36 68.48 0.65 19.35
C GLU B 36 67.06 0.07 19.41
N THR B 37 66.61 -0.59 18.33
CA THR B 37 65.21 -1.09 18.16
C THR B 37 64.94 -2.26 19.12
N SER B 38 65.99 -2.93 19.60
CA SER B 38 65.91 -4.04 20.59
C SER B 38 65.27 -3.54 21.88
N ASN B 39 64.22 -4.22 22.35
CA ASN B 39 63.48 -3.89 23.61
C ASN B 39 62.68 -2.60 23.47
N GLU B 40 62.70 -1.91 22.33
CA GLU B 40 61.85 -0.71 22.10
C GLU B 40 60.49 -1.13 21.53
N GLU B 41 59.43 -0.43 21.93
CA GLU B 41 58.07 -0.53 21.35
C GLU B 41 57.47 0.88 21.32
N GLY B 42 57.19 1.40 20.13
CA GLY B 42 56.61 2.74 19.96
C GLY B 42 56.55 3.16 18.51
N ILE B 43 56.52 4.47 18.27
CA ILE B 43 56.31 5.08 16.93
C ILE B 43 57.52 5.96 16.61
N LEU B 44 58.15 5.70 15.47
CA LEU B 44 59.04 6.65 14.77
C LEU B 44 58.17 7.56 13.92
N HIS B 45 58.32 8.88 14.08
CA HIS B 45 57.67 9.90 13.24
C HIS B 45 58.75 10.65 12.45
N TYR B 46 58.93 10.26 11.19
CA TYR B 46 59.80 10.95 10.21
C TYR B 46 58.99 12.10 9.58
N SER B 47 59.60 13.27 9.42
CA SER B 47 58.98 14.41 8.71
C SER B 47 60.06 15.34 8.15
N MET B 48 59.65 16.11 7.14
CA MET B 48 60.37 17.27 6.59
C MET B 48 59.32 18.18 5.95
N LEU B 49 59.55 19.50 5.98
CA LEU B 49 58.68 20.52 5.34
C LEU B 49 59.25 20.85 3.96
N LEU B 50 58.46 20.65 2.90
CA LEU B 50 58.84 20.99 1.50
C LEU B 50 58.28 22.36 1.15
N GLY B 51 59.15 23.31 0.82
CA GLY B 51 58.77 24.71 0.51
C GLY B 51 58.78 24.97 -0.98
N GLU B 52 59.16 26.19 -1.38
CA GLU B 52 59.33 26.60 -2.80
C GLU B 52 60.15 25.52 -3.52
N GLY B 53 59.66 25.05 -4.68
CA GLY B 53 60.30 24.00 -5.49
C GLY B 53 59.69 22.63 -5.28
N ASN B 54 58.64 22.51 -4.44
CA ASN B 54 58.09 21.19 -4.02
C ASN B 54 57.31 20.55 -5.18
N GLU B 55 56.85 21.36 -6.14
CA GLU B 55 56.06 20.90 -7.33
C GLU B 55 57.00 20.35 -8.41
N GLY B 56 56.58 19.29 -9.10
CA GLY B 56 57.31 18.67 -10.24
C GLY B 56 58.47 17.81 -9.79
N LEU B 57 58.38 17.20 -8.60
CA LEU B 57 59.45 16.38 -7.99
C LEU B 57 59.05 14.91 -7.99
N LYS B 58 60.05 14.03 -8.03
CA LYS B 58 59.96 12.59 -7.67
C LYS B 58 60.72 12.41 -6.35
N LEU B 59 60.02 11.91 -5.33
CA LEU B 59 60.59 11.61 -3.99
C LEU B 59 60.52 10.09 -3.81
N ALA B 60 61.37 9.52 -2.96
CA ALA B 60 61.31 8.08 -2.65
C ALA B 60 62.00 7.79 -1.32
N ILE B 61 61.51 6.77 -0.63
CA ILE B 61 62.19 6.08 0.50
C ILE B 61 62.57 4.69 0.00
N ASP B 62 63.88 4.41 -0.10
CA ASP B 62 64.46 3.21 -0.76
C ASP B 62 63.79 3.02 -2.12
N ASN B 63 63.44 1.78 -2.45
CA ASN B 63 62.65 1.39 -3.65
C ASN B 63 61.23 1.02 -3.19
N ALA B 64 60.82 1.46 -1.99
CA ALA B 64 59.61 0.98 -1.28
C ALA B 64 58.44 1.95 -1.48
N LEU B 65 58.70 3.25 -1.38
CA LEU B 65 57.64 4.31 -1.47
C LEU B 65 58.13 5.43 -2.37
N THR B 66 57.37 5.78 -3.41
CA THR B 66 57.76 6.77 -4.44
C THR B 66 56.60 7.75 -4.66
N LEU B 67 56.88 9.04 -4.52
CA LEU B 67 55.90 10.14 -4.64
C LEU B 67 56.23 10.98 -5.88
N HIS B 68 55.19 11.43 -6.57
CA HIS B 68 55.25 12.45 -7.64
C HIS B 68 54.39 13.63 -7.19
N THR B 69 54.96 14.84 -7.20
CA THR B 69 54.26 16.08 -6.80
C THR B 69 53.99 16.92 -8.04
N THR B 70 52.85 17.61 -8.07
CA THR B 70 52.50 18.70 -9.01
C THR B 70 51.89 19.83 -8.18
N HIS B 71 51.45 20.89 -8.83
CA HIS B 71 50.73 22.01 -8.18
C HIS B 71 49.49 21.46 -7.44
N SER B 72 48.72 20.59 -8.10
CA SER B 72 47.36 20.23 -7.63
C SER B 72 47.30 18.83 -7.00
N THR B 73 48.29 17.96 -7.19
CA THR B 73 48.25 16.57 -6.65
C THR B 73 49.57 16.14 -5.98
N ILE B 74 49.44 15.25 -5.00
CA ILE B 74 50.54 14.40 -4.43
C ILE B 74 50.12 12.96 -4.66
N ASN B 75 50.81 12.27 -5.59
CA ASN B 75 50.55 10.86 -5.92
C ASN B 75 51.70 10.03 -5.37
N PHE B 76 51.42 8.81 -4.92
CA PHE B 76 52.48 7.88 -4.45
C PHE B 76 52.09 6.45 -4.77
N THR B 77 53.13 5.63 -4.88
CA THR B 77 53.04 4.15 -5.01
C THR B 77 53.84 3.56 -3.86
N SER B 78 53.26 2.60 -3.14
CA SER B 78 53.94 1.86 -2.06
C SER B 78 54.00 0.38 -2.40
N GLU B 79 55.14 -0.26 -2.14
CA GLU B 79 55.24 -1.73 -2.02
C GLU B 79 54.30 -2.17 -0.88
N THR B 80 53.82 -3.40 -0.94
CA THR B 80 53.01 -4.04 0.14
C THR B 80 53.74 -5.32 0.58
N ALA B 81 53.26 -5.95 1.64
CA ALA B 81 53.83 -7.19 2.22
C ALA B 81 53.84 -8.30 1.15
N GLU B 82 52.68 -8.56 0.53
CA GLU B 82 52.52 -9.76 -0.35
C GLU B 82 51.72 -9.47 -1.62
N SER B 83 50.97 -8.38 -1.72
CA SER B 83 49.96 -8.15 -2.79
C SER B 83 50.49 -7.22 -3.90
N GLY B 84 51.78 -6.91 -3.91
CA GLY B 84 52.37 -5.98 -4.90
C GLY B 84 51.94 -4.53 -4.67
N PRO B 85 52.35 -3.59 -5.54
CA PRO B 85 52.24 -2.15 -5.26
C PRO B 85 50.82 -1.56 -5.33
N ARG B 86 50.58 -0.56 -4.48
CA ARG B 86 49.33 0.24 -4.41
C ARG B 86 49.66 1.68 -4.72
N SER B 87 48.74 2.36 -5.40
CA SER B 87 48.86 3.76 -5.86
C SER B 87 47.66 4.56 -5.36
N TYR B 88 47.92 5.78 -4.87
CA TYR B 88 46.88 6.73 -4.40
C TYR B 88 47.22 8.10 -4.98
N SER B 89 46.17 8.87 -5.29
CA SER B 89 46.26 10.27 -5.77
C SER B 89 45.59 11.19 -4.74
N TYR B 90 46.35 12.11 -4.16
CA TYR B 90 45.82 13.15 -3.24
C TYR B 90 45.67 14.47 -4.01
N ILE B 91 44.46 15.04 -4.00
CA ILE B 91 44.20 16.42 -4.54
C ILE B 91 44.46 17.42 -3.41
N ARG B 92 45.46 18.28 -3.60
CA ARG B 92 45.94 19.24 -2.58
C ARG B 92 44.82 20.20 -2.18
N LYS B 93 44.68 20.47 -0.89
CA LYS B 93 43.73 21.46 -0.34
C LYS B 93 44.43 22.81 -0.21
N GLY B 94 45.78 22.82 -0.19
CA GLY B 94 46.62 24.03 -0.03
C GLY B 94 47.40 24.36 -1.28
N GLU B 95 48.17 25.45 -1.25
CA GLU B 95 48.92 25.99 -2.43
C GLU B 95 50.33 26.39 -2.04
N ASN B 96 50.77 26.12 -0.82
CA ASN B 96 52.05 26.64 -0.27
C ASN B 96 52.87 25.44 0.24
N ASN B 97 53.54 25.59 1.38
CA ASN B 97 54.42 24.52 1.92
C ASN B 97 53.57 23.32 2.34
N TRP B 98 54.17 22.13 2.34
CA TRP B 98 53.55 20.93 2.94
C TRP B 98 54.63 19.98 3.46
N SER B 99 54.34 19.30 4.56
CA SER B 99 55.25 18.33 5.20
C SER B 99 54.90 16.93 4.72
N LEU B 100 55.94 16.18 4.37
CA LEU B 100 55.87 14.71 4.14
C LEU B 100 56.05 14.08 5.51
N ASN B 101 55.09 13.29 5.98
CA ASN B 101 55.16 12.56 7.28
C ASN B 101 55.01 11.06 7.01
N TRP B 102 55.89 10.26 7.61
CA TRP B 102 55.66 8.80 7.67
C TRP B 102 55.97 8.29 9.07
N LEU B 103 55.14 7.35 9.51
CA LEU B 103 55.20 6.70 10.84
C LEU B 103 55.61 5.25 10.66
N VAL B 104 56.64 4.83 11.40
CA VAL B 104 57.17 3.45 11.40
C VAL B 104 57.04 2.91 12.81
N PRO B 105 56.12 1.96 13.04
CA PRO B 105 55.96 1.36 14.35
C PRO B 105 57.17 0.44 14.63
N VAL B 106 57.57 0.39 15.90
CA VAL B 106 58.77 -0.37 16.37
C VAL B 106 58.28 -1.38 17.40
N GLY B 107 58.79 -2.61 17.34
CA GLY B 107 58.54 -3.68 18.32
C GLY B 107 58.00 -4.93 17.66
N ASP B 108 58.34 -6.11 18.17
CA ASP B 108 57.90 -7.42 17.62
C ASP B 108 56.37 -7.51 17.66
N ASP B 109 55.74 -6.90 18.67
CA ASP B 109 54.27 -6.95 18.88
C ASP B 109 53.60 -5.71 18.29
N ALA B 110 54.33 -4.81 17.64
CA ALA B 110 53.78 -3.56 17.07
C ALA B 110 53.04 -3.87 15.76
N PRO B 111 52.14 -2.96 15.31
CA PRO B 111 51.43 -3.12 14.04
C PRO B 111 52.36 -3.31 12.83
N ALA B 112 51.84 -3.93 11.77
CA ALA B 112 52.57 -4.32 10.55
C ALA B 112 52.20 -3.38 9.41
N SER B 113 51.96 -2.10 9.71
CA SER B 113 51.67 -1.05 8.69
C SER B 113 52.49 0.21 8.99
N ILE B 114 52.82 0.94 7.92
CA ILE B 114 53.40 2.31 8.00
C ILE B 114 52.26 3.28 7.68
N LYS B 115 52.38 4.52 8.18
CA LYS B 115 51.44 5.63 7.88
C LYS B 115 52.17 6.66 7.03
N ILE B 116 51.49 7.20 6.03
CA ILE B 116 51.97 8.33 5.20
C ILE B 116 50.88 9.38 5.20
N PHE B 117 51.23 10.65 5.42
CA PHE B 117 50.27 11.77 5.34
C PHE B 117 51.00 13.08 5.09
N PHE B 118 50.26 14.03 4.52
CA PHE B 118 50.74 15.33 4.01
C PHE B 118 49.96 16.41 4.77
N LEU B 119 50.66 17.23 5.54
CA LEU B 119 50.05 18.38 6.26
C LEU B 119 50.36 19.63 5.44
N GLU B 120 49.34 20.29 4.91
CA GLU B 120 49.46 21.48 4.04
C GLU B 120 49.33 22.74 4.89
N GLN B 121 50.25 23.68 4.71
CA GLN B 121 50.27 24.96 5.47
C GLN B 121 49.47 26.00 4.68
N ASP B 122 48.98 27.03 5.37
CA ASP B 122 48.38 28.24 4.74
C ASP B 122 49.54 29.12 4.24
N ALA B 123 49.23 30.29 3.67
CA ALA B 123 50.21 31.24 3.07
C ALA B 123 51.21 31.75 4.13
N VAL B 124 50.84 31.71 5.42
CA VAL B 124 51.67 32.23 6.55
C VAL B 124 52.52 31.09 7.16
N GLY B 125 52.44 29.87 6.62
CA GLY B 125 53.31 28.74 7.03
C GLY B 125 52.81 28.05 8.29
N LEU B 126 51.51 28.11 8.55
CA LEU B 126 50.85 27.38 9.67
C LEU B 126 50.06 26.20 9.10
N ASN B 127 50.12 25.06 9.77
CA ASN B 127 49.38 23.81 9.42
C ASN B 127 47.87 24.09 9.38
N ARG B 128 47.23 23.84 8.23
CA ARG B 128 45.83 24.22 7.95
C ARG B 128 44.98 23.02 7.47
N TYR B 129 45.53 22.15 6.62
CA TYR B 129 44.81 21.01 5.99
C TYR B 129 45.62 19.73 6.16
N ILE B 130 44.96 18.59 6.29
CA ILE B 130 45.62 17.25 6.28
C ILE B 130 45.04 16.41 5.13
N SER B 131 45.91 15.67 4.45
CA SER B 131 45.54 14.59 3.50
C SER B 131 44.84 13.47 4.26
N PRO B 132 44.32 12.44 3.58
CA PRO B 132 43.99 11.21 4.28
C PRO B 132 45.27 10.72 4.96
N ILE B 133 45.14 10.06 6.10
CA ILE B 133 46.22 9.21 6.67
C ILE B 133 46.19 7.88 5.91
N TYR B 134 47.26 7.57 5.19
CA TYR B 134 47.36 6.32 4.39
C TYR B 134 48.09 5.28 5.23
N SER B 135 47.44 4.13 5.42
CA SER B 135 47.98 2.98 6.17
C SER B 135 48.28 1.84 5.18
N ILE B 136 49.56 1.48 5.03
CA ILE B 136 50.02 0.43 4.07
C ILE B 136 50.64 -0.72 4.88
N GLU B 137 50.10 -1.92 4.73
CA GLU B 137 50.70 -3.16 5.31
C GLU B 137 51.90 -3.58 4.45
N VAL B 138 53.09 -3.47 5.03
CA VAL B 138 54.39 -3.76 4.33
C VAL B 138 55.04 -4.96 5.02
N SER B 139 56.10 -5.49 4.41
CA SER B 139 56.81 -6.71 4.87
C SER B 139 57.52 -6.42 6.19
N ASN B 140 57.73 -7.45 7.02
CA ASN B 140 58.53 -7.38 8.27
C ASN B 140 59.92 -6.81 7.96
N ASN B 141 60.53 -7.22 6.84
CA ASN B 141 61.87 -6.74 6.41
C ASN B 141 61.84 -5.22 6.24
N LEU B 142 60.85 -4.67 5.54
CA LEU B 142 60.74 -3.19 5.35
C LEU B 142 60.47 -2.49 6.69
N LEU B 143 59.62 -3.07 7.56
CA LEU B 143 59.28 -2.48 8.88
C LEU B 143 60.57 -2.34 9.70
N ASN B 144 61.37 -3.40 9.77
CA ASN B 144 62.67 -3.43 10.49
C ASN B 144 63.64 -2.45 9.82
N SER B 145 63.71 -2.49 8.50
CA SER B 145 64.61 -1.68 7.63
C SER B 145 64.36 -0.17 7.83
N LEU B 146 63.09 0.27 7.81
CA LEU B 146 62.70 1.71 7.93
C LEU B 146 62.97 2.24 9.34
N ALA B 147 63.25 1.37 10.33
CA ALA B 147 63.56 1.72 11.72
C ALA B 147 65.07 1.66 11.99
N HIS B 148 65.90 1.45 10.95
CA HIS B 148 67.38 1.34 11.06
C HIS B 148 68.05 2.31 10.10
N LYS B 149 67.93 2.04 8.81
CA LYS B 149 68.66 2.70 7.71
C LYS B 149 67.75 2.69 6.49
N SER B 150 67.50 3.86 5.92
CA SER B 150 66.78 4.03 4.63
C SER B 150 67.43 5.19 3.88
N THR B 151 67.22 5.26 2.56
CA THR B 151 67.72 6.35 1.71
C THR B 151 66.53 7.16 1.21
N PHE B 152 66.59 8.48 1.41
CA PHE B 152 65.63 9.44 0.83
C PHE B 152 66.19 9.92 -0.52
N TYR B 153 65.40 9.78 -1.59
CA TYR B 153 65.76 10.21 -2.96
C TYR B 153 64.87 11.38 -3.37
N ILE B 154 65.45 12.40 -4.00
CA ILE B 154 64.69 13.56 -4.52
C ILE B 154 65.29 13.99 -5.86
N ARG B 155 64.43 14.22 -6.84
CA ARG B 155 64.81 14.45 -8.26
C ARG B 155 63.76 15.35 -8.90
N ALA B 156 64.19 16.34 -9.68
CA ALA B 156 63.30 17.12 -10.59
C ALA B 156 62.85 16.20 -11.72
N PHE B 157 61.61 16.33 -12.18
CA PHE B 157 60.94 15.41 -13.13
C PHE B 157 59.93 16.19 -13.97
N SER B 164 66.27 25.09 -10.98
CA SER B 164 65.69 23.79 -10.55
C SER B 164 66.26 23.37 -9.19
N MET B 165 65.70 23.91 -8.11
CA MET B 165 66.10 23.61 -6.71
C MET B 165 64.85 23.46 -5.84
N VAL B 166 65.00 22.89 -4.64
CA VAL B 166 63.88 22.69 -3.68
C VAL B 166 64.32 23.15 -2.28
N ASN B 167 63.43 23.83 -1.56
CA ASN B 167 63.62 24.26 -0.15
C ASN B 167 63.08 23.16 0.77
N ILE B 168 63.94 22.65 1.65
CA ILE B 168 63.59 21.66 2.71
C ILE B 168 64.00 22.24 4.06
N SER B 169 63.13 22.12 5.06
CA SER B 169 63.32 22.69 6.43
C SER B 169 62.73 21.73 7.46
N SER B 170 63.21 21.79 8.70
CA SER B 170 62.76 20.95 9.84
C SER B 170 62.80 19.47 9.48
N ALA B 171 63.79 19.01 8.71
CA ALA B 171 64.01 17.57 8.43
C ALA B 171 64.44 16.88 9.73
N GLY B 172 63.89 15.69 10.00
CA GLY B 172 64.32 14.86 11.13
C GLY B 172 63.33 13.78 11.47
N VAL B 173 63.49 13.22 12.66
CA VAL B 173 62.69 12.06 13.11
C VAL B 173 62.57 12.17 14.63
N SER B 174 61.36 11.92 15.14
CA SER B 174 61.06 11.84 16.58
C SER B 174 60.55 10.44 16.90
N TYR B 175 60.55 10.10 18.18
CA TYR B 175 60.09 8.79 18.71
C TYR B 175 59.25 9.01 19.96
N VAL B 176 58.20 8.20 20.12
CA VAL B 176 57.44 8.06 21.39
C VAL B 176 57.20 6.57 21.66
N ALA B 177 57.46 6.14 22.88
CA ALA B 177 57.33 4.74 23.35
C ALA B 177 55.86 4.44 23.66
N ALA B 178 55.38 3.26 23.29
CA ALA B 178 54.03 2.76 23.64
C ALA B 178 53.98 2.57 25.16
N PRO B 179 52.84 2.85 25.82
CA PRO B 179 52.72 2.61 27.26
C PRO B 179 52.60 1.12 27.60
N GLN B 180 53.56 0.58 28.34
CA GLN B 180 53.62 -0.86 28.68
C GLN B 180 52.60 -1.20 29.78
N GLN B 181 52.03 -0.22 30.48
CA GLN B 181 51.04 -0.47 31.56
C GLN B 181 49.71 -0.95 30.94
N HIS B 182 49.41 -0.54 29.71
CA HIS B 182 48.21 -1.00 28.95
C HIS B 182 48.54 -2.31 28.23
N HIS B 183 47.62 -3.27 28.27
CA HIS B 183 47.72 -4.55 27.51
C HIS B 183 47.77 -4.28 25.99
N ARG B 184 48.35 -5.21 25.24
CA ARG B 184 48.73 -5.06 23.80
C ARG B 184 47.54 -4.57 22.96
N GLN B 185 46.35 -5.14 23.12
CA GLN B 185 45.16 -4.77 22.32
C GLN B 185 44.87 -3.28 22.51
N LYS B 186 44.66 -2.85 23.77
CA LYS B 186 44.31 -1.45 24.11
C LYS B 186 45.42 -0.51 23.62
N ARG B 187 46.66 -0.91 23.83
CA ARG B 187 47.90 -0.10 23.62
C ARG B 187 47.92 0.48 22.20
N TRP B 188 47.58 -0.33 21.19
CA TRP B 188 47.63 0.10 19.78
C TRP B 188 46.23 0.30 19.20
N SER B 189 45.21 0.45 20.04
CA SER B 189 43.78 0.50 19.61
C SER B 189 43.54 1.66 18.64
N GLU B 190 44.21 2.81 18.80
CA GLU B 190 43.95 4.01 17.98
C GLU B 190 44.83 4.05 16.73
N TRP B 191 45.57 2.98 16.44
CA TRP B 191 46.52 2.96 15.29
C TRP B 191 45.74 3.13 13.98
N HIS B 192 44.50 2.63 13.90
CA HIS B 192 43.65 2.67 12.68
C HIS B 192 42.50 3.68 12.83
N THR B 193 42.69 4.76 13.59
CA THR B 193 41.67 5.83 13.76
C THR B 193 42.34 7.20 13.55
N GLY B 194 41.53 8.25 13.42
CA GLY B 194 42.03 9.64 13.30
C GLY B 194 42.76 10.09 14.55
N LYS B 195 42.47 9.43 15.69
CA LYS B 195 43.04 9.75 17.03
C LYS B 195 44.54 9.41 17.05
N LEU B 196 45.03 8.71 16.03
CA LEU B 196 46.49 8.50 15.79
C LEU B 196 47.23 9.84 15.93
N LEU B 197 46.63 10.93 15.44
CA LEU B 197 47.26 12.28 15.45
C LEU B 197 47.54 12.71 16.90
N CYS B 198 46.72 12.25 17.86
CA CYS B 198 46.86 12.56 19.31
C CYS B 198 48.13 11.93 19.90
N PHE B 199 48.74 10.96 19.22
CA PHE B 199 50.01 10.31 19.64
C PHE B 199 51.19 11.25 19.39
N LEU B 200 51.04 12.23 18.48
CA LEU B 200 52.16 13.02 17.91
C LEU B 200 52.06 14.47 18.39
N ASP B 201 52.98 14.88 19.28
CA ASP B 201 52.90 16.18 20.02
C ASP B 201 52.55 17.34 19.11
N PRO B 202 53.14 17.51 17.90
CA PRO B 202 52.78 18.64 17.04
C PRO B 202 51.35 18.66 16.46
N PHE B 203 50.58 17.57 16.60
CA PHE B 203 49.27 17.40 15.92
C PHE B 203 48.10 17.25 16.89
N ASP B 204 48.31 17.11 18.21
CA ASP B 204 47.17 16.94 19.16
C ASP B 204 46.20 18.10 18.99
N ALA B 205 46.71 19.33 19.03
CA ALA B 205 45.89 20.57 18.93
C ALA B 205 45.18 20.60 17.58
N PHE B 206 45.89 20.22 16.51
CA PHE B 206 45.31 20.09 15.15
C PHE B 206 44.07 19.19 15.20
N TYR B 207 44.19 18.01 15.82
CA TYR B 207 43.07 17.05 15.96
C TYR B 207 41.93 17.73 16.73
N ASN B 208 42.25 18.46 17.80
CA ASN B 208 41.22 19.12 18.67
C ASN B 208 40.43 20.15 17.86
N TYR B 209 41.09 20.96 17.03
CA TYR B 209 40.45 22.07 16.29
C TYR B 209 39.64 21.53 15.10
N VAL B 210 40.14 20.48 14.45
CA VAL B 210 39.51 19.93 13.22
C VAL B 210 38.30 19.07 13.58
N THR B 211 38.35 18.33 14.70
CA THR B 211 37.29 17.37 15.10
C THR B 211 36.41 17.91 16.24
N GLN B 212 36.93 18.84 17.04
CA GLN B 212 36.27 19.33 18.29
C GLN B 212 36.07 18.16 19.26
N HIS B 213 36.90 17.13 19.15
CA HIS B 213 36.94 15.99 20.11
C HIS B 213 38.20 16.08 20.96
N THR B 214 38.14 15.51 22.17
CA THR B 214 39.27 15.34 23.11
C THR B 214 40.26 14.33 22.52
N CYS B 215 41.55 14.53 22.83
CA CYS B 215 42.58 13.46 22.81
C CYS B 215 42.56 12.76 24.17
N ASN B 216 41.72 11.73 24.31
CA ASN B 216 41.51 11.02 25.60
C ASN B 216 42.88 10.60 26.13
N PRO B 217 43.29 11.12 27.31
CA PRO B 217 44.61 10.82 27.87
C PRO B 217 44.99 9.33 27.83
N ASP B 218 44.10 8.47 28.33
CA ASP B 218 44.36 7.03 28.58
C ASP B 218 44.37 6.22 27.28
N ASP B 219 43.81 6.76 26.20
CA ASP B 219 43.72 6.07 24.88
C ASP B 219 44.85 6.53 23.95
N THR B 220 45.44 7.72 24.15
CA THR B 220 46.33 8.35 23.15
C THR B 220 47.73 8.62 23.72
N TRP B 221 48.18 7.83 24.70
CA TRP B 221 49.59 7.75 25.19
C TRP B 221 50.00 9.06 25.86
N GLU B 222 49.04 9.85 26.34
CA GLU B 222 49.37 11.16 26.98
C GLU B 222 50.36 10.91 28.13
N GLY B 223 51.45 11.66 28.19
CA GLY B 223 52.48 11.51 29.24
C GLY B 223 53.69 10.75 28.72
N GLN B 224 53.56 9.99 27.63
CA GLN B 224 54.70 9.32 26.97
C GLN B 224 55.60 10.40 26.38
N ILE B 225 56.92 10.23 26.45
CA ILE B 225 57.92 11.25 26.02
C ILE B 225 58.09 11.15 24.51
N TYR B 226 57.60 12.16 23.78
CA TYR B 226 57.81 12.35 22.33
C TYR B 226 59.12 13.15 22.19
N ARG B 227 60.21 12.51 21.75
CA ARG B 227 61.59 13.07 21.77
C ARG B 227 62.18 13.01 20.36
N VAL B 228 62.99 14.03 20.03
CA VAL B 228 63.72 14.16 18.73
C VAL B 228 64.89 13.17 18.77
N LEU B 229 65.06 12.36 17.72
CA LEU B 229 66.19 11.39 17.60
C LEU B 229 67.29 11.98 16.71
N ALA B 230 66.91 12.73 15.68
CA ALA B 230 67.85 13.29 14.69
C ALA B 230 67.20 14.48 13.99
N GLY B 231 68.04 15.34 13.39
CA GLY B 231 67.63 16.57 12.71
C GLY B 231 66.91 17.50 13.67
N ASN B 232 66.09 18.40 13.13
CA ASN B 232 65.34 19.41 13.90
C ASN B 232 63.90 19.41 13.44
N PRO B 233 63.15 18.31 13.69
CA PRO B 233 61.78 18.20 13.17
C PRO B 233 60.82 19.09 13.97
N ALA B 234 59.71 19.50 13.34
CA ALA B 234 58.58 20.18 14.01
C ALA B 234 58.10 19.30 15.16
N THR B 235 58.12 19.83 16.40
CA THR B 235 57.60 19.15 17.61
C THR B 235 56.47 19.97 18.27
N LEU B 236 56.49 21.29 18.10
CA LEU B 236 55.49 22.21 18.69
C LEU B 236 54.28 22.27 17.77
N ASP B 237 53.09 22.49 18.34
CA ASP B 237 51.87 22.88 17.58
C ASP B 237 52.17 24.16 16.80
N THR B 238 51.94 24.16 15.48
CA THR B 238 51.93 25.38 14.64
C THR B 238 50.67 25.39 13.77
N THR B 239 49.53 25.00 14.35
CA THR B 239 48.21 24.96 13.67
C THR B 239 47.70 26.39 13.44
N ALA B 240 47.20 26.68 12.25
CA ALA B 240 46.48 27.95 11.94
C ALA B 240 45.40 28.13 13.00
N PRO B 241 45.47 29.18 13.83
CA PRO B 241 44.48 29.36 14.89
C PRO B 241 43.04 29.55 14.37
N SER B 242 42.86 29.88 13.08
CA SER B 242 41.53 30.05 12.41
C SER B 242 40.96 28.73 11.90
N THR B 243 41.69 27.61 12.03
CA THR B 243 41.31 26.27 11.51
C THR B 243 39.87 25.94 11.90
N THR B 244 39.04 25.61 10.91
CA THR B 244 37.60 25.21 11.03
C THR B 244 37.48 23.69 11.10
N PRO B 245 36.36 23.15 11.62
CA PRO B 245 36.13 21.72 11.68
C PRO B 245 36.11 21.11 10.27
N ALA B 246 36.64 19.89 10.15
CA ALA B 246 36.72 19.12 8.88
C ALA B 246 36.87 17.63 9.23
N VAL B 247 36.29 16.76 8.42
CA VAL B 247 36.40 15.29 8.57
C VAL B 247 37.85 14.89 8.26
N ILE B 248 38.51 14.18 9.18
CA ILE B 248 39.81 13.52 8.91
C ILE B 248 39.48 12.12 8.38
N SER B 249 40.07 11.73 7.25
CA SER B 249 39.94 10.36 6.70
C SER B 249 41.24 9.60 6.96
N HIS B 250 41.11 8.32 7.29
CA HIS B 250 42.22 7.38 7.55
C HIS B 250 41.96 6.15 6.70
N ARG B 251 42.74 5.98 5.63
CA ARG B 251 42.54 4.89 4.65
C ARG B 251 43.44 3.72 5.03
N ILE B 252 42.83 2.55 5.24
CA ILE B 252 43.51 1.35 5.81
C ILE B 252 43.50 0.23 4.76
N HIS B 253 44.68 -0.09 4.24
CA HIS B 253 44.96 -1.21 3.32
C HIS B 253 45.09 -2.50 4.13
N PHE B 254 44.40 -3.56 3.72
CA PHE B 254 44.53 -4.94 4.30
C PHE B 254 45.19 -5.83 3.26
N ASP B 255 46.47 -6.15 3.46
CA ASP B 255 47.30 -6.89 2.49
C ASP B 255 46.68 -8.26 2.19
N ARG B 256 46.00 -8.85 3.18
CA ARG B 256 45.45 -10.23 3.10
C ARG B 256 44.21 -10.26 2.20
N GLY B 257 43.62 -9.12 1.89
CA GLY B 257 42.43 -9.06 1.00
C GLY B 257 41.14 -9.37 1.73
N ASN B 258 41.13 -9.29 3.07
CA ASN B 258 39.97 -9.65 3.93
C ASN B 258 39.47 -8.40 4.68
N SER B 259 39.42 -7.25 4.02
CA SER B 259 39.02 -5.95 4.61
C SER B 259 37.56 -6.00 5.13
N LEU B 260 36.60 -6.44 4.31
CA LEU B 260 35.16 -6.48 4.70
C LEU B 260 34.98 -7.40 5.92
N ALA B 261 35.60 -8.57 5.88
CA ALA B 261 35.55 -9.59 6.96
C ALA B 261 36.14 -9.01 8.25
N SER B 262 37.26 -8.30 8.17
CA SER B 262 37.96 -7.67 9.31
C SER B 262 37.15 -6.48 9.85
N LEU B 263 36.65 -5.61 8.98
CA LEU B 263 35.75 -4.48 9.36
C LEU B 263 34.55 -5.04 10.12
N THR B 264 33.91 -6.08 9.60
CA THR B 264 32.70 -6.67 10.20
C THR B 264 33.05 -7.18 11.61
N ALA B 265 34.15 -7.91 11.75
CA ALA B 265 34.58 -8.50 13.04
C ALA B 265 34.84 -7.38 14.04
N HIS B 266 35.40 -6.26 13.58
CA HIS B 266 35.63 -5.03 14.40
C HIS B 266 34.28 -4.50 14.91
N GLN B 267 33.27 -4.42 14.04
CA GLN B 267 31.92 -3.87 14.36
C GLN B 267 31.13 -4.83 15.25
N VAL B 268 31.21 -6.15 15.02
CA VAL B 268 30.41 -7.16 15.78
C VAL B 268 30.99 -7.31 17.18
N CYS B 269 32.31 -7.46 17.29
CA CYS B 269 33.00 -7.87 18.54
C CYS B 269 33.38 -6.65 19.39
N GLY B 270 33.41 -5.45 18.78
CA GLY B 270 33.81 -4.21 19.46
C GLY B 270 35.30 -4.22 19.78
N ILE B 271 36.09 -4.72 18.84
CA ILE B 271 37.57 -4.92 18.96
C ILE B 271 38.21 -3.90 18.04
N PRO B 272 39.34 -3.26 18.43
CA PRO B 272 40.05 -2.36 17.52
C PRO B 272 40.35 -3.06 16.18
N LEU B 273 40.23 -2.33 15.07
CA LEU B 273 40.51 -2.84 13.71
C LEU B 273 41.97 -3.30 13.61
N GLU B 274 42.90 -2.61 14.27
CA GLU B 274 44.35 -2.98 14.26
C GLU B 274 44.54 -4.40 14.79
N SER B 275 43.69 -4.86 15.71
CA SER B 275 43.78 -6.22 16.28
C SER B 275 43.48 -7.29 15.22
N LEU B 276 42.75 -6.92 14.17
CA LEU B 276 42.34 -7.82 13.04
C LEU B 276 43.21 -7.57 11.81
N ALA B 277 44.18 -6.68 11.90
CA ALA B 277 45.13 -6.36 10.81
C ALA B 277 46.21 -7.45 10.71
N ARG B 278 47.02 -7.40 9.66
CA ARG B 278 48.24 -8.25 9.52
C ARG B 278 49.08 -8.12 10.80
N THR B 279 49.64 -9.23 11.26
CA THR B 279 50.52 -9.33 12.46
C THR B 279 51.95 -9.63 11.98
N ARG B 280 52.94 -9.13 12.71
CA ARG B 280 54.38 -9.39 12.45
C ARG B 280 54.65 -10.88 12.68
N HIS B 281 54.12 -11.45 13.77
CA HIS B 281 54.27 -12.87 14.16
C HIS B 281 52.88 -13.44 14.49
N PRO B 282 52.41 -14.48 13.76
CA PRO B 282 51.07 -15.04 13.97
C PRO B 282 50.63 -15.16 15.44
N ARG B 283 50.10 -14.06 15.99
CA ARG B 283 49.62 -13.96 17.40
C ARG B 283 48.18 -14.48 17.48
N GLY B 284 47.47 -14.15 18.57
CA GLY B 284 46.08 -14.57 18.81
C GLY B 284 45.73 -14.44 20.28
N TRP B 285 44.95 -13.42 20.64
CA TRP B 285 44.53 -13.11 22.03
C TRP B 285 43.21 -13.82 22.34
N GLU B 286 42.62 -13.55 23.51
CA GLU B 286 41.37 -14.19 23.99
C GLU B 286 40.20 -13.73 23.12
N GLU B 287 39.93 -12.42 23.10
CA GLU B 287 38.77 -11.80 22.40
C GLU B 287 38.80 -12.11 20.90
N LEU B 288 40.01 -12.28 20.33
CA LEU B 288 40.19 -12.61 18.89
C LEU B 288 39.79 -14.08 18.67
N ASN B 289 40.27 -15.00 19.52
CA ASN B 289 40.01 -16.45 19.36
C ASN B 289 38.51 -16.74 19.56
N ASN B 290 37.83 -16.04 20.48
CA ASN B 290 36.44 -16.36 20.89
C ASN B 290 35.41 -15.55 20.08
N CYS B 291 35.78 -14.38 19.53
CA CYS B 291 34.84 -13.50 18.76
C CYS B 291 35.48 -13.04 17.45
N GLY B 292 36.58 -12.29 17.51
CA GLY B 292 37.17 -11.59 16.35
C GLY B 292 37.41 -12.50 15.16
N TYR B 293 38.21 -13.56 15.34
CA TYR B 293 38.65 -14.43 14.22
C TYR B 293 37.44 -15.22 13.71
N PRO B 294 36.63 -15.87 14.58
CA PRO B 294 35.45 -16.60 14.14
C PRO B 294 34.41 -15.76 13.38
N VAL B 295 34.14 -14.53 13.83
CA VAL B 295 33.23 -13.59 13.11
C VAL B 295 33.84 -13.27 11.74
N ARG B 296 35.14 -12.94 11.70
CA ARG B 296 35.86 -12.65 10.43
C ARG B 296 35.76 -13.88 9.50
N ASN B 297 36.00 -15.07 10.03
CA ASN B 297 35.94 -16.35 9.25
C ASN B 297 34.53 -16.58 8.69
N LEU B 298 33.48 -16.26 9.44
CA LEU B 298 32.08 -16.42 8.96
C LEU B 298 31.86 -15.56 7.71
N VAL B 299 32.27 -14.29 7.72
CA VAL B 299 32.11 -13.41 6.54
C VAL B 299 32.89 -14.00 5.35
N SER B 300 34.12 -14.49 5.60
CA SER B 300 34.99 -15.09 4.55
C SER B 300 34.31 -16.32 3.94
N LEU B 301 33.70 -17.18 4.76
CA LEU B 301 32.98 -18.39 4.27
C LEU B 301 31.75 -17.97 3.46
N PHE B 302 31.02 -16.94 3.90
CA PHE B 302 29.84 -16.43 3.17
C PHE B 302 30.30 -15.90 1.80
N ILE B 303 31.44 -15.21 1.75
CA ILE B 303 32.02 -14.70 0.47
C ILE B 303 32.41 -15.91 -0.39
N LEU B 304 33.04 -16.94 0.19
CA LEU B 304 33.49 -18.13 -0.58
C LEU B 304 32.29 -18.89 -1.18
N ALA B 305 31.13 -18.84 -0.53
CA ALA B 305 29.89 -19.52 -0.99
C ALA B 305 29.30 -18.82 -2.22
N ARG B 306 29.65 -17.55 -2.46
CA ARG B 306 29.18 -16.73 -3.62
C ARG B 306 27.67 -16.44 -3.48
N LEU B 307 27.15 -16.42 -2.24
CA LEU B 307 25.71 -16.18 -1.95
C LEU B 307 25.43 -14.67 -2.08
N SER B 308 24.17 -14.31 -2.30
CA SER B 308 23.71 -12.91 -2.37
C SER B 308 23.65 -12.32 -0.95
N TRP B 309 24.17 -11.10 -0.77
CA TRP B 309 24.06 -10.36 0.52
C TRP B 309 22.59 -9.98 0.76
N ASP B 310 21.76 -9.99 -0.29
CA ASP B 310 20.29 -9.77 -0.19
C ASP B 310 19.60 -10.97 0.49
N ARG B 311 20.24 -12.14 0.59
CA ARG B 311 19.57 -13.42 1.00
C ARG B 311 20.12 -13.94 2.34
N VAL B 312 20.75 -13.08 3.13
CA VAL B 312 21.31 -13.43 4.48
C VAL B 312 20.26 -14.12 5.35
N GLU B 313 19.05 -13.56 5.44
CA GLU B 313 17.99 -14.10 6.34
C GLU B 313 17.66 -15.53 5.89
N GLN B 314 17.57 -15.77 4.58
CA GLN B 314 17.19 -17.08 4.00
C GLN B 314 18.36 -18.06 4.18
N VAL B 315 19.60 -17.60 4.03
CA VAL B 315 20.80 -18.48 4.19
C VAL B 315 20.83 -18.98 5.63
N ILE B 316 20.65 -18.09 6.60
CA ILE B 316 20.67 -18.42 8.05
C ILE B 316 19.51 -19.40 8.36
N HIS B 317 18.28 -19.04 7.98
CA HIS B 317 17.08 -19.88 8.23
C HIS B 317 17.33 -21.28 7.65
N ASN B 318 17.85 -21.38 6.41
CA ASN B 318 18.14 -22.65 5.71
C ASN B 318 19.16 -23.47 6.51
N ALA B 319 20.25 -22.83 6.98
CA ALA B 319 21.30 -23.47 7.80
C ALA B 319 20.68 -24.07 9.07
N LEU B 320 19.68 -23.42 9.66
CA LEU B 320 19.12 -23.85 10.97
C LEU B 320 18.06 -24.94 10.78
N THR B 321 17.33 -24.94 9.66
CA THR B 321 16.12 -25.78 9.46
C THR B 321 16.32 -26.86 8.37
N ASN B 322 17.24 -26.66 7.43
CA ASN B 322 17.48 -27.62 6.31
C ASN B 322 18.94 -27.58 5.89
N PRO B 323 19.89 -27.85 6.81
CA PRO B 323 21.32 -27.68 6.52
C PRO B 323 21.83 -28.75 5.55
N THR B 324 22.81 -28.38 4.71
CA THR B 324 23.64 -29.35 3.95
C THR B 324 24.64 -29.95 4.94
N PRO B 325 24.57 -31.27 5.22
CA PRO B 325 25.53 -31.90 6.12
C PRO B 325 26.97 -31.68 5.63
N GLY B 326 27.87 -31.22 6.52
CA GLY B 326 29.31 -31.03 6.23
C GLY B 326 29.64 -29.73 5.50
N ASN B 327 28.64 -28.94 5.10
CA ASN B 327 28.87 -27.60 4.49
C ASN B 327 29.47 -26.69 5.55
N ALA B 328 30.65 -26.12 5.32
CA ALA B 328 31.40 -25.33 6.34
C ALA B 328 30.58 -24.09 6.75
N LEU B 329 29.94 -23.41 5.80
CA LEU B 329 29.17 -22.16 6.09
C LEU B 329 27.99 -22.51 7.01
N ASP B 330 27.20 -23.54 6.65
CA ASP B 330 26.03 -23.97 7.44
C ASP B 330 26.49 -24.33 8.85
N ASP B 331 27.58 -25.08 8.98
CA ASP B 331 28.13 -25.51 10.31
C ASP B 331 28.52 -24.26 11.10
N ALA B 332 29.16 -23.26 10.47
CA ALA B 332 29.60 -22.01 11.13
C ALA B 332 28.37 -21.24 11.65
N ILE B 333 27.31 -21.12 10.85
CA ILE B 333 26.05 -20.46 11.29
C ILE B 333 25.44 -21.21 12.47
N ARG B 334 25.34 -22.54 12.38
CA ARG B 334 24.66 -23.40 13.39
C ARG B 334 25.40 -23.35 14.74
N GLU B 335 26.72 -23.12 14.72
CA GLU B 335 27.59 -23.04 15.94
C GLU B 335 27.23 -21.80 16.77
N ALA B 336 26.77 -20.71 16.15
CA ALA B 336 26.45 -19.43 16.83
C ALA B 336 25.47 -18.63 15.97
N PRO B 337 24.20 -19.05 15.87
CA PRO B 337 23.26 -18.45 14.92
C PRO B 337 23.01 -16.96 15.13
N GLU B 338 22.89 -16.52 16.39
CA GLU B 338 22.54 -15.10 16.72
C GLU B 338 23.74 -14.22 16.37
N ARG B 339 24.96 -14.68 16.65
CA ARG B 339 26.18 -13.98 16.19
C ARG B 339 26.20 -13.88 14.66
N ALA B 340 25.73 -14.92 13.95
CA ALA B 340 25.65 -14.97 12.48
C ALA B 340 24.64 -13.95 11.95
N ARG B 341 23.49 -13.80 12.62
CA ARG B 341 22.48 -12.76 12.26
C ARG B 341 23.13 -11.38 12.37
N VAL B 342 23.74 -11.06 13.52
CA VAL B 342 24.39 -9.73 13.77
C VAL B 342 25.50 -9.53 12.72
N THR B 343 26.38 -10.52 12.55
CA THR B 343 27.54 -10.46 11.62
C THR B 343 27.04 -10.19 10.19
N LEU B 344 26.19 -11.07 9.65
CA LEU B 344 25.90 -11.04 8.19
C LEU B 344 24.97 -9.87 7.84
N THR B 345 24.08 -9.43 8.74
CA THR B 345 23.20 -8.25 8.51
C THR B 345 24.04 -6.96 8.57
N LEU B 346 25.10 -6.92 9.37
CA LEU B 346 26.07 -5.78 9.40
C LEU B 346 26.83 -5.72 8.07
N ALA B 347 27.44 -6.84 7.67
CA ALA B 347 28.22 -6.97 6.41
C ALA B 347 27.35 -6.61 5.21
N ALA B 348 26.10 -7.11 5.18
CA ALA B 348 25.11 -6.84 4.10
C ALA B 348 24.86 -5.33 3.98
N ALA B 349 24.66 -4.64 5.10
CA ALA B 349 24.42 -3.18 5.14
C ALA B 349 25.66 -2.43 4.64
N GLN B 350 26.85 -2.88 5.03
CA GLN B 350 28.14 -2.30 4.57
C GLN B 350 28.29 -2.49 3.05
N VAL B 351 28.02 -3.69 2.53
CA VAL B 351 28.12 -3.99 1.08
C VAL B 351 27.12 -3.11 0.31
N ASN B 352 25.91 -2.91 0.84
CA ASN B 352 24.85 -2.10 0.17
C ASN B 352 25.31 -0.63 0.12
N GLN B 353 25.82 -0.10 1.23
CA GLN B 353 26.36 1.26 1.35
C GLN B 353 27.50 1.41 0.32
N PHE B 354 28.43 0.47 0.32
CA PHE B 354 29.57 0.44 -0.65
C PHE B 354 29.03 0.57 -2.09
N ASP B 355 28.04 -0.25 -2.44
CA ASP B 355 27.46 -0.34 -3.81
C ASP B 355 26.91 1.03 -4.24
N ASN B 356 26.26 1.76 -3.34
CA ASN B 356 25.58 3.05 -3.67
C ASN B 356 26.58 4.19 -3.83
N GLN B 357 27.86 4.00 -3.48
CA GLN B 357 28.86 5.10 -3.41
C GLN B 357 29.32 5.51 -4.81
N ALA B 358 29.31 4.59 -5.77
CA ALA B 358 29.79 4.85 -7.15
C ALA B 358 29.33 3.71 -8.05
N ALA B 359 28.87 4.04 -9.26
CA ALA B 359 28.50 3.06 -10.31
C ALA B 359 29.76 2.29 -10.69
N GLY B 360 29.76 0.96 -10.50
CA GLY B 360 30.94 0.10 -10.72
C GLY B 360 31.42 -0.54 -9.44
N ASN B 361 31.16 0.08 -8.28
CA ASN B 361 31.30 -0.59 -6.96
C ASN B 361 30.40 -1.83 -6.98
N THR B 362 30.95 -3.01 -6.68
CA THR B 362 30.22 -4.30 -6.66
C THR B 362 30.50 -5.00 -5.34
N PRO B 363 29.59 -5.90 -4.87
CA PRO B 363 29.85 -6.75 -3.72
C PRO B 363 31.23 -7.42 -3.71
N GLU B 364 31.68 -7.84 -4.89
CA GLU B 364 32.94 -8.61 -5.06
C GLU B 364 34.13 -7.67 -4.80
N GLN B 365 34.03 -6.41 -5.24
CA GLN B 365 35.04 -5.35 -4.94
C GLN B 365 35.00 -4.98 -3.45
N ALA B 366 33.83 -5.06 -2.81
CA ALA B 366 33.66 -4.72 -1.37
C ALA B 366 34.55 -5.61 -0.51
N GLN B 367 34.74 -6.87 -0.90
CA GLN B 367 35.40 -7.89 -0.05
C GLN B 367 36.84 -7.44 0.31
N SER B 368 37.55 -6.73 -0.57
CA SER B 368 38.98 -6.38 -0.40
C SER B 368 39.24 -4.86 -0.46
N ALA B 369 38.20 -4.03 -0.59
CA ALA B 369 38.32 -2.56 -0.65
C ALA B 369 39.03 -2.03 0.59
N ASP B 370 39.81 -0.96 0.47
CA ASP B 370 40.38 -0.26 1.65
C ASP B 370 39.22 0.13 2.59
N VAL B 371 39.49 0.14 3.89
CA VAL B 371 38.60 0.81 4.88
C VAL B 371 39.00 2.28 4.93
N VAL B 372 38.03 3.19 4.91
CA VAL B 372 38.26 4.62 5.27
C VAL B 372 37.44 4.91 6.54
N SER B 373 38.17 5.16 7.65
CA SER B 373 37.63 5.56 8.97
C SER B 373 37.55 7.10 9.02
N LEU B 374 36.36 7.64 9.24
CA LEU B 374 36.14 9.12 9.20
C LEU B 374 36.07 9.62 10.64
N SER B 375 36.92 10.59 10.99
CA SER B 375 36.86 11.35 12.26
C SER B 375 35.82 12.45 12.08
N CYS B 376 34.57 12.12 12.39
CA CYS B 376 33.42 13.05 12.36
C CYS B 376 33.64 14.14 13.42
N SER B 377 33.11 15.33 13.16
CA SER B 377 33.21 16.53 14.03
C SER B 377 32.16 16.41 15.14
N ALA B 378 32.54 16.67 16.39
CA ALA B 378 31.67 16.47 17.59
C ALA B 378 30.36 17.25 17.39
N GLY B 379 29.23 16.56 17.56
CA GLY B 379 27.87 17.12 17.51
C GLY B 379 27.41 17.56 16.12
N ALA B 380 28.22 17.41 15.07
CA ALA B 380 27.80 17.72 13.68
C ALA B 380 26.74 16.67 13.30
N LEU B 381 25.62 17.14 12.74
CA LEU B 381 24.46 16.31 12.35
C LEU B 381 24.86 15.38 11.21
N HIS B 382 25.76 15.85 10.34
CA HIS B 382 26.20 15.12 9.13
C HIS B 382 27.72 14.95 9.18
N CYS B 383 28.20 13.85 8.61
CA CYS B 383 29.64 13.50 8.51
C CYS B 383 29.90 13.06 7.07
N SER B 384 30.07 14.04 6.18
CA SER B 384 30.20 13.86 4.72
C SER B 384 31.56 13.21 4.40
N ALA B 385 31.55 12.12 3.62
CA ALA B 385 32.78 11.40 3.19
C ALA B 385 33.47 12.23 2.11
N PRO B 386 34.81 12.31 2.09
CA PRO B 386 35.52 12.97 0.99
C PRO B 386 35.34 12.21 -0.33
N ALA B 387 35.38 12.92 -1.46
CA ALA B 387 35.14 12.37 -2.81
C ALA B 387 36.06 11.17 -3.06
N ASP B 388 37.30 11.20 -2.57
CA ASP B 388 38.34 10.18 -2.88
C ASP B 388 38.11 8.89 -2.08
N SER B 389 37.09 8.84 -1.20
CA SER B 389 36.76 7.66 -0.36
C SER B 389 35.65 6.79 -1.00
N ALA B 390 35.18 7.13 -2.19
CA ALA B 390 34.07 6.46 -2.90
C ALA B 390 34.38 4.97 -3.16
N ASN B 391 35.65 4.58 -3.26
CA ASN B 391 36.06 3.18 -3.59
C ASN B 391 36.41 2.40 -2.31
N ALA B 392 36.02 2.91 -1.14
CA ALA B 392 36.41 2.37 0.19
C ALA B 392 35.18 1.95 0.98
N LEU B 393 35.36 1.04 1.94
CA LEU B 393 34.36 0.72 2.99
C LEU B 393 34.43 1.82 4.05
N LEU B 394 33.36 2.58 4.25
CA LEU B 394 33.33 3.74 5.16
C LEU B 394 32.91 3.29 6.55
N GLU B 395 33.64 3.74 7.57
CA GLU B 395 33.20 3.71 8.98
C GLU B 395 33.37 5.10 9.58
N ARG B 396 32.34 5.56 10.28
CA ARG B 396 32.34 6.89 10.96
C ARG B 396 32.71 6.68 12.43
N GLU B 397 33.73 7.39 12.90
CA GLU B 397 34.16 7.41 14.32
C GLU B 397 33.24 8.38 15.06
N HIS B 398 32.38 7.82 15.91
CA HIS B 398 31.57 8.58 16.90
C HIS B 398 31.85 7.97 18.28
N PRO B 399 31.78 8.77 19.37
CA PRO B 399 31.74 8.20 20.71
C PRO B 399 30.65 7.14 20.82
N ASN B 400 30.96 6.02 21.49
CA ASN B 400 30.03 4.90 21.72
C ASN B 400 30.03 4.53 23.21
N GLY B 401 29.22 3.53 23.58
CA GLY B 401 29.00 3.06 24.95
C GLY B 401 30.30 2.84 25.71
N ALA B 402 31.28 2.20 25.08
CA ALA B 402 32.60 1.87 25.66
C ALA B 402 33.26 3.14 26.23
N ASN B 403 33.01 4.29 25.61
CA ASN B 403 33.63 5.58 26.00
C ASN B 403 32.97 6.15 27.27
N PHE B 404 31.84 5.59 27.73
CA PHE B 404 31.06 6.13 28.87
C PHE B 404 30.86 5.11 30.00
N LEU B 405 31.53 3.95 29.95
CA LEU B 405 31.37 2.87 30.97
C LEU B 405 32.11 3.26 32.25
N GLY B 406 33.17 4.08 32.11
CA GLY B 406 33.94 4.61 33.24
C GLY B 406 34.73 3.53 33.96
N ALA B 407 35.24 3.87 35.15
CA ALA B 407 36.05 3.01 36.04
C ALA B 407 35.31 1.69 36.32
N GLY B 408 36.06 0.59 36.41
CA GLY B 408 35.57 -0.71 36.88
C GLY B 408 36.14 -1.86 36.08
N GLU B 409 35.77 -3.09 36.47
CA GLU B 409 36.14 -4.33 35.77
C GLU B 409 35.41 -4.38 34.42
N ALA B 410 35.86 -5.25 33.51
CA ALA B 410 35.33 -5.41 32.15
C ALA B 410 33.82 -5.69 32.20
N VAL B 411 33.04 -4.89 31.49
CA VAL B 411 31.59 -5.13 31.25
C VAL B 411 31.46 -6.22 30.17
N SER B 412 30.55 -7.18 30.37
CA SER B 412 30.19 -8.20 29.35
C SER B 412 28.75 -8.65 29.57
N PHE B 413 28.17 -9.24 28.53
CA PHE B 413 26.74 -9.65 28.45
C PHE B 413 26.66 -11.17 28.43
N THR B 414 25.93 -11.73 29.41
CA THR B 414 25.75 -13.19 29.62
C THR B 414 24.28 -13.44 29.94
N THR B 415 23.82 -14.68 29.81
CA THR B 415 22.42 -15.08 30.14
C THR B 415 22.16 -14.85 31.64
N ARG B 416 23.18 -14.99 32.49
CA ARG B 416 23.08 -14.83 33.97
C ARG B 416 23.14 -13.35 34.36
N GLY B 417 23.26 -12.43 33.41
CA GLY B 417 23.18 -10.97 33.61
C GLY B 417 24.40 -10.24 33.08
N THR B 418 24.29 -8.92 32.94
CA THR B 418 25.42 -8.01 32.62
C THR B 418 26.43 -8.12 33.76
N ARG B 419 27.72 -8.20 33.45
CA ARG B 419 28.79 -8.29 34.48
C ARG B 419 29.34 -6.89 34.77
N ASN B 420 29.52 -6.57 36.05
CA ASN B 420 30.27 -5.37 36.53
C ASN B 420 29.50 -4.11 36.16
N TRP B 421 28.17 -4.14 36.29
CA TRP B 421 27.28 -3.00 35.99
C TRP B 421 26.30 -2.77 37.14
N SER B 422 26.74 -2.02 38.15
CA SER B 422 25.95 -1.65 39.35
C SER B 422 25.11 -0.39 39.06
N SER B 423 24.16 -0.08 39.94
CA SER B 423 23.36 1.17 39.93
C SER B 423 24.31 2.38 39.97
N ALA B 424 25.34 2.30 40.80
CA ALA B 424 26.35 3.37 40.98
C ALA B 424 27.07 3.63 39.66
N ARG B 425 27.53 2.57 38.99
CA ARG B 425 28.33 2.69 37.74
C ARG B 425 27.43 3.31 36.66
N LEU B 426 26.16 2.90 36.59
CA LEU B 426 25.16 3.50 35.65
C LEU B 426 24.98 4.99 35.95
N ASN B 427 24.82 5.38 37.22
CA ASN B 427 24.59 6.79 37.60
C ASN B 427 25.77 7.65 37.15
N HIS B 428 27.01 7.15 37.29
CA HIS B 428 28.24 7.83 36.84
C HIS B 428 28.25 7.94 35.30
N ALA B 429 27.90 6.86 34.60
CA ALA B 429 27.79 6.83 33.13
C ALA B 429 26.77 7.88 32.68
N HIS B 430 25.59 7.90 33.31
CA HIS B 430 24.49 8.83 32.98
C HIS B 430 24.97 10.28 33.13
N GLN B 431 25.60 10.60 34.28
CA GLN B 431 26.10 11.96 34.58
C GLN B 431 27.15 12.38 33.54
N GLN B 432 28.04 11.45 33.13
CA GLN B 432 29.09 11.73 32.12
C GLN B 432 28.42 12.06 30.78
N LEU B 433 27.37 11.33 30.42
CA LEU B 433 26.63 11.54 29.15
C LEU B 433 25.94 12.92 29.16
N ILE B 434 25.20 13.26 30.22
CA ILE B 434 24.42 14.53 30.24
C ILE B 434 25.41 15.71 30.33
N ALA B 435 26.54 15.52 31.02
CA ALA B 435 27.66 16.49 31.09
C ALA B 435 28.24 16.73 29.69
N ARG B 436 28.13 15.76 28.77
CA ARG B 436 28.61 15.91 27.37
C ARG B 436 27.45 16.28 26.43
N GLY B 437 26.28 16.62 26.98
CA GLY B 437 25.14 17.16 26.22
C GLY B 437 24.23 16.08 25.67
N TYR B 438 24.53 14.80 25.93
CA TYR B 438 23.69 13.66 25.45
C TYR B 438 22.36 13.66 26.22
N VAL B 439 21.31 13.18 25.54
CA VAL B 439 19.89 13.12 26.01
C VAL B 439 19.41 11.68 25.92
N PHE B 440 18.90 11.11 27.02
CA PHE B 440 18.23 9.79 27.06
C PHE B 440 17.00 9.81 26.14
N VAL B 441 16.89 8.85 25.23
CA VAL B 441 15.74 8.75 24.30
C VAL B 441 14.96 7.44 24.53
N GLY B 442 15.48 6.45 25.25
CA GLY B 442 14.72 5.24 25.54
C GLY B 442 15.57 3.98 25.59
N TYR B 443 14.89 2.85 25.81
CA TYR B 443 15.50 1.50 25.98
C TYR B 443 15.52 0.77 24.64
N HIS B 444 16.58 -0.01 24.43
CA HIS B 444 16.74 -0.92 23.29
C HIS B 444 17.04 -2.31 23.84
N GLY B 445 16.18 -3.28 23.53
CA GLY B 445 16.44 -4.70 23.81
C GLY B 445 17.24 -5.32 22.69
N SER B 446 18.24 -6.15 23.02
CA SER B 446 19.05 -6.86 22.01
C SER B 446 19.43 -8.24 22.53
N SER B 447 19.99 -9.09 21.66
CA SER B 447 20.68 -10.35 22.04
C SER B 447 21.97 -9.97 22.76
N LEU B 448 22.63 -10.94 23.40
CA LEU B 448 23.97 -10.74 24.01
C LEU B 448 24.92 -10.21 22.93
N GLU B 449 24.93 -10.82 21.74
CA GLU B 449 25.87 -10.48 20.65
C GLU B 449 25.51 -9.09 20.10
N GLY B 450 24.22 -8.79 19.92
CA GLY B 450 23.74 -7.47 19.49
C GLY B 450 24.20 -6.38 20.45
N ALA B 451 24.13 -6.62 21.76
CA ALA B 451 24.51 -5.63 22.81
C ALA B 451 26.02 -5.40 22.78
N GLN B 452 26.81 -6.48 22.68
CA GLN B 452 28.29 -6.41 22.57
C GLN B 452 28.66 -5.50 21.38
N SER B 453 28.05 -5.71 20.21
CA SER B 453 28.29 -4.93 18.97
C SER B 453 27.95 -3.45 19.21
N ILE B 454 26.76 -3.20 19.75
CA ILE B 454 26.15 -1.84 19.92
C ILE B 454 26.98 -1.04 20.96
N VAL B 455 27.38 -1.65 22.07
CA VAL B 455 28.06 -0.91 23.19
C VAL B 455 29.55 -0.71 22.85
N PHE B 456 30.23 -1.73 22.34
CA PHE B 456 31.71 -1.73 22.18
C PHE B 456 32.12 -1.38 20.74
N GLY B 457 31.30 -1.71 19.76
CA GLY B 457 31.55 -1.36 18.34
C GLY B 457 30.85 -0.08 17.94
N GLY B 458 29.68 0.21 18.55
CA GLY B 458 28.85 1.37 18.20
C GLY B 458 27.63 0.93 17.40
N ILE B 459 26.56 1.72 17.46
CA ILE B 459 25.30 1.46 16.72
C ILE B 459 25.59 1.66 15.22
N ARG B 460 25.09 0.77 14.37
CA ARG B 460 25.18 1.00 12.90
C ARG B 460 24.13 0.18 12.16
N THR B 461 23.89 0.59 10.92
CA THR B 461 22.86 0.05 10.02
C THR B 461 23.01 -1.47 9.93
N ARG B 462 21.89 -2.17 10.05
CA ARG B 462 21.75 -3.61 9.72
C ARG B 462 20.62 -3.70 8.70
N THR B 463 20.72 -4.62 7.74
CA THR B 463 19.59 -4.98 6.86
C THR B 463 18.54 -5.65 7.75
N GLN B 464 17.26 -5.36 7.49
CA GLN B 464 16.11 -5.78 8.34
C GLN B 464 15.09 -6.47 7.42
N ALA B 465 14.43 -7.51 7.92
CA ALA B 465 13.52 -8.42 7.17
C ALA B 465 12.70 -7.63 6.14
N LEU B 466 11.85 -6.71 6.61
CA LEU B 466 10.94 -5.89 5.76
C LEU B 466 11.62 -4.58 5.38
N ASP B 467 12.22 -4.51 4.18
CA ASP B 467 12.90 -3.30 3.62
C ASP B 467 11.87 -2.16 3.49
N ASP B 468 11.94 -1.14 4.37
CA ASP B 468 10.85 -0.17 4.62
C ASP B 468 11.36 1.28 4.67
N VAL B 469 10.44 2.23 4.53
CA VAL B 469 10.66 3.68 4.76
C VAL B 469 10.71 3.95 6.27
N TRP B 470 10.48 2.91 7.10
CA TRP B 470 10.44 3.00 8.59
C TRP B 470 11.69 2.36 9.19
N GLN B 471 12.75 2.18 8.40
CA GLN B 471 14.02 1.56 8.85
C GLN B 471 14.75 2.51 9.82
N GLY B 472 15.47 1.95 10.78
CA GLY B 472 16.18 2.68 11.84
C GLY B 472 16.32 1.81 13.07
N LEU B 473 16.95 2.35 14.12
CA LEU B 473 17.06 1.64 15.42
C LEU B 473 15.73 1.75 16.15
N TYR B 474 15.17 0.60 16.54
CA TYR B 474 13.87 0.49 17.25
C TYR B 474 14.11 0.53 18.76
N ILE B 475 13.63 1.59 19.41
CA ILE B 475 13.76 1.78 20.89
C ILE B 475 12.36 2.10 21.44
N SER B 476 12.23 2.23 22.76
CA SER B 476 10.99 2.67 23.43
C SER B 476 11.31 3.37 24.74
N GLY B 477 10.61 4.47 25.02
CA GLY B 477 10.58 5.10 26.35
C GLY B 477 10.07 4.13 27.40
N ASP B 478 9.23 3.17 27.00
CA ASP B 478 8.69 2.10 27.90
C ASP B 478 9.61 0.90 27.87
N PRO B 479 10.34 0.59 28.96
CA PRO B 479 11.28 -0.53 28.96
C PRO B 479 10.60 -1.89 28.72
N ALA B 480 9.29 -1.97 28.96
CA ALA B 480 8.46 -3.18 28.74
C ALA B 480 8.39 -3.49 27.23
N VAL B 481 8.40 -2.48 26.38
CA VAL B 481 8.38 -2.66 24.90
C VAL B 481 9.76 -3.16 24.46
N ALA B 482 10.84 -2.57 24.98
CA ALA B 482 12.24 -2.95 24.66
C ALA B 482 12.49 -4.40 25.13
N TYR B 483 11.94 -4.78 26.29
CA TYR B 483 12.14 -6.11 26.94
C TYR B 483 11.82 -7.25 25.96
N GLY B 484 10.78 -7.09 25.16
CA GLY B 484 10.36 -8.07 24.13
C GLY B 484 11.46 -8.36 23.11
N TYR B 485 12.38 -7.42 22.90
CA TYR B 485 13.50 -7.56 21.92
C TYR B 485 14.79 -7.98 22.63
N ALA B 486 14.80 -8.05 23.97
CA ALA B 486 16.00 -8.36 24.78
C ALA B 486 16.17 -9.88 24.87
N GLN B 487 16.29 -10.53 23.71
CA GLN B 487 16.46 -12.01 23.58
C GLN B 487 16.88 -12.32 22.14
N ASP B 488 17.14 -13.59 21.84
CA ASP B 488 17.49 -14.05 20.47
C ASP B 488 16.32 -13.73 19.53
N GLN B 489 16.66 -13.34 18.30
CA GLN B 489 15.69 -12.93 17.26
C GLN B 489 14.84 -14.13 16.84
N GLU B 490 15.49 -15.26 16.60
CA GLU B 490 14.88 -16.55 16.14
C GLU B 490 15.51 -17.68 16.92
N PRO B 491 14.86 -18.87 17.00
CA PRO B 491 15.46 -20.01 17.68
C PRO B 491 16.75 -20.47 16.98
N ASP B 492 17.62 -21.14 17.73
CA ASP B 492 18.83 -21.82 17.22
C ASP B 492 18.41 -23.13 16.52
N SER B 493 19.36 -23.99 16.16
CA SER B 493 19.13 -25.25 15.41
C SER B 493 18.31 -26.24 16.24
N ARG B 494 18.29 -26.08 17.58
CA ARG B 494 17.54 -26.95 18.52
C ARG B 494 16.32 -26.23 19.11
N GLY B 495 15.81 -25.19 18.43
CA GLY B 495 14.58 -24.46 18.82
C GLY B 495 14.71 -23.67 20.12
N ARG B 496 15.92 -23.44 20.62
CA ARG B 496 16.16 -22.69 21.90
C ARG B 496 16.28 -21.19 21.62
N ILE B 497 15.77 -20.37 22.54
CA ILE B 497 15.94 -18.89 22.59
C ILE B 497 16.60 -18.53 23.93
N ARG B 498 17.71 -17.78 23.90
CA ARG B 498 18.37 -17.25 25.12
C ARG B 498 17.85 -15.83 25.38
N ASN B 499 17.79 -15.44 26.65
CA ASN B 499 17.52 -14.05 27.09
C ASN B 499 18.70 -13.18 26.67
N GLY B 500 18.46 -11.88 26.50
CA GLY B 500 19.47 -10.91 26.01
C GLY B 500 19.77 -9.85 27.05
N THR B 501 19.88 -8.61 26.57
CA THR B 501 20.38 -7.44 27.32
C THR B 501 19.46 -6.26 27.03
N MET B 502 19.10 -5.52 28.09
CA MET B 502 18.42 -4.20 28.00
C MET B 502 19.48 -3.10 27.97
N LEU B 503 19.38 -2.18 27.01
CA LEU B 503 20.32 -1.04 26.84
C LEU B 503 19.57 0.28 26.96
N ARG B 504 20.30 1.31 27.37
CA ARG B 504 19.83 2.72 27.39
C ARG B 504 20.47 3.42 26.19
N VAL B 505 19.67 4.16 25.42
CA VAL B 505 20.14 4.87 24.19
C VAL B 505 20.05 6.38 24.45
N TYR B 506 21.13 7.07 24.14
CA TYR B 506 21.30 8.54 24.29
C TYR B 506 21.69 9.13 22.93
N VAL B 507 21.08 10.25 22.53
CA VAL B 507 21.45 10.98 21.28
C VAL B 507 22.23 12.23 21.67
N PRO B 508 23.09 12.79 20.78
CA PRO B 508 23.73 14.07 21.06
C PRO B 508 22.66 15.16 21.15
N GLY B 509 22.88 16.15 22.03
CA GLY B 509 21.97 17.29 22.28
C GLY B 509 21.71 18.09 21.03
N THR B 510 22.63 18.03 20.07
CA THR B 510 22.53 18.73 18.75
C THR B 510 21.35 18.17 17.93
N ALA B 511 20.77 17.03 18.33
CA ALA B 511 19.72 16.33 17.55
C ALA B 511 18.33 16.57 18.16
N THR B 512 18.21 17.36 19.24
CA THR B 512 16.94 17.46 20.02
C THR B 512 15.82 18.08 19.17
N ALA B 513 16.11 18.97 18.22
CA ALA B 513 15.09 19.57 17.34
C ALA B 513 14.55 18.53 16.34
N TYR B 514 15.17 17.36 16.23
CA TYR B 514 14.82 16.31 15.23
C TYR B 514 14.20 15.08 15.91
N LEU B 515 13.81 15.20 17.18
CA LEU B 515 13.12 14.12 17.94
C LEU B 515 11.61 14.36 17.84
N TYR B 516 10.97 13.71 16.87
CA TYR B 516 9.57 13.99 16.48
C TYR B 516 8.63 12.99 17.16
N GLU B 517 7.37 13.39 17.40
CA GLU B 517 6.29 12.48 17.89
C GLU B 517 5.02 12.74 17.10
N THR B 518 4.33 11.65 16.72
CA THR B 518 3.02 11.64 16.02
C THR B 518 2.05 10.79 16.84
N PRO B 519 0.75 11.15 16.89
CA PRO B 519 -0.26 10.24 17.43
C PRO B 519 -0.56 9.02 16.53
N LEU B 520 -0.10 9.06 15.27
CA LEU B 520 -0.35 7.98 14.28
C LEU B 520 0.55 6.78 14.57
N THR B 521 0.13 5.59 14.12
CA THR B 521 0.82 4.30 14.36
C THR B 521 2.11 4.23 13.54
N LEU B 522 3.21 3.84 14.18
CA LEU B 522 4.50 3.55 13.49
C LEU B 522 4.28 2.38 12.54
N ALA B 523 4.84 2.48 11.33
CA ALA B 523 4.87 1.41 10.29
C ALA B 523 3.52 1.28 9.57
N ASP B 524 2.53 2.10 9.93
CA ASP B 524 1.22 2.17 9.23
C ASP B 524 1.43 2.87 7.89
N PRO B 525 1.19 2.19 6.74
CA PRO B 525 1.33 2.81 5.43
C PRO B 525 0.55 4.12 5.22
N GLU B 526 -0.54 4.31 5.96
CA GLU B 526 -1.43 5.49 5.86
C GLU B 526 -0.93 6.61 6.78
N ALA B 527 0.18 6.40 7.50
CA ALA B 527 0.85 7.45 8.32
C ALA B 527 2.08 8.01 7.61
N VAL B 528 2.46 7.45 6.45
CA VAL B 528 3.75 7.77 5.75
C VAL B 528 3.76 9.24 5.35
N ASP B 529 2.69 9.73 4.73
CA ASP B 529 2.59 11.13 4.23
C ASP B 529 2.59 12.11 5.40
N ALA B 530 1.89 11.78 6.48
CA ALA B 530 1.71 12.66 7.67
C ALA B 530 3.04 12.81 8.43
N VAL B 531 3.83 11.73 8.51
CA VAL B 531 5.15 11.72 9.20
C VAL B 531 6.14 12.50 8.32
N GLY B 532 6.06 12.33 6.99
CA GLY B 532 6.85 13.10 6.01
C GLY B 532 6.61 14.59 6.14
N HIS B 533 5.36 14.99 6.38
CA HIS B 533 4.95 16.40 6.58
C HIS B 533 5.57 16.92 7.89
N LEU B 534 5.52 16.12 8.95
CA LEU B 534 6.04 16.51 10.30
C LEU B 534 7.56 16.76 10.23
N ILE B 535 8.31 15.88 9.59
CA ILE B 535 9.82 15.94 9.57
C ILE B 535 10.31 16.82 8.41
N GLY B 536 9.41 17.21 7.49
CA GLY B 536 9.65 18.18 6.40
C GLY B 536 10.25 17.55 5.15
N HIS B 537 10.25 16.23 5.06
CA HIS B 537 10.66 15.47 3.84
C HIS B 537 10.12 14.05 3.93
N PRO B 538 9.97 13.33 2.80
CA PRO B 538 9.51 11.94 2.83
C PRO B 538 10.41 11.01 3.65
N LEU B 539 9.83 10.02 4.33
CA LEU B 539 10.58 8.90 4.94
C LEU B 539 11.43 8.28 3.82
N PRO B 540 12.56 7.59 4.11
CA PRO B 540 12.97 7.26 5.48
C PRO B 540 13.56 8.39 6.34
N LEU B 541 13.71 8.12 7.63
CA LEU B 541 14.37 9.01 8.62
C LEU B 541 15.86 9.15 8.30
N GLN B 542 16.37 10.39 8.35
CA GLN B 542 17.82 10.70 8.19
C GLN B 542 18.40 10.88 9.61
N THR B 543 18.81 12.10 9.99
CA THR B 543 19.32 12.40 11.36
C THR B 543 18.13 12.81 12.22
N GLU B 544 17.09 11.98 12.23
CA GLU B 544 15.79 12.28 12.89
C GLU B 544 15.27 11.02 13.57
N ALA B 545 14.36 11.21 14.53
CA ALA B 545 13.62 10.12 15.21
C ALA B 545 12.13 10.42 15.11
N ILE B 546 11.32 9.36 15.12
CA ILE B 546 9.83 9.47 15.22
C ILE B 546 9.38 8.55 16.35
N THR B 547 8.54 9.11 17.22
CA THR B 547 7.87 8.42 18.35
C THR B 547 6.38 8.36 17.99
N GLY B 548 5.75 7.23 18.32
CA GLY B 548 4.32 7.01 18.11
C GLY B 548 3.86 5.70 18.73
N PRO B 549 2.55 5.44 18.81
CA PRO B 549 2.04 4.14 19.25
C PRO B 549 2.58 2.99 18.39
N GLU B 550 3.02 1.91 19.05
CA GLU B 550 3.63 0.71 18.42
C GLU B 550 2.64 0.10 17.41
N GLU B 551 1.36 0.05 17.80
CA GLU B 551 0.22 -0.41 16.97
C GLU B 551 -0.99 0.47 17.32
N ALA B 552 -2.18 0.14 16.80
CA ALA B 552 -3.44 0.87 17.08
C ALA B 552 -3.78 0.75 18.58
N GLY B 553 -3.81 1.88 19.29
CA GLY B 553 -4.05 1.96 20.74
C GLY B 553 -2.96 1.26 21.55
N GLY B 554 -1.72 1.29 21.04
CA GLY B 554 -0.56 0.56 21.61
C GLY B 554 0.38 1.46 22.39
N ARG B 555 1.39 0.87 23.03
CA ARG B 555 2.40 1.57 23.86
C ARG B 555 3.37 2.31 22.94
N PRO B 556 4.07 3.35 23.45
CA PRO B 556 4.97 4.13 22.61
C PRO B 556 6.23 3.36 22.19
N ALA B 557 6.71 3.63 20.98
CA ALA B 557 8.03 3.22 20.47
C ALA B 557 8.64 4.41 19.74
N THR B 558 9.95 4.37 19.55
CA THR B 558 10.73 5.43 18.85
C THR B 558 11.63 4.73 17.83
N ILE B 559 11.65 5.23 16.59
CA ILE B 559 12.64 4.84 15.55
C ILE B 559 13.64 5.98 15.39
N LEU B 560 14.92 5.71 15.65
CA LEU B 560 16.05 6.61 15.30
C LEU B 560 16.46 6.28 13.87
N GLY B 561 16.37 7.26 12.97
CA GLY B 561 17.00 7.18 11.63
C GLY B 561 18.42 6.71 11.76
N TRP B 562 18.90 5.88 10.83
CA TRP B 562 20.23 5.22 10.94
C TRP B 562 21.32 6.27 11.08
N GLU B 563 21.18 7.39 10.37
CA GLU B 563 22.18 8.48 10.40
C GLU B 563 22.25 9.04 11.83
N LEU B 564 21.11 9.17 12.53
CA LEU B 564 21.10 9.64 13.93
C LEU B 564 21.61 8.52 14.85
N ALA B 565 21.18 7.28 14.61
CA ALA B 565 21.50 6.10 15.45
C ALA B 565 23.02 5.92 15.58
N GLU B 566 23.77 6.16 14.49
CA GLU B 566 25.25 6.00 14.44
C GLU B 566 25.93 6.96 15.45
N GLN B 567 25.31 8.12 15.72
CA GLN B 567 25.83 9.14 16.68
C GLN B 567 25.29 8.86 18.09
N ALA B 568 24.26 8.02 18.20
CA ALA B 568 23.67 7.67 19.51
C ALA B 568 24.66 6.81 20.28
N VAL B 569 24.56 6.84 21.60
CA VAL B 569 25.38 6.02 22.53
C VAL B 569 24.45 5.03 23.22
N ALA B 570 24.84 3.75 23.25
CA ALA B 570 24.14 2.69 24.00
C ALA B 570 25.02 2.25 25.17
N ILE B 571 24.48 2.33 26.38
CA ILE B 571 25.15 1.78 27.61
C ILE B 571 24.19 0.77 28.23
N PRO B 572 24.68 -0.17 29.07
CA PRO B 572 23.82 -1.18 29.67
C PRO B 572 22.79 -0.55 30.63
N SER B 573 21.60 -1.14 30.69
CA SER B 573 20.57 -0.87 31.71
C SER B 573 20.88 -1.72 32.94
N THR B 574 20.36 -1.34 34.11
CA THR B 574 20.38 -2.19 35.34
C THR B 574 19.08 -3.01 35.40
N ILE B 575 18.21 -2.90 34.40
CA ILE B 575 17.02 -3.79 34.23
C ILE B 575 17.55 -5.13 33.70
N PRO B 576 17.48 -6.22 34.48
CA PRO B 576 17.95 -7.53 34.01
C PRO B 576 16.90 -8.21 33.14
N THR B 577 17.33 -9.09 32.23
CA THR B 577 16.45 -10.09 31.56
C THR B 577 16.38 -11.31 32.50
N ASP B 578 15.19 -11.88 32.68
CA ASP B 578 14.96 -13.00 33.62
C ASP B 578 15.19 -14.31 32.88
N PRO B 579 16.28 -15.06 33.17
CA PRO B 579 16.55 -16.32 32.46
C PRO B 579 15.62 -17.47 32.85
N SER B 580 14.72 -17.26 33.83
CA SER B 580 13.69 -18.23 34.29
C SER B 580 12.36 -18.04 33.56
N ASN B 581 12.13 -16.86 32.96
CA ASN B 581 10.88 -16.53 32.22
C ASN B 581 11.26 -15.93 30.86
N ILE B 582 12.04 -16.67 30.06
CA ILE B 582 12.42 -16.27 28.67
C ILE B 582 11.15 -16.18 27.84
N GLY B 583 10.96 -15.08 27.11
CA GLY B 583 9.72 -14.76 26.37
C GLY B 583 8.66 -14.12 27.24
N GLY B 584 8.92 -13.94 28.54
CA GLY B 584 7.99 -13.35 29.51
C GLY B 584 7.92 -11.84 29.40
N ASP B 585 6.92 -11.23 30.03
CA ASP B 585 6.73 -9.76 30.13
C ASP B 585 7.63 -9.22 31.24
N LEU B 586 8.12 -7.97 31.09
CA LEU B 586 8.94 -7.29 32.12
C LEU B 586 8.12 -7.19 33.42
N ASP B 587 8.71 -7.63 34.53
CA ASP B 587 8.21 -7.38 35.90
C ASP B 587 8.65 -5.97 36.31
N PRO B 588 7.71 -5.00 36.43
CA PRO B 588 8.05 -3.62 36.77
C PRO B 588 8.94 -3.47 38.03
N SER B 589 8.76 -4.36 39.02
CA SER B 589 9.50 -4.32 40.31
C SER B 589 10.99 -4.70 40.12
N SER B 590 11.37 -5.18 38.93
CA SER B 590 12.78 -5.48 38.55
C SER B 590 13.49 -4.22 38.02
N ILE B 591 12.75 -3.13 37.75
CA ILE B 591 13.33 -1.80 37.34
C ILE B 591 13.83 -1.10 38.60
N PRO B 592 15.16 -1.00 38.86
CA PRO B 592 15.66 -0.26 40.01
C PRO B 592 15.20 1.21 39.98
N ASP B 593 14.84 1.74 41.16
CA ASP B 593 14.35 3.14 41.33
C ASP B 593 15.42 4.11 40.86
N GLU B 594 16.70 3.81 41.14
CA GLU B 594 17.86 4.66 40.75
C GLU B 594 17.88 4.83 39.22
N GLU B 595 17.46 3.82 38.46
CA GLU B 595 17.39 3.91 36.98
C GLU B 595 16.14 4.70 36.59
N SER B 596 14.98 4.43 37.21
CA SER B 596 13.72 5.17 36.96
C SER B 596 13.97 6.68 37.10
N ASP B 597 14.75 7.08 38.11
CA ASP B 597 15.02 8.50 38.47
C ASP B 597 15.81 9.22 37.38
N ILE B 598 16.55 8.52 36.52
CA ILE B 598 17.42 9.14 35.48
C ILE B 598 16.82 8.93 34.09
N SER B 599 15.53 8.58 33.99
CA SER B 599 14.90 8.11 32.73
C SER B 599 13.85 9.09 32.20
N ALA B 600 13.86 10.36 32.63
CA ALA B 600 13.04 11.42 32.01
C ALA B 600 13.35 11.43 30.51
N LEU B 601 12.31 11.48 29.68
CA LEU B 601 12.38 11.40 28.20
C LEU B 601 12.33 12.80 27.60
N PRO B 602 12.60 12.97 26.29
CA PRO B 602 12.64 14.30 25.69
C PRO B 602 11.25 14.92 25.50
N ASP B 603 11.21 16.25 25.37
CA ASP B 603 10.05 17.02 24.85
C ASP B 603 10.08 16.90 23.32
N ASN B 604 9.31 15.96 22.76
CA ASN B 604 9.33 15.62 21.32
C ASN B 604 8.65 16.74 20.52
N VAL B 605 9.08 16.96 19.29
CA VAL B 605 8.49 17.96 18.35
C VAL B 605 7.27 17.32 17.69
N THR B 606 6.08 17.93 17.85
CA THR B 606 4.78 17.40 17.38
C THR B 606 4.24 18.22 16.20
N LYS B 607 4.91 19.32 15.83
CA LYS B 607 4.52 20.19 14.69
C LYS B 607 5.76 20.46 13.84
N PRO B 608 5.63 20.53 12.50
CA PRO B 608 6.78 20.77 11.63
C PRO B 608 7.42 22.14 11.93
N HIS B 609 8.72 22.26 11.71
CA HIS B 609 9.48 23.53 11.95
C HIS B 609 8.97 24.61 11.00
N HIS B 610 8.59 24.26 9.77
CA HIS B 610 8.17 25.18 8.69
C HIS B 610 6.84 24.73 8.06
N VAL C 2 19.08 30.44 -64.91
CA VAL C 2 19.89 31.38 -64.08
C VAL C 2 18.96 32.08 -63.07
N ASN C 3 19.48 32.36 -61.86
CA ASN C 3 18.81 33.10 -60.74
C ASN C 3 17.45 32.48 -60.39
N GLU C 4 17.33 31.14 -60.45
CA GLU C 4 16.17 30.40 -59.89
C GLU C 4 16.17 30.62 -58.37
N ALA C 5 17.31 30.30 -57.72
CA ALA C 5 17.47 30.33 -56.25
C ALA C 5 17.21 31.73 -55.71
N PHE C 6 16.59 31.81 -54.54
CA PHE C 6 16.55 33.02 -53.66
C PHE C 6 16.56 32.53 -52.21
N ASP C 7 16.87 33.43 -51.27
CA ASP C 7 16.87 33.13 -49.81
C ASP C 7 15.61 33.78 -49.20
N LEU C 8 14.56 32.98 -48.97
CA LEU C 8 13.25 33.50 -48.50
C LEU C 8 13.43 34.13 -47.11
N TRP C 9 14.17 33.48 -46.22
CA TRP C 9 14.28 33.90 -44.80
C TRP C 9 15.26 35.07 -44.62
N GLN C 10 16.06 35.42 -45.64
CA GLN C 10 16.99 36.59 -45.62
C GLN C 10 16.35 37.75 -46.39
N GLU C 11 16.00 37.50 -47.65
CA GLU C 11 15.55 38.51 -48.64
C GLU C 11 14.10 38.92 -48.35
N CYS C 12 13.24 37.99 -47.94
CA CYS C 12 11.79 38.24 -47.78
C CYS C 12 11.39 38.29 -46.29
N ALA C 13 12.39 38.30 -45.39
CA ALA C 13 12.23 38.43 -43.92
C ALA C 13 11.34 39.63 -43.60
N THR C 14 11.63 40.79 -44.19
CA THR C 14 10.81 42.02 -44.03
C THR C 14 9.90 42.18 -45.25
N HIS C 15 10.49 42.37 -46.44
CA HIS C 15 9.75 42.60 -47.71
C HIS C 15 10.69 42.44 -48.90
N CYS C 16 10.34 41.57 -49.85
CA CYS C 16 11.01 41.41 -51.18
C CYS C 16 9.94 41.56 -52.27
N GLN C 17 10.32 42.11 -53.42
CA GLN C 17 9.55 41.96 -54.69
C GLN C 17 10.26 40.88 -55.50
N LEU C 18 9.68 39.68 -55.57
CA LEU C 18 10.30 38.50 -56.23
C LEU C 18 9.95 38.56 -57.72
N ASP C 19 10.96 38.46 -58.59
CA ASP C 19 10.78 38.48 -60.07
C ASP C 19 10.40 37.06 -60.52
N LEU C 20 9.24 36.92 -61.17
CA LEU C 20 8.72 35.64 -61.71
C LEU C 20 8.77 35.64 -63.25
N SER C 21 9.43 36.63 -63.86
CA SER C 21 9.56 36.84 -65.33
C SER C 21 10.36 35.70 -65.96
N GLN C 22 11.50 35.33 -65.35
CA GLN C 22 12.48 34.37 -65.89
C GLN C 22 12.15 32.96 -65.39
N GLY C 23 10.91 32.70 -64.98
CA GLY C 23 10.40 31.36 -64.66
C GLY C 23 10.37 31.07 -63.16
N ILE C 24 10.45 29.80 -62.79
CA ILE C 24 10.27 29.30 -61.39
C ILE C 24 11.37 29.89 -60.50
N ARG C 25 11.00 30.32 -59.29
CA ARG C 25 11.93 30.68 -58.19
C ARG C 25 11.81 29.63 -57.09
N SER C 26 12.93 29.28 -56.44
CA SER C 26 12.99 28.27 -55.37
C SER C 26 13.93 28.76 -54.26
N SER C 27 13.58 28.48 -53.01
CA SER C 27 14.39 28.81 -51.81
C SER C 27 14.40 27.60 -50.86
N GLU C 28 15.60 27.11 -50.52
CA GLU C 28 15.79 26.12 -49.44
C GLU C 28 15.41 26.76 -48.10
N LEU C 29 14.50 26.13 -47.34
CA LEU C 29 14.20 26.47 -45.93
C LEU C 29 14.95 25.49 -45.03
N ASP C 30 16.16 25.86 -44.59
CA ASP C 30 17.09 24.99 -43.83
C ASP C 30 17.01 25.35 -42.34
N LEU C 31 16.39 24.49 -41.54
CA LEU C 31 16.12 24.71 -40.10
C LEU C 31 17.19 24.02 -39.25
N THR C 32 17.94 23.07 -39.83
CA THR C 32 18.90 22.21 -39.09
C THR C 32 19.92 23.06 -38.34
N PRO C 33 20.52 24.11 -38.95
CA PRO C 33 21.45 24.98 -38.20
C PRO C 33 20.81 25.71 -37.01
N LEU C 34 19.51 26.00 -37.08
CA LEU C 34 18.80 26.93 -36.16
C LEU C 34 17.98 26.17 -35.10
N PHE C 35 17.80 24.86 -35.25
CA PHE C 35 16.82 24.09 -34.44
C PHE C 35 17.05 22.59 -34.63
N GLU C 36 17.40 21.91 -33.55
CA GLU C 36 17.60 20.44 -33.46
C GLU C 36 16.28 19.82 -33.01
N THR C 37 15.70 18.90 -33.79
CA THR C 37 14.38 18.28 -33.52
C THR C 37 14.49 17.20 -32.44
N SER C 38 15.70 16.66 -32.23
CA SER C 38 16.01 15.66 -31.19
C SER C 38 15.65 16.22 -29.81
N ASN C 39 14.83 15.49 -29.06
CA ASN C 39 14.35 15.86 -27.70
C ASN C 39 13.60 17.19 -27.74
N GLU C 40 12.97 17.54 -28.87
CA GLU C 40 11.96 18.63 -28.95
C GLU C 40 10.58 18.01 -29.18
N GLU C 41 9.57 18.57 -28.52
CA GLU C 41 8.14 18.25 -28.74
C GLU C 41 7.36 19.56 -28.72
N GLY C 42 6.73 19.91 -29.84
CA GLY C 42 6.05 21.22 -29.98
C GLY C 42 5.65 21.47 -31.42
N ILE C 43 5.43 22.74 -31.77
CA ILE C 43 4.83 23.17 -33.06
C ILE C 43 5.78 24.14 -33.76
N LEU C 44 6.15 23.83 -34.99
CA LEU C 44 6.75 24.78 -35.95
C LEU C 44 5.61 25.48 -36.70
N HIS C 45 5.62 26.82 -36.69
CA HIS C 45 4.66 27.70 -37.41
C HIS C 45 5.43 28.44 -38.51
N TYR C 46 5.38 27.92 -39.74
CA TYR C 46 5.91 28.59 -40.95
C TYR C 46 4.86 29.57 -41.45
N SER C 47 5.27 30.78 -41.85
CA SER C 47 4.35 31.75 -42.47
C SER C 47 5.10 32.70 -43.39
N MET C 48 4.35 33.32 -44.28
CA MET C 48 4.79 34.47 -45.10
C MET C 48 3.52 35.20 -45.54
N LEU C 49 3.61 36.52 -45.69
CA LEU C 49 2.52 37.38 -46.19
C LEU C 49 2.73 37.59 -47.70
N LEU C 50 1.70 37.28 -48.49
CA LEU C 50 1.67 37.47 -49.95
C LEU C 50 0.87 38.74 -50.24
N GLY C 51 1.53 39.74 -50.84
CA GLY C 51 0.94 41.05 -51.15
C GLY C 51 0.50 41.14 -52.60
N GLU C 52 0.77 42.28 -53.25
CA GLU C 52 0.47 42.50 -54.69
C GLU C 52 1.14 41.39 -55.51
N GLY C 53 0.40 40.82 -56.47
CA GLY C 53 0.88 39.74 -57.36
C GLY C 53 0.68 38.35 -56.75
N ASN C 54 -0.14 38.25 -55.70
CA ASN C 54 -0.45 36.95 -55.04
C ASN C 54 -1.49 36.17 -55.86
N GLU C 55 -2.02 36.77 -56.93
CA GLU C 55 -3.03 36.13 -57.82
C GLU C 55 -2.32 35.53 -59.05
N GLY C 56 -2.77 34.36 -59.48
CA GLY C 56 -2.23 33.65 -60.67
C GLY C 56 -0.86 33.03 -60.39
N LEU C 57 -0.64 32.56 -59.17
CA LEU C 57 0.63 31.89 -58.76
C LEU C 57 0.43 30.39 -58.56
N LYS C 58 1.51 29.63 -58.77
CA LYS C 58 1.68 28.24 -58.31
C LYS C 58 2.79 28.24 -57.26
N LEU C 59 2.43 27.84 -56.04
CA LEU C 59 3.33 27.74 -54.85
C LEU C 59 3.47 26.25 -54.54
N ALA C 60 4.56 25.84 -53.91
CA ALA C 60 4.74 24.44 -53.48
C ALA C 60 5.76 24.35 -52.35
N ILE C 61 5.55 23.41 -51.45
CA ILE C 61 6.54 22.93 -50.44
C ILE C 61 6.98 21.53 -50.89
N ASP C 62 8.23 21.40 -51.34
CA ASP C 62 8.80 20.17 -51.96
C ASP C 62 7.88 19.75 -53.10
N ASN C 63 7.63 18.44 -53.22
CA ASN C 63 6.63 17.83 -54.12
C ASN C 63 5.37 17.51 -53.30
N ALA C 64 5.29 17.99 -52.06
CA ALA C 64 4.33 17.53 -51.03
C ALA C 64 3.01 18.31 -51.11
N LEU C 65 3.08 19.63 -51.15
CA LEU C 65 1.90 20.53 -51.07
C LEU C 65 1.98 21.57 -52.20
N THR C 66 0.95 21.67 -53.02
CA THR C 66 0.92 22.55 -54.21
C THR C 66 -0.32 23.43 -54.15
N LEU C 67 -0.13 24.75 -54.20
CA LEU C 67 -1.22 25.75 -54.17
C LEU C 67 -1.32 26.45 -55.52
N HIS C 68 -2.54 26.73 -55.96
CA HIS C 68 -2.87 27.59 -57.14
C HIS C 68 -3.74 28.74 -56.64
N THR C 69 -3.36 29.98 -56.94
CA THR C 69 -4.10 31.20 -56.51
C THR C 69 -4.77 31.85 -57.73
N THR C 70 -5.99 32.34 -57.52
CA THR C 70 -6.70 33.28 -58.42
C THR C 70 -7.18 34.44 -57.55
N HIS C 71 -7.92 35.39 -58.11
CA HIS C 71 -8.49 36.53 -57.36
C HIS C 71 -9.49 36.01 -56.32
N SER C 72 -10.24 34.96 -56.65
CA SER C 72 -11.43 34.52 -55.89
C SER C 72 -11.19 33.20 -55.13
N THR C 73 -10.15 32.43 -55.49
CA THR C 73 -9.91 31.07 -54.90
C THR C 73 -8.43 30.88 -54.54
N ILE C 74 -8.18 30.13 -53.47
CA ILE C 74 -6.88 29.49 -53.13
C ILE C 74 -7.14 27.98 -53.12
N ASN C 75 -6.59 27.26 -54.10
CA ASN C 75 -6.74 25.79 -54.25
C ASN C 75 -5.41 25.12 -53.92
N PHE C 76 -5.46 23.93 -53.33
CA PHE C 76 -4.24 23.18 -53.00
C PHE C 76 -4.50 21.67 -53.06
N THR C 77 -3.43 20.94 -53.28
CA THR C 77 -3.36 19.46 -53.32
C THR C 77 -2.20 19.07 -52.42
N SER C 78 -2.45 18.15 -51.48
CA SER C 78 -1.45 17.65 -50.51
C SER C 78 -1.31 16.14 -50.67
N GLU C 79 -0.08 15.63 -50.54
CA GLU C 79 0.20 14.19 -50.35
C GLU C 79 -0.37 13.78 -48.98
N THR C 80 -0.61 12.49 -48.79
CA THR C 80 -1.08 11.89 -47.53
C THR C 80 -0.15 10.73 -47.17
N ALA C 81 -0.28 10.21 -45.95
CA ALA C 81 0.56 9.11 -45.42
C ALA C 81 0.48 7.92 -46.39
N GLU C 82 -0.73 7.47 -46.74
CA GLU C 82 -0.94 6.21 -47.51
C GLU C 82 -2.13 6.29 -48.49
N SER C 83 -2.97 7.33 -48.47
CA SER C 83 -4.28 7.35 -49.19
C SER C 83 -4.20 8.16 -50.50
N GLY C 84 -3.01 8.52 -50.97
CA GLY C 84 -2.85 9.35 -52.18
C GLY C 84 -3.25 10.81 -51.97
N PRO C 85 -3.12 11.67 -52.99
CA PRO C 85 -3.32 13.11 -52.81
C PRO C 85 -4.79 13.48 -52.56
N ARG C 86 -4.99 14.58 -51.81
CA ARG C 86 -6.29 15.22 -51.55
C ARG C 86 -6.24 16.68 -52.00
N SER C 87 -7.35 17.19 -52.52
CA SER C 87 -7.49 18.56 -53.05
C SER C 87 -8.62 19.30 -52.33
N TYR C 88 -8.42 20.59 -52.07
CA TYR C 88 -9.39 21.50 -51.42
C TYR C 88 -9.42 22.81 -52.21
N SER C 89 -10.59 23.41 -52.33
CA SER C 89 -10.80 24.73 -52.93
C SER C 89 -11.33 25.68 -51.84
N TYR C 90 -10.60 26.77 -51.56
CA TYR C 90 -11.03 27.83 -50.61
C TYR C 90 -11.50 29.05 -51.41
N ILE C 91 -12.76 29.44 -51.25
CA ILE C 91 -13.33 30.70 -51.84
C ILE C 91 -12.92 31.86 -50.92
N ARG C 92 -12.11 32.78 -51.42
CA ARG C 92 -11.52 33.89 -50.64
C ARG C 92 -12.62 34.78 -50.06
N LYS C 93 -12.46 35.19 -48.80
CA LYS C 93 -13.38 36.13 -48.09
C LYS C 93 -12.87 37.57 -48.18
N GLY C 94 -11.59 37.75 -48.51
CA GLY C 94 -10.94 39.08 -48.67
C GLY C 94 -10.47 39.26 -50.10
N GLU C 95 -9.90 40.42 -50.43
CA GLU C 95 -9.41 40.71 -51.81
C GLU C 95 -8.12 41.53 -51.76
N ASN C 96 -7.31 41.34 -50.73
CA ASN C 96 -6.05 42.08 -50.50
C ASN C 96 -4.98 41.06 -50.08
N ASN C 97 -4.11 41.39 -49.13
CA ASN C 97 -3.00 40.51 -48.72
C ASN C 97 -3.57 39.29 -47.98
N TRP C 98 -2.82 38.20 -47.97
CA TRP C 98 -3.13 37.00 -47.15
C TRP C 98 -1.82 36.26 -46.83
N SER C 99 -1.75 35.65 -45.65
CA SER C 99 -0.58 34.87 -45.18
C SER C 99 -0.81 33.39 -45.48
N LEU C 100 0.21 32.73 -46.00
CA LEU C 100 0.27 31.25 -46.06
C LEU C 100 0.90 30.78 -44.75
N ASN C 101 0.19 29.92 -44.02
CA ASN C 101 0.58 29.39 -42.68
C ASN C 101 0.58 27.87 -42.76
N TRP C 102 1.66 27.22 -42.36
CA TRP C 102 1.62 25.75 -42.17
C TRP C 102 2.28 25.41 -40.84
N LEU C 103 1.64 24.49 -40.11
CA LEU C 103 2.11 24.00 -38.79
C LEU C 103 2.65 22.58 -38.97
N VAL C 104 3.84 22.34 -38.44
CA VAL C 104 4.50 21.00 -38.44
C VAL C 104 4.76 20.64 -36.98
N PRO C 105 4.05 19.64 -36.43
CA PRO C 105 4.29 19.19 -35.06
C PRO C 105 5.62 18.44 -35.07
N VAL C 106 6.38 18.59 -33.98
CA VAL C 106 7.73 17.98 -33.78
C VAL C 106 7.64 17.08 -32.55
N GLY C 107 8.24 15.89 -32.61
CA GLY C 107 8.32 14.94 -31.48
C GLY C 107 7.81 13.57 -31.88
N ASP C 108 8.41 12.51 -31.35
CA ASP C 108 8.09 11.10 -31.70
C ASP C 108 6.64 10.78 -31.29
N ASP C 109 6.15 11.43 -30.24
CA ASP C 109 4.79 11.22 -29.67
C ASP C 109 3.82 12.30 -30.17
N ALA C 110 4.29 13.22 -31.03
CA ALA C 110 3.49 14.37 -31.49
C ALA C 110 2.53 13.88 -32.58
N PRO C 111 1.44 14.63 -32.86
CA PRO C 111 0.46 14.21 -33.85
C PRO C 111 1.07 13.96 -35.24
N ALA C 112 0.38 13.18 -36.06
CA ALA C 112 0.87 12.78 -37.40
C ALA C 112 0.12 13.57 -38.48
N SER C 113 -0.21 14.83 -38.25
CA SER C 113 -0.84 15.70 -39.27
C SER C 113 -0.17 17.07 -39.29
N ILE C 114 -0.16 17.70 -40.46
CA ILE C 114 0.22 19.14 -40.64
C ILE C 114 -1.07 19.94 -40.74
N LYS C 115 -0.98 21.23 -40.44
CA LYS C 115 -2.08 22.20 -40.61
C LYS C 115 -1.68 23.20 -41.70
N ILE C 116 -2.64 23.58 -42.53
CA ILE C 116 -2.51 24.65 -43.55
C ILE C 116 -3.71 25.59 -43.39
N PHE C 117 -3.47 26.90 -43.34
CA PHE C 117 -4.57 27.90 -43.28
C PHE C 117 -4.08 29.24 -43.85
N PHE C 118 -5.05 30.00 -44.35
CA PHE C 118 -4.87 31.29 -45.04
C PHE C 118 -5.57 32.35 -44.20
N LEU C 119 -4.80 33.32 -43.73
CA LEU C 119 -5.31 34.47 -42.96
C LEU C 119 -5.37 35.66 -43.93
N GLU C 120 -6.57 36.17 -44.19
CA GLU C 120 -6.80 37.25 -45.17
C GLU C 120 -6.93 38.58 -44.42
N GLN C 121 -6.21 39.57 -44.92
CA GLN C 121 -6.18 40.94 -44.33
C GLN C 121 -7.28 41.78 -45.00
N ASP C 122 -7.72 42.83 -44.29
CA ASP C 122 -8.54 43.93 -44.84
C ASP C 122 -7.65 44.82 -45.72
N ALA C 123 -8.23 45.83 -46.36
CA ALA C 123 -7.55 46.76 -47.29
C ALA C 123 -6.40 47.50 -46.58
N VAL C 124 -6.41 47.55 -45.25
CA VAL C 124 -5.43 48.28 -44.39
C VAL C 124 -4.31 47.34 -43.90
N GLY C 125 -4.36 46.04 -44.20
CA GLY C 125 -3.27 45.09 -43.88
C GLY C 125 -3.39 44.50 -42.47
N LEU C 126 -4.59 44.52 -41.88
CA LEU C 126 -4.87 43.87 -40.57
C LEU C 126 -5.65 42.57 -40.79
N ASN C 127 -5.34 41.54 -40.00
CA ASN C 127 -5.96 40.19 -40.10
C ASN C 127 -7.47 40.31 -39.85
N ARG C 128 -8.29 39.87 -40.80
CA ARG C 128 -9.76 40.07 -40.75
C ARG C 128 -10.52 38.75 -40.92
N TYR C 129 -10.04 37.83 -41.76
CA TYR C 129 -10.75 36.57 -42.11
C TYR C 129 -9.75 35.41 -42.08
N ILE C 130 -10.22 34.23 -41.68
CA ILE C 130 -9.42 32.98 -41.74
C ILE C 130 -10.16 31.94 -42.60
N SER C 131 -9.40 31.19 -43.37
CA SER C 131 -9.87 30.01 -44.13
C SER C 131 -10.25 28.92 -43.13
N PRO C 132 -10.83 27.78 -43.60
CA PRO C 132 -10.79 26.57 -42.81
C PRO C 132 -9.33 26.32 -42.43
N ILE C 133 -9.10 25.76 -41.25
CA ILE C 133 -7.82 25.11 -40.88
C ILE C 133 -7.86 23.70 -41.49
N TYR C 134 -6.99 23.43 -42.47
CA TYR C 134 -6.90 22.12 -43.15
C TYR C 134 -5.86 21.25 -42.45
N SER C 135 -6.28 20.09 -41.95
CA SER C 135 -5.45 19.08 -41.26
C SER C 135 -5.29 17.87 -42.17
N ILE C 136 -4.05 17.59 -42.59
CA ILE C 136 -3.71 16.50 -43.54
C ILE C 136 -2.78 15.52 -42.82
N GLU C 137 -3.16 14.23 -42.74
CA GLU C 137 -2.28 13.17 -42.21
C GLU C 137 -1.26 12.80 -43.28
N VAL C 138 0.03 12.99 -42.97
CA VAL C 138 1.16 12.80 -43.92
C VAL C 138 2.10 11.76 -43.31
N SER C 139 3.03 11.24 -44.12
CA SER C 139 3.98 10.16 -43.72
C SER C 139 4.91 10.69 -42.63
N ASN C 140 5.43 9.79 -41.80
CA ASN C 140 6.54 10.07 -40.84
C ASN C 140 7.70 10.77 -41.57
N ASN C 141 8.00 10.36 -42.81
CA ASN C 141 9.14 10.90 -43.59
C ASN C 141 8.93 12.38 -43.87
N LEU C 142 7.73 12.76 -44.30
CA LEU C 142 7.39 14.18 -44.60
C LEU C 142 7.35 14.98 -43.28
N LEU C 143 6.74 14.45 -42.22
CA LEU C 143 6.69 15.13 -40.89
C LEU C 143 8.12 15.44 -40.41
N ASN C 144 9.07 14.52 -40.64
CA ASN C 144 10.48 14.71 -40.23
C ASN C 144 11.15 15.73 -41.15
N SER C 145 11.00 15.60 -42.47
CA SER C 145 11.68 16.46 -43.47
C SER C 145 11.19 17.92 -43.36
N LEU C 146 9.91 18.15 -43.07
CA LEU C 146 9.36 19.52 -42.93
C LEU C 146 9.83 20.18 -41.62
N ALA C 147 10.43 19.40 -40.72
CA ALA C 147 11.04 19.89 -39.45
C ALA C 147 12.55 20.11 -39.61
N HIS C 148 13.12 19.87 -40.80
CA HIS C 148 14.59 19.87 -41.05
C HIS C 148 14.92 20.75 -42.25
N LYS C 149 14.61 20.30 -43.46
CA LYS C 149 14.86 21.02 -44.75
C LYS C 149 13.70 20.76 -45.71
N SER C 150 13.10 21.83 -46.21
CA SER C 150 12.10 21.80 -47.30
C SER C 150 12.46 22.91 -48.28
N THR C 151 11.96 22.82 -49.52
CA THR C 151 12.16 23.85 -50.56
C THR C 151 10.81 24.49 -50.87
N PHE C 152 10.77 25.83 -50.83
CA PHE C 152 9.61 26.65 -51.27
C PHE C 152 9.80 27.00 -52.75
N TYR C 153 8.82 26.66 -53.58
CA TYR C 153 8.81 26.95 -55.04
C TYR C 153 7.67 27.93 -55.32
N ILE C 154 7.90 28.88 -56.23
CA ILE C 154 6.89 29.91 -56.61
C ILE C 154 7.09 30.28 -58.08
N ARG C 155 5.99 30.44 -58.81
CA ARG C 155 5.96 30.58 -60.29
C ARG C 155 4.66 31.27 -60.68
N ALA C 156 4.67 32.07 -61.75
CA ALA C 156 3.43 32.57 -62.40
C ALA C 156 2.78 31.40 -63.16
N PHE C 157 1.45 31.32 -63.15
CA PHE C 157 0.64 30.27 -63.82
C PHE C 157 -0.28 30.92 -64.86
N SER C 164 5.05 40.68 -63.93
CA SER C 164 5.09 39.28 -63.40
C SER C 164 6.02 39.21 -62.20
N MET C 165 5.52 39.57 -61.02
CA MET C 165 6.30 39.58 -59.75
C MET C 165 5.33 39.45 -58.58
N VAL C 166 5.85 39.11 -57.39
CA VAL C 166 5.02 38.95 -56.16
C VAL C 166 5.72 39.65 -54.99
N ASN C 167 4.93 40.38 -54.20
CA ASN C 167 5.39 40.95 -52.91
C ASN C 167 5.28 39.85 -51.84
N ILE C 168 6.40 39.48 -51.23
CA ILE C 168 6.47 38.57 -50.05
C ILE C 168 7.11 39.36 -48.90
N SER C 169 6.52 39.25 -47.70
CA SER C 169 6.96 39.97 -46.49
C SER C 169 6.74 39.08 -45.26
N SER C 170 7.49 39.33 -44.19
CA SER C 170 7.36 38.64 -42.89
C SER C 170 7.49 37.12 -43.09
N ALA C 171 8.40 36.68 -43.97
CA ALA C 171 8.72 35.25 -44.19
C ALA C 171 9.56 34.75 -43.02
N GLY C 172 9.17 33.63 -42.43
CA GLY C 172 9.91 33.04 -41.30
C GLY C 172 9.21 31.82 -40.72
N VAL C 173 9.73 31.35 -39.59
CA VAL C 173 9.20 30.19 -38.83
C VAL C 173 9.43 30.48 -37.34
N SER C 174 8.41 30.21 -36.55
CA SER C 174 8.42 30.30 -35.06
C SER C 174 8.16 28.91 -34.50
N TYR C 175 8.50 28.72 -33.23
CA TYR C 175 8.39 27.43 -32.51
C TYR C 175 7.81 27.69 -31.11
N VAL C 176 6.95 26.80 -30.65
CA VAL C 176 6.46 26.78 -29.24
C VAL C 176 6.50 25.32 -28.77
N ALA C 177 7.13 25.07 -27.62
CA ALA C 177 7.31 23.72 -27.03
C ALA C 177 6.03 23.29 -26.31
N ALA C 178 5.66 22.01 -26.44
CA ALA C 178 4.50 21.39 -25.76
C ALA C 178 4.78 21.36 -24.26
N PRO C 179 3.78 21.62 -23.40
CA PRO C 179 3.97 21.56 -21.95
C PRO C 179 4.06 20.12 -21.45
N GLN C 180 5.24 19.75 -20.93
CA GLN C 180 5.57 18.37 -20.45
C GLN C 180 4.93 18.09 -19.09
N GLN C 181 4.40 19.09 -18.39
CA GLN C 181 3.71 18.91 -17.08
C GLN C 181 2.34 18.24 -17.28
N HIS C 182 1.83 18.22 -18.52
CA HIS C 182 0.51 17.62 -18.89
C HIS C 182 0.71 16.24 -19.53
N HIS C 183 -0.13 15.27 -19.18
CA HIS C 183 -0.19 13.92 -19.82
C HIS C 183 -0.33 14.08 -21.34
N ARG C 184 0.22 13.14 -22.11
CA ARG C 184 0.28 13.16 -23.60
C ARG C 184 -1.14 13.38 -24.18
N GLN C 185 -2.17 12.76 -23.61
CA GLN C 185 -3.56 12.86 -24.13
C GLN C 185 -4.01 14.33 -24.05
N LYS C 186 -3.98 14.91 -22.86
CA LYS C 186 -4.40 16.32 -22.62
C LYS C 186 -3.52 17.28 -23.43
N ARG C 187 -2.21 17.02 -23.52
CA ARG C 187 -1.18 17.94 -24.07
C ARG C 187 -1.54 18.37 -25.50
N TRP C 188 -2.02 17.44 -26.33
CA TRP C 188 -2.31 17.69 -27.77
C TRP C 188 -3.82 17.68 -28.05
N SER C 189 -4.63 17.79 -26.99
CA SER C 189 -6.10 17.62 -27.05
C SER C 189 -6.72 18.67 -27.99
N GLU C 190 -6.18 19.89 -28.06
CA GLU C 190 -6.77 20.98 -28.89
C GLU C 190 -6.22 20.95 -30.33
N TRP C 191 -5.41 19.95 -30.68
CA TRP C 191 -4.78 19.86 -32.02
C TRP C 191 -5.86 19.84 -33.12
N HIS C 192 -7.00 19.19 -32.87
CA HIS C 192 -8.09 19.03 -33.87
C HIS C 192 -9.31 19.90 -33.53
N THR C 193 -9.09 21.08 -32.92
CA THR C 193 -10.15 22.08 -32.61
C THR C 193 -9.73 23.48 -33.10
N GLY C 194 -10.70 24.41 -33.15
CA GLY C 194 -10.46 25.84 -33.44
C GLY C 194 -9.51 26.46 -32.41
N LYS C 195 -9.47 25.90 -31.20
CA LYS C 195 -8.63 26.44 -30.08
C LYS C 195 -7.15 26.25 -30.39
N LEU C 196 -6.79 25.49 -31.43
CA LEU C 196 -5.42 25.43 -32.02
C LEU C 196 -4.83 26.84 -32.15
N LEU C 197 -5.65 27.81 -32.61
CA LEU C 197 -5.19 29.20 -32.86
C LEU C 197 -4.66 29.83 -31.56
N CYS C 198 -5.13 29.37 -30.39
CA CYS C 198 -4.72 29.87 -29.06
C CYS C 198 -3.29 29.45 -28.71
N PHE C 199 -2.70 28.51 -29.45
CA PHE C 199 -1.29 28.05 -29.29
C PHE C 199 -0.31 29.04 -29.92
N LEU C 200 -0.79 29.90 -30.82
CA LEU C 200 0.05 30.72 -31.74
C LEU C 200 -0.18 32.20 -31.40
N ASP C 201 0.80 32.80 -30.73
CA ASP C 201 0.75 34.16 -30.10
C ASP C 201 0.05 35.18 -31.01
N PRO C 202 0.35 35.26 -32.32
CA PRO C 202 -0.33 36.24 -33.18
C PRO C 202 -1.84 36.05 -33.39
N PHE C 203 -2.41 34.90 -33.04
CA PHE C 203 -3.83 34.57 -33.36
C PHE C 203 -4.71 34.38 -32.10
N ASP C 204 -4.15 34.34 -30.88
CA ASP C 204 -4.97 34.20 -29.65
C ASP C 204 -6.13 35.20 -29.69
N ALA C 205 -5.84 36.48 -29.90
CA ALA C 205 -6.83 37.57 -29.80
C ALA C 205 -7.83 37.44 -30.95
N PHE C 206 -7.36 37.04 -32.14
CA PHE C 206 -8.23 36.77 -33.31
C PHE C 206 -9.26 35.70 -32.91
N TYR C 207 -8.80 34.59 -32.30
CA TYR C 207 -9.72 33.55 -31.78
C TYR C 207 -10.75 34.19 -30.83
N ASN C 208 -10.28 34.96 -29.85
CA ASN C 208 -11.16 35.61 -28.84
C ASN C 208 -12.21 36.51 -29.53
N TYR C 209 -11.81 37.31 -30.51
CA TYR C 209 -12.72 38.31 -31.15
C TYR C 209 -13.71 37.59 -32.07
N VAL C 210 -13.26 36.55 -32.77
CA VAL C 210 -14.09 35.84 -33.78
C VAL C 210 -15.08 34.88 -33.07
N THR C 211 -14.71 34.28 -31.93
CA THR C 211 -15.55 33.27 -31.25
C THR C 211 -16.18 33.81 -29.96
N GLN C 212 -15.65 34.89 -29.38
CA GLN C 212 -16.07 35.41 -28.04
C GLN C 212 -15.88 34.33 -26.97
N HIS C 213 -14.97 33.37 -27.20
CA HIS C 213 -14.60 32.33 -26.20
C HIS C 213 -13.19 32.63 -25.69
N THR C 214 -12.94 32.20 -24.45
CA THR C 214 -11.62 32.24 -23.76
C THR C 214 -10.63 31.33 -24.50
N CYS C 215 -9.34 31.69 -24.47
CA CYS C 215 -8.22 30.74 -24.73
C CYS C 215 -7.82 30.16 -23.37
N ASN C 216 -8.46 29.06 -22.94
CA ASN C 216 -8.30 28.52 -21.57
C ASN C 216 -6.81 28.25 -21.33
N PRO C 217 -6.18 28.90 -20.33
CA PRO C 217 -4.74 28.78 -20.12
C PRO C 217 -4.23 27.34 -20.10
N ASP C 218 -4.87 26.48 -19.29
CA ASP C 218 -4.37 25.12 -18.97
C ASP C 218 -4.51 24.18 -20.18
N ASP C 219 -5.39 24.50 -21.14
CA ASP C 219 -5.65 23.63 -22.33
C ASP C 219 -4.92 24.16 -23.57
N THR C 220 -4.48 25.43 -23.58
CA THR C 220 -3.95 26.07 -24.82
C THR C 220 -2.48 26.48 -24.66
N TRP C 221 -1.73 25.86 -23.74
CA TRP C 221 -0.24 25.99 -23.62
C TRP C 221 0.15 27.41 -23.19
N GLU C 222 -0.69 28.15 -22.48
CA GLU C 222 -0.37 29.54 -22.06
C GLU C 222 0.89 29.54 -21.20
N GLY C 223 1.84 30.43 -21.50
CA GLY C 223 3.11 30.56 -20.76
C GLY C 223 4.27 29.85 -21.45
N GLN C 224 3.98 28.99 -22.43
CA GLN C 224 5.04 28.39 -23.30
C GLN C 224 5.59 29.51 -24.18
N ILE C 225 6.90 29.50 -24.42
CA ILE C 225 7.59 30.60 -25.17
C ILE C 225 7.48 30.32 -26.66
N TYR C 226 6.72 31.15 -27.36
CA TYR C 226 6.58 31.18 -28.85
C TYR C 226 7.68 32.11 -29.36
N ARG C 227 8.70 31.55 -30.01
CA ARG C 227 9.94 32.29 -30.36
C ARG C 227 10.23 32.13 -31.85
N VAL C 228 10.83 33.17 -32.45
CA VAL C 228 11.23 33.20 -33.89
C VAL C 228 12.50 32.35 -34.03
N LEU C 229 12.52 31.51 -35.07
CA LEU C 229 13.66 30.60 -35.38
C LEU C 229 14.45 31.14 -36.56
N ALA C 230 13.77 31.67 -37.57
CA ALA C 230 14.39 32.21 -38.80
C ALA C 230 13.46 33.25 -39.42
N GLY C 231 14.04 34.17 -40.19
CA GLY C 231 13.31 35.27 -40.85
C GLY C 231 12.74 36.23 -39.84
N ASN C 232 11.68 36.95 -40.24
CA ASN C 232 10.98 37.97 -39.43
C ASN C 232 9.48 37.71 -39.51
N PRO C 233 8.98 36.56 -39.03
CA PRO C 233 7.57 36.22 -39.19
C PRO C 233 6.71 37.08 -38.24
N ALA C 234 5.43 37.26 -38.56
CA ALA C 234 4.46 37.99 -37.71
C ALA C 234 4.31 37.22 -36.40
N THR C 235 4.58 37.88 -35.27
CA THR C 235 4.51 37.33 -33.89
C THR C 235 3.44 38.07 -33.08
N LEU C 236 3.35 39.39 -33.23
CA LEU C 236 2.35 40.23 -32.53
C LEU C 236 0.98 40.06 -33.16
N ASP C 237 -0.07 40.31 -32.40
CA ASP C 237 -1.45 40.35 -32.93
C ASP C 237 -1.60 41.61 -33.79
N THR C 238 -2.16 41.48 -35.00
CA THR C 238 -2.51 42.62 -35.88
C THR C 238 -3.93 42.40 -36.40
N THR C 239 -4.81 41.90 -35.54
CA THR C 239 -6.24 41.65 -35.86
C THR C 239 -6.94 43.01 -36.06
N ALA C 240 -7.80 43.11 -37.08
CA ALA C 240 -8.66 44.28 -37.31
C ALA C 240 -9.49 44.50 -36.06
N PRO C 241 -9.38 45.68 -35.39
CA PRO C 241 -10.16 45.93 -34.16
C PRO C 241 -11.67 45.76 -34.35
N SER C 242 -12.14 45.93 -35.59
CA SER C 242 -13.56 45.90 -36.01
C SER C 242 -14.07 44.47 -36.21
N THR C 243 -13.20 43.45 -36.15
CA THR C 243 -13.54 42.03 -36.43
C THR C 243 -14.81 41.63 -35.66
N THR C 244 -15.79 41.04 -36.35
CA THR C 244 -17.09 40.60 -35.78
C THR C 244 -17.07 39.08 -35.60
N PRO C 245 -17.99 38.50 -34.80
CA PRO C 245 -18.02 37.05 -34.58
C PRO C 245 -18.22 36.31 -35.90
N ALA C 246 -17.52 35.18 -36.07
CA ALA C 246 -17.73 34.25 -37.20
C ALA C 246 -17.31 32.84 -36.78
N VAL C 247 -17.96 31.83 -37.38
CA VAL C 247 -17.64 30.41 -37.11
C VAL C 247 -16.27 30.13 -37.75
N ILE C 248 -15.34 29.56 -36.98
CA ILE C 248 -14.06 29.01 -37.52
C ILE C 248 -14.30 27.53 -37.80
N SER C 249 -13.91 27.06 -39.00
CA SER C 249 -14.00 25.63 -39.38
C SER C 249 -12.60 25.01 -39.35
N HIS C 250 -12.51 23.76 -38.86
CA HIS C 250 -11.26 22.98 -38.82
C HIS C 250 -11.56 21.64 -39.49
N ARG C 251 -11.00 21.43 -40.68
CA ARG C 251 -11.31 20.24 -41.52
C ARG C 251 -10.22 19.20 -41.28
N ILE C 252 -10.63 18.01 -40.87
CA ILE C 252 -9.69 16.94 -40.39
C ILE C 252 -9.81 15.71 -41.30
N HIS C 253 -8.72 15.43 -42.01
CA HIS C 253 -8.52 14.25 -42.88
C HIS C 253 -8.08 13.08 -42.00
N PHE C 254 -8.76 11.93 -42.13
CA PHE C 254 -8.34 10.63 -41.53
C PHE C 254 -7.82 9.70 -42.63
N ASP C 255 -6.50 9.54 -42.71
CA ASP C 255 -5.81 8.75 -43.76
C ASP C 255 -6.31 7.30 -43.73
N ARG C 256 -6.61 6.76 -42.55
CA ARG C 256 -7.03 5.33 -42.40
C ARG C 256 -8.46 5.12 -42.92
N GLY C 257 -9.19 6.20 -43.25
CA GLY C 257 -10.54 6.09 -43.84
C GLY C 257 -11.59 5.74 -42.80
N ASN C 258 -11.29 5.95 -41.51
CA ASN C 258 -12.17 5.55 -40.36
C ASN C 258 -12.61 6.80 -39.61
N SER C 259 -12.97 7.86 -40.34
CA SER C 259 -13.38 9.16 -39.76
C SER C 259 -14.66 9.00 -38.91
N LEU C 260 -15.71 8.36 -39.42
CA LEU C 260 -16.99 8.23 -38.68
C LEU C 260 -16.75 7.45 -37.38
N ALA C 261 -16.06 6.31 -37.47
CA ALA C 261 -15.75 5.44 -36.31
C ALA C 261 -14.94 6.22 -35.26
N SER C 262 -13.96 6.99 -35.70
CA SER C 262 -13.09 7.85 -34.85
C SER C 262 -13.90 8.98 -34.20
N LEU C 263 -14.69 9.71 -34.99
CA LEU C 263 -15.55 10.82 -34.48
C LEU C 263 -16.51 10.25 -33.42
N THR C 264 -17.14 9.12 -33.70
CA THR C 264 -18.09 8.46 -32.75
C THR C 264 -17.38 8.09 -31.44
N ALA C 265 -16.21 7.45 -31.49
CA ALA C 265 -15.41 7.10 -30.29
C ALA C 265 -15.09 8.37 -29.49
N HIS C 266 -14.78 9.47 -30.17
CA HIS C 266 -14.51 10.80 -29.56
C HIS C 266 -15.73 11.25 -28.75
N GLN C 267 -16.92 11.19 -29.36
CA GLN C 267 -18.21 11.65 -28.80
C GLN C 267 -18.70 10.70 -27.69
N VAL C 268 -18.47 9.39 -27.83
CA VAL C 268 -18.93 8.39 -26.83
C VAL C 268 -18.03 8.46 -25.59
N CYS C 269 -16.71 8.47 -25.77
CA CYS C 269 -15.71 8.27 -24.69
C CYS C 269 -15.29 9.61 -24.08
N GLY C 270 -15.58 10.72 -24.76
CA GLY C 270 -15.13 12.07 -24.37
C GLY C 270 -13.62 12.17 -24.37
N ILE C 271 -12.96 11.64 -25.40
CA ILE C 271 -11.49 11.71 -25.57
C ILE C 271 -11.17 12.56 -26.79
N PRO C 272 -10.09 13.35 -26.77
CA PRO C 272 -9.75 14.25 -27.88
C PRO C 272 -9.70 13.47 -29.21
N LEU C 273 -10.21 14.06 -30.30
CA LEU C 273 -10.23 13.43 -31.64
C LEU C 273 -8.80 13.11 -32.06
N GLU C 274 -7.82 13.93 -31.66
CA GLU C 274 -6.39 13.73 -32.02
C GLU C 274 -5.90 12.37 -31.50
N SER C 275 -6.36 11.95 -30.33
CA SER C 275 -5.97 10.67 -29.67
C SER C 275 -6.43 9.47 -30.52
N LEU C 276 -7.41 9.67 -31.42
CA LEU C 276 -7.96 8.60 -32.29
C LEU C 276 -7.44 8.77 -33.73
N ALA C 277 -6.61 9.79 -33.97
CA ALA C 277 -6.02 10.06 -35.30
C ALA C 277 -4.84 9.11 -35.52
N ARG C 278 -4.20 9.20 -36.68
CA ARG C 278 -2.98 8.45 -37.03
C ARG C 278 -1.89 8.71 -35.98
N THR C 279 -1.16 7.67 -35.58
CA THR C 279 0.01 7.79 -34.66
C THR C 279 1.31 7.60 -35.45
N ARG C 280 2.39 8.25 -35.03
CA ARG C 280 3.74 8.05 -35.61
C ARG C 280 4.23 6.63 -35.33
N HIS C 281 3.99 6.14 -34.11
CA HIS C 281 4.36 4.78 -33.62
C HIS C 281 3.15 4.12 -32.97
N PRO C 282 2.79 2.86 -33.36
CA PRO C 282 1.67 2.14 -32.76
C PRO C 282 1.54 2.31 -31.22
N ARG C 283 0.67 3.24 -30.79
CA ARG C 283 0.43 3.60 -29.37
C ARG C 283 -0.86 2.93 -28.89
N GLY C 284 -1.05 2.90 -27.56
CA GLY C 284 -2.33 2.60 -26.89
C GLY C 284 -2.28 3.00 -25.41
N TRP C 285 -2.94 4.10 -25.06
CA TRP C 285 -3.15 4.52 -23.65
C TRP C 285 -4.26 3.68 -23.03
N GLU C 286 -4.52 3.83 -21.74
CA GLU C 286 -5.52 2.99 -21.01
C GLU C 286 -6.92 3.31 -21.54
N GLU C 287 -7.31 4.59 -21.57
CA GLU C 287 -8.70 5.03 -21.93
C GLU C 287 -8.92 4.85 -23.44
N LEU C 288 -7.86 4.66 -24.23
CA LEU C 288 -7.99 4.23 -25.65
C LEU C 288 -8.30 2.73 -25.69
N ASN C 289 -7.55 1.89 -24.96
CA ASN C 289 -7.83 0.42 -24.94
C ASN C 289 -9.13 0.11 -24.18
N ASN C 290 -9.54 0.91 -23.20
CA ASN C 290 -10.74 0.61 -22.37
C ASN C 290 -12.04 1.11 -23.04
N CYS C 291 -11.99 2.20 -23.81
CA CYS C 291 -13.21 2.84 -24.40
C CYS C 291 -12.97 3.19 -25.88
N GLY C 292 -11.96 4.03 -26.16
CA GLY C 292 -11.77 4.65 -27.48
C GLY C 292 -11.70 3.63 -28.61
N TYR C 293 -10.77 2.68 -28.54
CA TYR C 293 -10.52 1.70 -29.62
C TYR C 293 -11.72 0.76 -29.73
N PRO C 294 -12.23 0.14 -28.63
CA PRO C 294 -13.40 -0.72 -28.72
C PRO C 294 -14.66 -0.05 -29.29
N VAL C 295 -14.91 1.22 -28.96
CA VAL C 295 -16.06 1.97 -29.51
C VAL C 295 -15.83 2.18 -31.03
N ARG C 296 -14.64 2.64 -31.43
CA ARG C 296 -14.26 2.82 -32.86
C ARG C 296 -14.45 1.48 -33.59
N ASN C 297 -14.01 0.38 -32.99
CA ASN C 297 -14.06 -0.97 -33.61
C ASN C 297 -15.52 -1.40 -33.78
N LEU C 298 -16.40 -1.08 -32.82
CA LEU C 298 -17.84 -1.41 -32.94
C LEU C 298 -18.44 -0.71 -34.17
N VAL C 299 -18.13 0.56 -34.40
CA VAL C 299 -18.66 1.28 -35.60
C VAL C 299 -18.12 0.61 -36.86
N SER C 300 -16.81 0.29 -36.89
CA SER C 300 -16.14 -0.39 -38.02
C SER C 300 -16.86 -1.71 -38.32
N LEU C 301 -17.15 -2.52 -37.29
CA LEU C 301 -17.86 -3.82 -37.43
C LEU C 301 -19.27 -3.59 -37.99
N PHE C 302 -19.98 -2.58 -37.49
CA PHE C 302 -21.35 -2.26 -37.95
C PHE C 302 -21.31 -1.88 -39.44
N ILE C 303 -20.31 -1.08 -39.83
CA ILE C 303 -20.08 -0.69 -41.26
C ILE C 303 -19.82 -1.94 -42.11
N LEU C 304 -18.99 -2.87 -41.64
CA LEU C 304 -18.59 -4.08 -42.41
C LEU C 304 -19.77 -5.04 -42.55
N ALA C 305 -20.74 -5.02 -41.63
CA ALA C 305 -21.95 -5.87 -41.69
C ALA C 305 -22.93 -5.35 -42.74
N ARG C 306 -22.74 -4.11 -43.24
CA ARG C 306 -23.57 -3.47 -44.30
C ARG C 306 -25.02 -3.31 -43.83
N LEU C 307 -25.22 -3.06 -42.54
CA LEU C 307 -26.57 -2.91 -41.94
C LEU C 307 -26.99 -1.44 -42.05
N SER C 308 -28.31 -1.19 -42.09
CA SER C 308 -28.89 0.16 -42.17
C SER C 308 -28.74 0.86 -40.81
N TRP C 309 -28.25 2.10 -40.81
CA TRP C 309 -28.17 2.96 -39.60
C TRP C 309 -29.56 3.21 -39.02
N ASP C 310 -30.61 3.06 -39.82
CA ASP C 310 -32.02 3.21 -39.37
C ASP C 310 -32.42 2.04 -38.47
N ARG C 311 -31.63 0.97 -38.41
CA ARG C 311 -32.01 -0.30 -37.75
C ARG C 311 -31.11 -0.59 -36.54
N VAL C 312 -30.37 0.39 -36.02
CA VAL C 312 -29.39 0.14 -34.92
C VAL C 312 -30.12 -0.51 -33.73
N GLU C 313 -31.31 -0.02 -33.35
CA GLU C 313 -32.04 -0.53 -32.16
C GLU C 313 -32.43 -2.00 -32.37
N GLN C 314 -32.92 -2.35 -33.55
CA GLN C 314 -33.34 -3.74 -33.89
C GLN C 314 -32.10 -4.64 -33.91
N VAL C 315 -30.97 -4.15 -34.42
CA VAL C 315 -29.70 -4.93 -34.50
C VAL C 315 -29.21 -5.24 -33.09
N ILE C 316 -29.23 -4.26 -32.20
CA ILE C 316 -28.79 -4.46 -30.78
C ILE C 316 -29.73 -5.46 -30.11
N HIS C 317 -31.05 -5.26 -30.21
CA HIS C 317 -32.06 -6.18 -29.61
C HIS C 317 -31.80 -7.61 -30.10
N ASN C 318 -31.61 -7.76 -31.41
CA ASN C 318 -31.38 -9.08 -32.05
C ASN C 318 -30.12 -9.73 -31.46
N ALA C 319 -29.04 -8.96 -31.33
CA ALA C 319 -27.73 -9.46 -30.81
C ALA C 319 -27.92 -9.96 -29.36
N LEU C 320 -28.80 -9.34 -28.58
CA LEU C 320 -28.95 -9.66 -27.13
C LEU C 320 -29.93 -10.81 -26.90
N THR C 321 -30.87 -11.07 -27.82
CA THR C 321 -32.00 -12.01 -27.59
C THR C 321 -32.00 -13.16 -28.60
N ASN C 322 -31.37 -12.97 -29.76
CA ASN C 322 -31.40 -13.97 -30.87
C ASN C 322 -30.07 -13.91 -31.63
N PRO C 323 -28.92 -14.04 -30.93
CA PRO C 323 -27.63 -13.84 -31.56
C PRO C 323 -27.36 -14.87 -32.67
N THR C 324 -26.58 -14.47 -33.67
CA THR C 324 -25.87 -15.40 -34.58
C THR C 324 -24.59 -15.85 -33.86
N PRO C 325 -24.48 -17.12 -33.46
CA PRO C 325 -23.27 -17.59 -32.77
C PRO C 325 -22.03 -17.34 -33.64
N GLY C 326 -20.97 -16.77 -33.06
CA GLY C 326 -19.68 -16.51 -33.70
C GLY C 326 -19.66 -15.28 -34.59
N ASN C 327 -20.78 -14.55 -34.72
CA ASN C 327 -20.81 -13.26 -35.46
C ASN C 327 -20.08 -12.21 -34.63
N ALA C 328 -19.03 -11.60 -35.19
CA ALA C 328 -18.15 -10.67 -34.46
C ALA C 328 -18.95 -9.44 -33.97
N LEU C 329 -19.85 -8.89 -34.80
CA LEU C 329 -20.67 -7.71 -34.43
C LEU C 329 -21.58 -8.06 -33.25
N ASP C 330 -22.30 -9.18 -33.33
CA ASP C 330 -23.22 -9.63 -32.26
C ASP C 330 -22.41 -9.82 -30.96
N ASP C 331 -21.24 -10.45 -31.04
CA ASP C 331 -20.35 -10.67 -29.86
C ASP C 331 -19.89 -9.30 -29.29
N ALA C 332 -19.52 -8.35 -30.15
CA ALA C 332 -19.07 -7.00 -29.74
C ALA C 332 -20.20 -6.29 -28.98
N ILE C 333 -21.44 -6.39 -29.46
CA ILE C 333 -22.63 -5.74 -28.85
C ILE C 333 -22.90 -6.40 -27.49
N ARG C 334 -22.83 -7.73 -27.42
CA ARG C 334 -23.10 -8.51 -26.18
C ARG C 334 -22.10 -8.16 -25.08
N GLU C 335 -20.84 -7.92 -25.43
CA GLU C 335 -19.77 -7.56 -24.45
C GLU C 335 -20.15 -6.30 -23.67
N ALA C 336 -20.83 -5.34 -24.30
CA ALA C 336 -21.11 -4.01 -23.71
C ALA C 336 -22.37 -3.41 -24.36
N PRO C 337 -23.56 -3.94 -24.05
CA PRO C 337 -24.79 -3.58 -24.77
C PRO C 337 -25.14 -2.09 -24.65
N GLU C 338 -25.05 -1.52 -23.45
CA GLU C 338 -25.41 -0.10 -23.22
C GLU C 338 -24.39 0.79 -23.94
N ARG C 339 -23.10 0.43 -23.92
CA ARG C 339 -22.10 1.19 -24.70
C ARG C 339 -22.47 1.15 -26.19
N ALA C 340 -22.96 0.00 -26.69
CA ALA C 340 -23.38 -0.17 -28.10
C ALA C 340 -24.57 0.76 -28.40
N ARG C 341 -25.52 0.91 -27.48
CA ARG C 341 -26.71 1.77 -27.68
C ARG C 341 -26.26 3.23 -27.86
N VAL C 342 -25.36 3.70 -26.99
CA VAL C 342 -24.87 5.10 -27.01
C VAL C 342 -24.09 5.27 -28.32
N THR C 343 -23.13 4.37 -28.58
CA THR C 343 -22.27 4.39 -29.78
C THR C 343 -23.09 4.45 -31.07
N LEU C 344 -24.00 3.49 -31.29
CA LEU C 344 -24.62 3.29 -32.62
C LEU C 344 -25.75 4.31 -32.85
N THR C 345 -26.41 4.78 -31.78
CA THR C 345 -27.43 5.85 -31.90
C THR C 345 -26.75 7.21 -32.13
N LEU C 346 -25.54 7.45 -31.59
CA LEU C 346 -24.75 8.67 -31.93
C LEU C 346 -24.34 8.61 -33.41
N ALA C 347 -23.77 7.49 -33.85
CA ALA C 347 -23.28 7.33 -35.25
C ALA C 347 -24.45 7.50 -36.23
N ALA C 348 -25.60 6.87 -35.96
CA ALA C 348 -26.81 6.95 -36.82
C ALA C 348 -27.23 8.41 -37.00
N ALA C 349 -27.28 9.19 -35.91
CA ALA C 349 -27.67 10.60 -35.93
C ALA C 349 -26.67 11.40 -36.79
N GLN C 350 -25.37 11.11 -36.65
CA GLN C 350 -24.31 11.78 -37.45
C GLN C 350 -24.51 11.41 -38.93
N VAL C 351 -24.79 10.15 -39.24
CA VAL C 351 -24.97 9.69 -40.65
C VAL C 351 -26.22 10.36 -41.25
N ASN C 352 -27.30 10.46 -40.48
CA ASN C 352 -28.55 11.13 -40.93
C ASN C 352 -28.26 12.62 -41.19
N GLN C 353 -27.55 13.30 -40.28
CA GLN C 353 -27.22 14.75 -40.43
C GLN C 353 -26.42 14.92 -41.73
N PHE C 354 -25.41 14.08 -41.93
CA PHE C 354 -24.52 14.09 -43.13
C PHE C 354 -25.38 13.94 -44.40
N ASP C 355 -26.25 12.93 -44.45
CA ASP C 355 -27.16 12.63 -45.59
C ASP C 355 -27.94 13.90 -45.99
N ASN C 356 -28.38 14.70 -45.01
CA ASN C 356 -29.27 15.87 -45.24
C ASN C 356 -28.49 17.10 -45.70
N GLN C 357 -27.15 17.07 -45.68
CA GLN C 357 -26.32 18.27 -45.97
C GLN C 357 -26.25 18.53 -47.49
N ALA C 358 -26.37 17.48 -48.31
CA ALA C 358 -26.30 17.58 -49.78
C ALA C 358 -26.86 16.31 -50.41
N ALA C 359 -27.69 16.45 -51.44
CA ALA C 359 -28.06 15.36 -52.36
C ALA C 359 -26.74 14.78 -52.90
N GLY C 360 -26.58 13.46 -52.85
CA GLY C 360 -25.32 12.79 -53.22
C GLY C 360 -24.56 12.33 -51.99
N ASN C 361 -24.71 13.00 -50.85
CA ASN C 361 -24.24 12.48 -49.54
C ASN C 361 -25.01 11.19 -49.27
N THR C 362 -24.30 10.07 -49.16
CA THR C 362 -24.86 8.74 -48.85
C THR C 362 -24.29 8.29 -47.51
N PRO C 363 -25.01 7.41 -46.78
CA PRO C 363 -24.49 6.79 -45.56
C PRO C 363 -23.07 6.24 -45.75
N GLU C 364 -22.75 5.78 -46.96
CA GLU C 364 -21.48 5.10 -47.29
C GLU C 364 -20.34 6.12 -47.46
N GLN C 365 -20.63 7.31 -47.99
CA GLN C 365 -19.64 8.42 -48.07
C GLN C 365 -19.33 8.93 -46.65
N ALA C 366 -20.28 8.85 -45.72
CA ALA C 366 -20.13 9.30 -44.30
C ALA C 366 -18.98 8.54 -43.63
N GLN C 367 -18.77 7.29 -44.02
CA GLN C 367 -17.78 6.37 -43.40
C GLN C 367 -16.40 7.04 -43.31
N SER C 368 -15.97 7.73 -44.38
CA SER C 368 -14.57 8.21 -44.54
C SER C 368 -14.53 9.72 -44.82
N ALA C 369 -15.66 10.42 -44.79
CA ALA C 369 -15.75 11.88 -45.00
C ALA C 369 -14.85 12.58 -43.98
N ASP C 370 -14.24 13.70 -44.36
CA ASP C 370 -13.48 14.56 -43.42
C ASP C 370 -14.41 14.94 -42.27
N VAL C 371 -13.86 15.12 -41.07
CA VAL C 371 -14.57 15.79 -39.96
C VAL C 371 -14.35 17.30 -40.12
N VAL C 372 -15.41 18.11 -39.99
CA VAL C 372 -15.27 19.60 -39.83
C VAL C 372 -15.74 19.96 -38.42
N SER C 373 -14.81 20.41 -37.58
CA SER C 373 -15.06 20.97 -36.23
C SER C 373 -15.37 22.47 -36.39
N LEU C 374 -16.53 22.90 -35.90
CA LEU C 374 -17.00 24.30 -36.00
C LEU C 374 -16.84 24.98 -34.64
N SER C 375 -15.99 26.01 -34.58
CA SER C 375 -15.86 26.92 -33.41
C SER C 375 -17.05 27.87 -33.38
N CYS C 376 -18.12 27.48 -32.71
CA CYS C 376 -19.36 28.29 -32.55
C CYS C 376 -19.04 29.51 -31.68
N SER C 377 -19.70 30.65 -31.97
CA SER C 377 -19.55 31.92 -31.21
C SER C 377 -20.32 31.81 -29.91
N ALA C 378 -19.70 32.20 -28.79
CA ALA C 378 -20.26 32.10 -27.42
C ALA C 378 -21.66 32.73 -27.37
N GLY C 379 -22.63 31.97 -26.87
CA GLY C 379 -24.01 32.41 -26.58
C GLY C 379 -24.88 32.56 -27.83
N ALA C 380 -24.32 32.41 -29.04
CA ALA C 380 -25.09 32.48 -30.30
C ALA C 380 -26.04 31.28 -30.34
N LEU C 381 -27.31 31.51 -30.65
CA LEU C 381 -28.37 30.46 -30.61
C LEU C 381 -28.17 29.49 -31.77
N HIS C 382 -27.70 29.98 -32.92
CA HIS C 382 -27.43 29.17 -34.15
C HIS C 382 -25.93 29.19 -34.45
N CYS C 383 -25.39 28.05 -34.88
CA CYS C 383 -23.97 27.87 -35.30
C CYS C 383 -23.98 27.34 -36.74
N SER C 384 -23.94 28.27 -37.70
CA SER C 384 -24.17 28.00 -39.14
C SER C 384 -22.90 27.39 -39.76
N ALA C 385 -23.04 26.30 -40.49
CA ALA C 385 -21.92 25.59 -41.15
C ALA C 385 -21.53 26.36 -42.41
N PRO C 386 -20.24 26.53 -42.74
CA PRO C 386 -19.86 27.13 -44.02
C PRO C 386 -20.27 26.20 -45.17
N ALA C 387 -20.60 26.76 -46.34
CA ALA C 387 -21.12 26.00 -47.50
C ALA C 387 -20.13 24.90 -47.93
N ASP C 388 -18.82 25.14 -47.80
CA ASP C 388 -17.74 24.21 -48.22
C ASP C 388 -17.64 23.01 -47.26
N SER C 389 -18.41 22.97 -46.15
CA SER C 389 -18.41 21.84 -45.18
C SER C 389 -19.50 20.80 -45.47
N ALA C 390 -20.32 21.00 -46.51
CA ALA C 390 -21.46 20.13 -46.90
C ALA C 390 -21.02 18.65 -47.03
N ASN C 391 -19.79 18.40 -47.46
CA ASN C 391 -19.28 17.03 -47.75
C ASN C 391 -18.55 16.44 -46.53
N ALA C 392 -18.77 16.98 -45.34
CA ALA C 392 -18.03 16.60 -44.11
C ALA C 392 -18.99 16.19 -42.98
N LEU C 393 -18.46 15.43 -42.02
CA LEU C 393 -19.08 15.13 -40.70
C LEU C 393 -18.90 16.35 -39.81
N LEU C 394 -19.98 17.07 -39.51
CA LEU C 394 -19.93 18.32 -38.70
C LEU C 394 -19.95 17.98 -37.21
N GLU C 395 -19.08 18.62 -36.44
CA GLU C 395 -19.15 18.68 -34.96
C GLU C 395 -19.02 20.14 -34.54
N ARG C 396 -19.94 20.59 -33.69
CA ARG C 396 -19.93 21.97 -33.14
C ARG C 396 -19.23 21.95 -31.79
N GLU C 397 -18.24 22.82 -31.62
CA GLU C 397 -17.52 23.05 -30.35
C GLU C 397 -18.39 23.97 -29.49
N HIS C 398 -18.89 23.43 -28.39
CA HIS C 398 -19.53 24.17 -27.28
C HIS C 398 -18.92 23.72 -25.97
N PRO C 399 -18.81 24.61 -24.97
CA PRO C 399 -18.41 24.18 -23.62
C PRO C 399 -19.30 23.01 -23.18
N ASN C 400 -18.70 22.02 -22.53
CA ASN C 400 -19.42 20.84 -21.99
C ASN C 400 -19.06 20.68 -20.51
N GLY C 401 -19.65 19.68 -19.86
CA GLY C 401 -19.51 19.41 -18.42
C GLY C 401 -18.06 19.36 -17.99
N ALA C 402 -17.20 18.76 -18.79
CA ALA C 402 -15.76 18.58 -18.50
C ALA C 402 -15.08 19.94 -18.28
N ASN C 403 -15.60 21.01 -18.89
CA ASN C 403 -15.01 22.36 -18.75
C ASN C 403 -15.40 23.00 -17.41
N PHE C 404 -16.33 22.41 -16.66
CA PHE C 404 -16.91 23.03 -15.43
C PHE C 404 -16.70 22.14 -14.21
N LEU C 405 -15.99 21.02 -14.31
CA LEU C 405 -15.78 20.08 -13.18
C LEU C 405 -14.86 20.73 -12.13
N GLY C 406 -13.99 21.65 -12.54
CA GLY C 406 -13.03 22.36 -11.67
C GLY C 406 -11.92 21.44 -11.18
N ALA C 407 -11.12 21.93 -10.23
CA ALA C 407 -10.00 21.22 -9.58
C ALA C 407 -10.50 19.95 -8.87
N GLY C 408 -9.67 18.91 -8.84
CA GLY C 408 -9.93 17.67 -8.09
C GLY C 408 -9.46 16.45 -8.87
N GLU C 409 -9.69 15.26 -8.32
CA GLU C 409 -9.31 13.96 -8.94
C GLU C 409 -10.29 13.65 -10.09
N ALA C 410 -9.97 12.66 -10.93
CA ALA C 410 -10.75 12.29 -12.13
C ALA C 410 -12.18 11.91 -11.74
N VAL C 411 -13.17 12.53 -12.38
CA VAL C 411 -14.61 12.18 -12.26
C VAL C 411 -14.88 11.03 -13.23
N SER C 412 -15.55 9.98 -12.72
CA SER C 412 -15.98 8.82 -13.53
C SER C 412 -17.28 8.30 -12.93
N PHE C 413 -18.01 7.49 -13.71
CA PHE C 413 -19.37 7.01 -13.42
C PHE C 413 -19.30 5.49 -13.28
N THR C 414 -19.67 4.97 -12.10
CA THR C 414 -19.63 3.53 -11.76
C THR C 414 -20.95 3.13 -11.08
N THR C 415 -21.23 1.82 -11.03
CA THR C 415 -22.40 1.23 -10.32
C THR C 415 -22.35 1.61 -8.83
N ARG C 416 -21.15 1.74 -8.27
CA ARG C 416 -20.90 2.10 -6.84
C ARG C 416 -21.01 3.61 -6.64
N GLY C 417 -21.20 4.39 -7.72
CA GLY C 417 -21.48 5.83 -7.69
C GLY C 417 -20.51 6.64 -8.55
N THR C 418 -20.74 7.95 -8.62
CA THR C 418 -19.81 8.93 -9.24
C THR C 418 -18.58 9.11 -8.35
N ARG C 419 -17.38 9.00 -8.91
CA ARG C 419 -16.11 9.15 -8.17
C ARG C 419 -15.71 10.63 -8.16
N ASN C 420 -15.25 11.10 -6.99
CA ASN C 420 -14.57 12.41 -6.80
C ASN C 420 -15.53 13.55 -7.12
N TRP C 421 -16.76 13.48 -6.60
CA TRP C 421 -17.81 14.50 -6.83
C TRP C 421 -18.53 14.82 -5.52
N SER C 422 -17.89 15.65 -4.69
CA SER C 422 -18.41 16.09 -3.37
C SER C 422 -19.44 17.20 -3.56
N SER C 423 -20.22 17.49 -2.51
CA SER C 423 -21.14 18.65 -2.47
C SER C 423 -20.37 19.94 -2.76
N ALA C 424 -19.17 20.10 -2.20
CA ALA C 424 -18.32 21.30 -2.39
C ALA C 424 -17.97 21.46 -3.87
N ARG C 425 -17.60 20.37 -4.53
CA ARG C 425 -17.15 20.40 -5.95
C ARG C 425 -18.35 20.81 -6.82
N LEU C 426 -19.54 20.28 -6.53
CA LEU C 426 -20.75 20.64 -7.28
C LEU C 426 -21.04 22.12 -7.04
N ASN C 427 -20.99 22.58 -5.79
CA ASN C 427 -21.29 23.99 -5.45
C ASN C 427 -20.38 24.90 -6.28
N HIS C 428 -19.08 24.58 -6.35
CA HIS C 428 -18.07 25.32 -7.15
C HIS C 428 -18.45 25.26 -8.65
N ALA C 429 -18.83 24.08 -9.15
CA ALA C 429 -19.22 23.87 -10.57
C ALA C 429 -20.45 24.76 -10.89
N HIS C 430 -21.48 24.70 -10.05
CA HIS C 430 -22.73 25.48 -10.21
C HIS C 430 -22.39 26.99 -10.29
N GLN C 431 -21.50 27.47 -9.42
CA GLN C 431 -21.16 28.91 -9.33
C GLN C 431 -20.44 29.34 -10.61
N GLN C 432 -19.52 28.51 -11.14
CA GLN C 432 -18.79 28.79 -12.41
C GLN C 432 -19.77 28.86 -13.58
N LEU C 433 -20.77 27.96 -13.60
CA LEU C 433 -21.84 27.94 -14.64
C LEU C 433 -22.66 29.23 -14.58
N ILE C 434 -23.16 29.60 -13.40
CA ILE C 434 -23.97 30.84 -13.19
C ILE C 434 -23.15 32.05 -13.63
N ALA C 435 -21.86 32.10 -13.27
CA ALA C 435 -20.97 33.24 -13.57
C ALA C 435 -20.76 33.36 -15.09
N ARG C 436 -20.99 32.28 -15.85
CA ARG C 436 -20.91 32.31 -17.33
C ARG C 436 -22.32 32.31 -17.93
N GLY C 437 -23.33 32.71 -17.16
CA GLY C 437 -24.67 33.03 -17.67
C GLY C 437 -25.56 31.81 -17.87
N TYR C 438 -25.06 30.60 -17.60
CA TYR C 438 -25.88 29.36 -17.73
C TYR C 438 -26.94 29.31 -16.64
N VAL C 439 -28.01 28.58 -16.94
CA VAL C 439 -29.27 28.49 -16.16
C VAL C 439 -29.63 27.00 -16.05
N PHE C 440 -29.81 26.52 -14.82
CA PHE C 440 -30.24 25.14 -14.48
C PHE C 440 -31.66 24.92 -15.01
N VAL C 441 -31.89 23.85 -15.77
CA VAL C 441 -33.22 23.54 -16.36
C VAL C 441 -33.76 22.20 -15.86
N GLY C 442 -32.94 21.39 -15.19
CA GLY C 442 -33.40 20.16 -14.52
C GLY C 442 -32.41 19.02 -14.62
N TYR C 443 -32.90 17.83 -14.25
CA TYR C 443 -32.10 16.61 -14.04
C TYR C 443 -32.26 15.72 -15.28
N HIS C 444 -31.17 15.08 -15.68
CA HIS C 444 -31.15 14.05 -16.74
C HIS C 444 -30.58 12.77 -16.13
N GLY C 445 -31.36 11.69 -16.14
CA GLY C 445 -30.87 10.34 -15.83
C GLY C 445 -30.39 9.67 -17.10
N SER C 446 -29.24 9.03 -17.06
CA SER C 446 -28.81 8.11 -18.14
C SER C 446 -27.95 7.00 -17.56
N SER C 447 -27.44 6.15 -18.45
CA SER C 447 -26.52 5.04 -18.12
C SER C 447 -25.17 5.63 -17.74
N LEU C 448 -24.31 4.82 -17.14
CA LEU C 448 -22.88 5.13 -16.90
C LEU C 448 -22.28 5.65 -18.22
N GLU C 449 -22.50 4.93 -19.33
CA GLU C 449 -21.88 5.24 -20.64
C GLU C 449 -22.50 6.50 -21.22
N GLY C 450 -23.83 6.65 -21.09
CA GLY C 450 -24.55 7.88 -21.49
C GLY C 450 -23.96 9.09 -20.78
N ALA C 451 -23.71 8.97 -19.47
CA ALA C 451 -23.18 10.07 -18.63
C ALA C 451 -21.75 10.42 -19.09
N GLN C 452 -20.90 9.42 -19.34
CA GLN C 452 -19.52 9.65 -19.85
C GLN C 452 -19.60 10.47 -21.14
N SER C 453 -20.45 10.06 -22.09
CA SER C 453 -20.62 10.71 -23.42
C SER C 453 -21.06 12.18 -23.23
N ILE C 454 -22.07 12.40 -22.40
CA ILE C 454 -22.73 13.71 -22.20
C ILE C 454 -21.80 14.68 -21.47
N VAL C 455 -21.11 14.23 -20.41
CA VAL C 455 -20.28 15.14 -19.57
C VAL C 455 -18.97 15.44 -20.31
N PHE C 456 -18.28 14.41 -20.80
CA PHE C 456 -16.89 14.55 -21.32
C PHE C 456 -16.87 14.80 -22.83
N GLY C 457 -17.86 14.29 -23.57
CA GLY C 457 -17.94 14.49 -25.03
C GLY C 457 -18.86 15.65 -25.37
N GLY C 458 -19.92 15.84 -24.58
CA GLY C 458 -20.95 16.87 -24.80
C GLY C 458 -22.27 16.25 -25.22
N ILE C 459 -23.36 16.96 -24.95
CA ILE C 459 -24.72 16.55 -25.36
C ILE C 459 -24.79 16.63 -26.89
N ARG C 460 -25.33 15.61 -27.53
CA ARG C 460 -25.64 15.69 -28.98
C ARG C 460 -26.69 14.66 -29.36
N THR C 461 -27.24 14.88 -30.56
CA THR C 461 -28.37 14.13 -31.17
C THR C 461 -28.05 12.64 -31.15
N ARG C 462 -29.00 11.85 -30.66
CA ARG C 462 -29.05 10.38 -30.82
C ARG C 462 -30.37 10.03 -31.50
N THR C 463 -30.38 9.04 -32.39
CA THR C 463 -31.65 8.51 -32.96
C THR C 463 -32.43 7.86 -31.81
N GLN C 464 -33.76 8.02 -31.81
CA GLN C 464 -34.68 7.58 -30.73
C GLN C 464 -35.82 6.77 -31.36
N ALA C 465 -36.08 5.56 -30.85
CA ALA C 465 -37.04 4.56 -31.39
C ALA C 465 -38.23 5.24 -32.09
N LEU C 466 -39.03 6.01 -31.34
CA LEU C 466 -40.21 6.76 -31.86
C LEU C 466 -39.74 8.00 -32.61
N ASP C 467 -39.64 7.91 -33.94
CA ASP C 467 -39.28 9.04 -34.86
C ASP C 467 -40.43 10.06 -34.84
N ASP C 468 -40.51 10.86 -33.77
CA ASP C 468 -41.62 11.80 -33.48
C ASP C 468 -41.20 13.24 -33.80
N VAL C 469 -42.14 14.18 -33.69
CA VAL C 469 -41.92 15.64 -33.63
C VAL C 469 -41.59 16.06 -32.17
N TRP C 470 -41.40 15.09 -31.28
CA TRP C 470 -41.16 15.31 -29.82
C TRP C 470 -39.71 14.97 -29.46
N GLN C 471 -38.86 14.75 -30.47
CA GLN C 471 -37.44 14.36 -30.25
C GLN C 471 -36.68 15.49 -29.54
N GLY C 472 -35.72 15.11 -28.71
CA GLY C 472 -34.85 16.04 -27.98
C GLY C 472 -34.33 15.39 -26.73
N LEU C 473 -33.54 16.11 -25.93
CA LEU C 473 -33.02 15.60 -24.65
C LEU C 473 -34.14 15.68 -23.61
N TYR C 474 -34.48 14.54 -23.02
CA TYR C 474 -35.57 14.41 -22.00
C TYR C 474 -34.95 14.66 -20.62
N ILE C 475 -35.40 15.72 -19.94
CA ILE C 475 -34.95 16.06 -18.57
C ILE C 475 -36.20 16.31 -17.71
N SER C 476 -36.02 16.55 -16.42
CA SER C 476 -37.13 16.96 -15.52
C SER C 476 -36.61 17.84 -14.39
N GLY C 477 -37.36 18.90 -14.05
CA GLY C 477 -37.14 19.70 -12.84
C GLY C 477 -37.28 18.87 -11.57
N ASP C 478 -38.08 17.79 -11.62
CA ASP C 478 -38.25 16.83 -10.50
C ASP C 478 -37.21 15.71 -10.64
N PRO C 479 -36.26 15.58 -9.70
CA PRO C 479 -35.22 14.55 -9.81
C PRO C 479 -35.79 13.12 -9.80
N ALA C 480 -36.99 12.92 -9.25
CA ALA C 480 -37.65 11.59 -9.14
C ALA C 480 -38.05 11.08 -10.53
N VAL C 481 -38.42 11.98 -11.45
CA VAL C 481 -38.76 11.67 -12.87
C VAL C 481 -37.49 11.24 -13.60
N ALA C 482 -36.41 12.04 -13.49
CA ALA C 482 -35.11 11.77 -14.13
C ALA C 482 -34.54 10.42 -13.65
N TYR C 483 -34.67 10.15 -12.34
CA TYR C 483 -34.14 8.95 -11.64
C TYR C 483 -34.58 7.68 -12.36
N GLY C 484 -35.81 7.64 -12.85
CA GLY C 484 -36.35 6.50 -13.64
C GLY C 484 -35.49 6.15 -14.84
N TYR C 485 -34.78 7.12 -15.41
CA TYR C 485 -33.91 7.01 -16.62
C TYR C 485 -32.43 6.87 -16.25
N ALA C 486 -32.09 6.97 -14.97
CA ALA C 486 -30.70 6.84 -14.47
C ALA C 486 -30.36 5.35 -14.31
N GLN C 487 -30.45 4.61 -15.42
CA GLN C 487 -30.13 3.15 -15.48
C GLN C 487 -30.04 2.72 -16.95
N ASP C 488 -29.62 1.49 -17.19
CA ASP C 488 -29.57 0.91 -18.55
C ASP C 488 -30.95 0.99 -19.18
N GLN C 489 -31.00 1.40 -20.45
CA GLN C 489 -32.22 1.59 -21.25
C GLN C 489 -32.96 0.25 -21.38
N GLU C 490 -32.24 -0.84 -21.63
CA GLU C 490 -32.79 -2.20 -21.80
C GLU C 490 -31.85 -3.19 -21.13
N PRO C 491 -32.32 -4.42 -20.82
CA PRO C 491 -31.46 -5.43 -20.20
C PRO C 491 -30.31 -5.87 -21.14
N ASP C 492 -29.25 -6.43 -20.57
CA ASP C 492 -28.13 -7.08 -21.31
C ASP C 492 -28.59 -8.47 -21.79
N SER C 493 -27.67 -9.26 -22.35
CA SER C 493 -27.93 -10.61 -22.91
C SER C 493 -28.47 -11.57 -21.85
N ARG C 494 -28.30 -11.26 -20.55
CA ARG C 494 -28.70 -12.12 -19.41
C ARG C 494 -29.87 -11.48 -18.64
N GLY C 495 -30.53 -10.47 -19.21
CA GLY C 495 -31.73 -9.83 -18.65
C GLY C 495 -31.44 -8.90 -17.48
N ARG C 496 -30.18 -8.49 -17.27
CA ARG C 496 -29.74 -7.63 -16.14
C ARG C 496 -29.70 -6.16 -16.58
N ILE C 497 -30.04 -5.27 -15.65
CA ILE C 497 -29.99 -3.79 -15.76
C ILE C 497 -29.04 -3.26 -14.70
N ARG C 498 -28.09 -2.39 -15.07
CA ARG C 498 -27.24 -1.66 -14.11
C ARG C 498 -27.88 -0.30 -13.79
N ASN C 499 -27.67 0.17 -12.56
CA ASN C 499 -27.99 1.57 -12.18
C ASN C 499 -27.06 2.49 -12.97
N GLY C 500 -27.50 3.73 -13.18
CA GLY C 500 -26.76 4.73 -13.96
C GLY C 500 -26.43 5.96 -13.12
N THR C 501 -26.60 7.14 -13.71
CA THR C 501 -26.05 8.41 -13.20
C THR C 501 -27.13 9.49 -13.31
N MET C 502 -27.28 10.30 -12.27
CA MET C 502 -28.08 11.54 -12.29
C MET C 502 -27.16 12.68 -12.70
N LEU C 503 -27.58 13.47 -13.68
CA LEU C 503 -26.86 14.67 -14.17
C LEU C 503 -27.76 15.90 -13.98
N ARG C 504 -27.11 17.06 -13.85
CA ARG C 504 -27.75 18.39 -13.84
C ARG C 504 -27.49 19.04 -15.21
N VAL C 505 -28.53 19.57 -15.84
CA VAL C 505 -28.42 20.19 -17.18
C VAL C 505 -28.62 21.70 -17.04
N TYR C 506 -27.75 22.46 -17.70
CA TYR C 506 -27.75 23.95 -17.74
C TYR C 506 -27.78 24.41 -19.20
N VAL C 507 -28.65 25.36 -19.52
CA VAL C 507 -28.71 26.01 -20.86
C VAL C 507 -28.02 27.36 -20.76
N PRO C 508 -27.42 27.87 -21.86
CA PRO C 508 -26.88 29.22 -21.88
C PRO C 508 -28.01 30.22 -21.63
N GLY C 509 -27.70 31.32 -20.93
CA GLY C 509 -28.65 32.39 -20.57
C GLY C 509 -29.33 33.00 -21.79
N THR C 510 -28.69 32.91 -22.95
CA THR C 510 -29.20 33.43 -24.25
C THR C 510 -30.47 32.68 -24.68
N ALA C 511 -30.82 31.55 -24.06
CA ALA C 511 -31.96 30.69 -24.48
C ALA C 511 -33.19 30.86 -23.56
N THR C 512 -33.14 31.72 -22.54
CA THR C 512 -34.18 31.83 -21.49
C THR C 512 -35.54 32.21 -22.10
N ALA C 513 -35.58 32.94 -23.22
CA ALA C 513 -36.85 33.36 -23.89
C ALA C 513 -37.47 32.16 -24.63
N TYR C 514 -36.75 31.05 -24.78
CA TYR C 514 -37.19 29.87 -25.56
C TYR C 514 -37.43 28.67 -24.64
N LEU C 515 -37.57 28.90 -23.32
CA LEU C 515 -37.91 27.86 -22.32
C LEU C 515 -39.41 27.95 -22.05
N TYR C 516 -40.19 27.17 -22.80
CA TYR C 516 -41.68 27.24 -22.83
C TYR C 516 -42.28 26.19 -21.92
N GLU C 517 -43.49 26.46 -21.43
CA GLU C 517 -44.30 25.52 -20.61
C GLU C 517 -45.76 25.56 -21.05
N THR C 518 -46.36 24.37 -21.13
CA THR C 518 -47.78 24.08 -21.48
C THR C 518 -48.39 23.26 -20.33
N PRO C 519 -49.72 23.37 -20.09
CA PRO C 519 -50.41 22.42 -19.21
C PRO C 519 -50.77 21.11 -19.92
N LEU C 520 -50.62 21.05 -21.25
CA LEU C 520 -50.90 19.84 -22.07
C LEU C 520 -49.78 18.80 -21.85
N THR C 521 -50.10 17.53 -22.08
CA THR C 521 -49.21 16.36 -21.84
C THR C 521 -48.16 16.28 -22.95
N LEU C 522 -46.88 16.13 -22.59
CA LEU C 522 -45.78 15.94 -23.57
C LEU C 522 -46.03 14.64 -24.33
N ALA C 523 -45.71 14.62 -25.62
CA ALA C 523 -45.74 13.43 -26.50
C ALA C 523 -47.19 13.05 -26.86
N ASP C 524 -48.17 13.84 -26.43
CA ASP C 524 -49.61 13.64 -26.76
C ASP C 524 -49.85 14.19 -28.16
N PRO C 525 -50.27 13.37 -29.14
CA PRO C 525 -50.54 13.86 -30.50
C PRO C 525 -51.58 14.99 -30.56
N GLU C 526 -52.50 15.03 -29.60
CA GLU C 526 -53.55 16.09 -29.51
C GLU C 526 -52.91 17.42 -29.09
N ALA C 527 -51.69 17.42 -28.54
CA ALA C 527 -51.00 18.61 -27.99
C ALA C 527 -50.07 19.26 -29.02
N VAL C 528 -49.88 18.64 -30.18
CA VAL C 528 -48.85 19.03 -31.19
C VAL C 528 -49.13 20.46 -31.69
N ASP C 529 -50.37 20.75 -32.06
CA ASP C 529 -50.76 22.05 -32.68
C ASP C 529 -50.64 23.17 -31.64
N ALA C 530 -51.07 22.92 -30.40
CA ALA C 530 -51.04 23.89 -29.28
C ALA C 530 -49.58 24.21 -28.88
N VAL C 531 -48.68 23.23 -28.92
CA VAL C 531 -47.24 23.48 -28.59
C VAL C 531 -46.61 24.27 -29.74
N GLY C 532 -46.93 23.90 -30.98
CA GLY C 532 -46.54 24.66 -32.19
C GLY C 532 -46.94 26.12 -32.08
N HIS C 533 -48.16 26.41 -31.63
CA HIS C 533 -48.69 27.79 -31.47
C HIS C 533 -47.87 28.53 -30.42
N LEU C 534 -47.52 27.86 -29.32
CA LEU C 534 -46.77 28.45 -28.18
C LEU C 534 -45.36 28.89 -28.63
N ILE C 535 -44.68 28.09 -29.44
CA ILE C 535 -43.24 28.29 -29.80
C ILE C 535 -43.12 29.05 -31.12
N GLY C 536 -44.24 29.26 -31.83
CA GLY C 536 -44.33 30.13 -33.02
C GLY C 536 -44.04 29.41 -34.33
N HIS C 537 -43.94 28.08 -34.32
CA HIS C 537 -43.67 27.24 -35.52
C HIS C 537 -44.03 25.79 -35.21
N PRO C 538 -44.25 24.92 -36.22
CA PRO C 538 -44.54 23.51 -35.95
C PRO C 538 -43.35 22.80 -35.31
N LEU C 539 -43.63 21.88 -34.38
CA LEU C 539 -42.63 20.90 -33.87
C LEU C 539 -42.01 20.19 -35.07
N PRO C 540 -40.75 19.69 -35.01
CA PRO C 540 -40.00 19.55 -33.76
C PRO C 540 -39.42 20.85 -33.18
N LEU C 541 -38.99 20.78 -31.91
CA LEU C 541 -38.26 21.86 -31.20
C LEU C 541 -36.91 22.09 -31.91
N GLN C 542 -36.53 23.36 -32.08
CA GLN C 542 -35.20 23.78 -32.56
C GLN C 542 -34.37 24.21 -31.34
N THR C 543 -34.05 25.50 -31.21
CA THR C 543 -33.27 26.05 -30.05
C THR C 543 -34.25 26.42 -28.95
N GLU C 544 -35.03 25.45 -28.48
CA GLU C 544 -36.27 25.68 -27.71
C GLU C 544 -36.47 24.50 -26.77
N ALA C 545 -37.10 24.74 -25.62
CA ALA C 545 -37.50 23.69 -24.65
C ALA C 545 -39.02 23.79 -24.45
N ILE C 546 -39.66 22.64 -24.22
CA ILE C 546 -41.08 22.58 -23.77
C ILE C 546 -41.14 21.78 -22.47
N THR C 547 -41.77 22.35 -21.46
CA THR C 547 -42.08 21.70 -20.16
C THR C 547 -43.58 21.44 -20.12
N GLY C 548 -43.97 20.23 -19.74
CA GLY C 548 -45.37 19.82 -19.56
C GLY C 548 -45.46 18.58 -18.69
N PRO C 549 -46.66 18.27 -18.15
CA PRO C 549 -46.86 17.00 -17.46
C PRO C 549 -46.43 15.80 -18.33
N GLU C 550 -45.72 14.86 -17.71
CA GLU C 550 -45.16 13.62 -18.32
C GLU C 550 -46.32 12.70 -18.73
N GLU C 551 -47.46 12.80 -18.06
CA GLU C 551 -48.73 12.09 -18.36
C GLU C 551 -49.87 12.92 -17.79
N ALA C 552 -51.12 12.64 -18.16
CA ALA C 552 -52.34 13.33 -17.65
C ALA C 552 -52.27 13.41 -16.12
N GLY C 553 -52.37 14.62 -15.56
CA GLY C 553 -52.29 14.91 -14.11
C GLY C 553 -50.98 14.47 -13.49
N GLY C 554 -49.90 14.37 -14.28
CA GLY C 554 -48.63 13.75 -13.89
C GLY C 554 -47.54 14.76 -13.59
N ARG C 555 -46.34 14.28 -13.29
CA ARG C 555 -45.20 15.12 -12.84
C ARG C 555 -44.58 15.81 -14.05
N PRO C 556 -43.89 16.95 -13.86
CA PRO C 556 -43.34 17.70 -14.99
C PRO C 556 -42.16 16.98 -15.66
N ALA C 557 -42.02 17.17 -16.95
CA ALA C 557 -40.79 16.86 -17.71
C ALA C 557 -40.52 18.02 -18.67
N THR C 558 -39.28 18.10 -19.16
CA THR C 558 -38.82 19.12 -20.14
C THR C 558 -38.10 18.40 -21.28
N ILE C 559 -38.46 18.70 -22.52
CA ILE C 559 -37.69 18.28 -23.72
C ILE C 559 -36.90 19.49 -24.23
N LEU C 560 -35.57 19.38 -24.27
CA LEU C 560 -34.68 20.34 -24.96
C LEU C 560 -34.57 19.91 -26.41
N GLY C 561 -34.97 20.76 -27.35
CA GLY C 561 -34.68 20.56 -28.78
C GLY C 561 -33.19 20.30 -28.96
N TRP C 562 -32.83 19.38 -29.85
CA TRP C 562 -31.42 18.93 -30.03
C TRP C 562 -30.49 20.12 -30.28
N GLU C 563 -30.96 21.12 -31.03
CA GLU C 563 -30.13 22.31 -31.35
C GLU C 563 -29.83 23.08 -30.06
N LEU C 564 -30.78 23.21 -29.14
CA LEU C 564 -30.55 23.81 -27.81
C LEU C 564 -29.71 22.85 -26.94
N ALA C 565 -30.04 21.56 -26.94
CA ALA C 565 -29.36 20.53 -26.12
C ALA C 565 -27.85 20.53 -26.39
N GLU C 566 -27.41 20.69 -27.65
CA GLU C 566 -25.98 20.73 -28.08
C GLU C 566 -25.22 21.83 -27.32
N GLN C 567 -25.87 22.97 -27.05
CA GLN C 567 -25.26 24.12 -26.32
C GLN C 567 -25.43 23.95 -24.80
N ALA C 568 -26.26 23.02 -24.35
CA ALA C 568 -26.49 22.78 -22.91
C ALA C 568 -25.26 22.08 -22.34
N VAL C 569 -25.04 22.24 -21.04
CA VAL C 569 -23.93 21.62 -20.27
C VAL C 569 -24.55 20.65 -19.27
N ALA C 570 -23.99 19.44 -19.18
CA ALA C 570 -24.35 18.43 -18.17
C ALA C 570 -23.16 18.22 -17.23
N ILE C 571 -23.38 18.42 -15.93
CA ILE C 571 -22.40 18.05 -14.85
C ILE C 571 -23.07 16.99 -13.99
N PRO C 572 -22.30 16.19 -13.23
CA PRO C 572 -22.90 15.20 -12.33
C PRO C 572 -23.75 15.84 -11.22
N SER C 573 -24.83 15.16 -10.84
CA SER C 573 -25.57 15.43 -9.58
C SER C 573 -24.82 14.79 -8.41
N THR C 574 -25.14 15.20 -7.17
CA THR C 574 -24.74 14.49 -5.94
C THR C 574 -25.90 13.60 -5.47
N ILE C 575 -26.99 13.53 -6.22
CA ILE C 575 -28.07 12.51 -6.01
C ILE C 575 -27.54 11.19 -6.56
N PRO C 576 -27.21 10.19 -5.71
CA PRO C 576 -26.73 8.90 -6.18
C PRO C 576 -27.89 8.01 -6.66
N THR C 577 -27.60 7.07 -7.56
CA THR C 577 -28.49 5.92 -7.85
C THR C 577 -28.19 4.84 -6.80
N ASP C 578 -29.23 4.22 -6.27
CA ASP C 578 -29.11 3.21 -5.19
C ASP C 578 -28.79 1.88 -5.86
N PRO C 579 -27.55 1.36 -5.72
CA PRO C 579 -27.14 0.13 -6.42
C PRO C 579 -27.83 -1.13 -5.87
N SER C 580 -28.37 -1.07 -4.65
CA SER C 580 -29.08 -2.19 -3.98
C SER C 580 -30.56 -2.25 -4.41
N ASN C 581 -31.08 -1.19 -5.04
CA ASN C 581 -32.52 -1.08 -5.38
C ASN C 581 -32.68 -0.63 -6.84
N ILE C 582 -32.10 -1.38 -7.78
CA ILE C 582 -32.15 -1.06 -9.24
C ILE C 582 -33.61 -1.14 -9.71
N GLY C 583 -34.11 -0.10 -10.38
CA GLY C 583 -35.52 0.00 -10.82
C GLY C 583 -36.43 0.65 -9.77
N GLY C 584 -35.90 0.97 -8.58
CA GLY C 584 -36.66 1.58 -7.48
C GLY C 584 -36.91 3.07 -7.73
N ASP C 585 -37.75 3.68 -6.89
CA ASP C 585 -38.07 5.13 -6.96
C ASP C 585 -37.08 5.90 -6.09
N LEU C 586 -36.76 7.13 -6.48
CA LEU C 586 -35.81 8.00 -5.74
C LEU C 586 -36.30 8.18 -4.30
N ASP C 587 -35.46 7.90 -3.32
CA ASP C 587 -35.73 8.25 -1.90
C ASP C 587 -35.36 9.72 -1.71
N PRO C 588 -36.32 10.64 -1.44
CA PRO C 588 -36.01 12.06 -1.34
C PRO C 588 -34.97 12.41 -0.26
N SER C 589 -34.82 11.57 0.78
CA SER C 589 -33.85 11.79 1.88
C SER C 589 -32.41 11.65 1.35
N SER C 590 -32.23 11.08 0.16
CA SER C 590 -30.90 10.81 -0.44
C SER C 590 -30.40 12.06 -1.20
N ILE C 591 -31.28 13.03 -1.44
CA ILE C 591 -30.96 14.32 -2.11
C ILE C 591 -30.25 15.22 -1.09
N PRO C 592 -28.94 15.52 -1.24
CA PRO C 592 -28.29 16.48 -0.35
C PRO C 592 -28.97 17.85 -0.37
N ASP C 593 -29.12 18.48 0.80
CA ASP C 593 -29.74 19.83 0.94
C ASP C 593 -28.92 20.85 0.15
N GLU C 594 -27.60 20.68 0.09
CA GLU C 594 -26.69 21.59 -0.65
C GLU C 594 -27.10 21.64 -2.12
N GLU C 595 -27.53 20.51 -2.68
CA GLU C 595 -27.97 20.42 -4.11
C GLU C 595 -29.37 21.05 -4.26
N SER C 596 -30.30 20.73 -3.35
CA SER C 596 -31.67 21.33 -3.34
C SER C 596 -31.56 22.86 -3.40
N ASP C 597 -30.62 23.43 -2.64
CA ASP C 597 -30.44 24.91 -2.48
C ASP C 597 -30.01 25.57 -3.79
N ILE C 598 -29.43 24.83 -4.74
CA ILE C 598 -28.93 25.43 -6.04
C ILE C 598 -29.84 25.00 -7.20
N SER C 599 -31.01 24.43 -6.93
CA SER C 599 -31.83 23.78 -7.99
C SER C 599 -33.12 24.55 -8.28
N ALA C 600 -33.16 25.87 -7.99
CA ALA C 600 -34.19 26.80 -8.49
C ALA C 600 -34.31 26.62 -10.02
N LEU C 601 -35.55 26.51 -10.52
CA LEU C 601 -35.85 26.26 -11.95
C LEU C 601 -36.21 27.57 -12.64
N PRO C 602 -36.22 27.62 -13.99
CA PRO C 602 -36.49 28.88 -14.70
C PRO C 602 -37.96 29.33 -14.59
N ASP C 603 -38.19 30.61 -14.89
CA ASP C 603 -39.52 31.20 -15.15
C ASP C 603 -39.91 30.89 -16.60
N ASN C 604 -40.67 29.81 -16.81
CA ASN C 604 -40.98 29.30 -18.17
C ASN C 604 -41.98 30.24 -18.84
N VAL C 605 -41.88 30.35 -20.17
CA VAL C 605 -42.78 31.18 -21.02
C VAL C 605 -44.03 30.35 -21.33
N THR C 606 -45.21 30.87 -20.94
CA THR C 606 -46.51 30.15 -20.99
C THR C 606 -47.43 30.73 -22.07
N LYS C 607 -47.02 31.80 -22.75
CA LYS C 607 -47.76 32.42 -23.88
C LYS C 607 -46.79 32.74 -24.99
N PRO C 608 -47.22 32.66 -26.27
CA PRO C 608 -46.33 32.94 -27.39
C PRO C 608 -45.84 34.40 -27.36
N HIS C 609 -44.70 34.67 -28.00
CA HIS C 609 -44.06 36.01 -27.99
C HIS C 609 -44.89 36.97 -28.84
N HIS C 610 -45.59 36.48 -29.87
CA HIS C 610 -46.36 37.31 -30.84
C HIS C 610 -47.73 36.69 -31.12
C1 GOL D . -8.71 -7.82 12.85
O1 GOL D . -7.96 -7.07 11.91
C2 GOL D . -7.81 -8.71 13.67
O2 GOL D . -8.60 -9.40 14.64
C3 GOL D . -7.05 -9.69 12.82
O3 GOL D . -6.38 -10.69 13.59
H11 GOL D . -9.38 -8.37 12.39
H12 GOL D . -9.19 -7.20 13.45
HO1 GOL D . -8.57 -6.69 11.42
H2 GOL D . -7.16 -8.13 14.15
HO2 GOL D . -8.42 -10.24 14.57
H31 GOL D . -6.38 -9.20 12.29
H32 GOL D . -7.67 -10.12 12.19
HO3 GOL D . -6.55 -10.56 14.41
C1 GOL E . -5.53 -7.46 -3.11
O1 GOL E . -5.20 -8.54 -3.97
C2 GOL E . -4.36 -6.50 -2.99
O2 GOL E . -4.86 -5.20 -2.73
C3 GOL E . -3.36 -6.90 -1.93
O3 GOL E . -2.25 -6.01 -1.86
H11 GOL E . -5.75 -7.80 -2.22
H12 GOL E . -6.30 -6.98 -3.47
HO1 GOL E . -5.86 -9.07 -3.96
H2 GOL E . -3.90 -6.48 -3.86
HO2 GOL E . -4.49 -4.90 -2.01
H31 GOL E . -3.03 -7.81 -2.13
H32 GOL E . -3.81 -6.93 -1.05
HO3 GOL E . -2.07 -5.74 -2.66
MG MG F . -12.51 -34.49 30.56
C1 GOL G . 12.70 -11.20 26.63
O1 GOL G . 13.26 -9.98 27.11
C2 GOL G . 12.85 -12.30 27.65
O2 GOL G . 13.20 -13.52 26.99
C3 GOL G . 13.86 -12.00 28.73
O3 GOL G . 14.07 -13.11 29.60
H11 GOL G . 13.15 -11.46 25.79
H12 GOL G . 11.73 -11.07 26.43
HO1 GOL G . 13.13 -9.38 26.50
H2 GOL G . 11.97 -12.44 28.08
HO2 GOL G . 13.90 -13.81 27.34
H31 GOL G . 13.55 -11.23 29.26
H32 GOL G . 14.72 -11.76 28.30
HO3 GOL G . 13.40 -13.62 29.57
C1 GOL H . 30.15 -10.44 25.76
O1 GOL H . 29.37 -9.30 26.09
C2 GOL H . 29.73 -10.97 24.41
O2 GOL H . 30.87 -11.55 23.76
C3 GOL H . 28.60 -11.97 24.50
O3 GOL H . 27.93 -12.11 23.25
H11 GOL H . 30.02 -11.15 26.44
H12 GOL H . 31.10 -10.19 25.74
HO1 GOL H . 29.61 -9.03 26.85
H2 GOL H . 29.43 -10.21 23.86
HO2 GOL H . 30.66 -12.40 23.60
H31 GOL H . 27.96 -11.67 25.18
H32 GOL H . 28.95 -12.85 24.78
HO3 GOL H . 28.49 -12.01 22.61
MG MG I . 49.08 13.31 22.70
MG MG J . 75.14 13.10 8.96
C1 GOL K . -16.56 6.14 -16.77
O1 GOL K . -17.07 7.39 -16.34
C2 GOL K . -17.40 5.62 -17.92
O2 GOL K . -16.57 5.45 -19.07
C3 GOL K . -18.13 4.35 -17.57
O3 GOL K . -19.19 4.09 -18.50
H11 GOL K . -16.58 5.50 -16.02
H12 GOL K . -15.62 6.25 -17.06
HO1 GOL K . -16.59 7.67 -15.70
H2 GOL K . -18.08 6.31 -18.13
HO2 GOL K . -16.66 4.65 -19.32
H31 GOL K . -18.52 4.43 -16.67
H32 GOL K . -17.50 3.59 -17.58
HO3 GOL K . -19.02 4.49 -19.23
C1 GOL L . -32.65 3.96 -11.60
O1 GOL L . -34.03 4.29 -11.69
C2 GOL L . -32.41 2.89 -10.54
O2 GOL L . -31.99 1.69 -11.18
C3 GOL L . -31.38 3.33 -9.51
O3 GOL L . -30.86 2.23 -8.76
H11 GOL L . -32.13 4.77 -11.36
H12 GOL L . -32.33 3.62 -12.46
HO1 GOL L . -34.13 4.94 -12.20
H2 GOL L . -33.26 2.73 -10.07
HO2 GOL L . -31.26 1.45 -10.85
H31 GOL L . -31.80 3.96 -8.89
H32 GOL L . -30.65 3.79 -9.96
HO3 GOL L . -31.35 1.56 -8.89
MG MG M . -1.92 31.17 -26.32
#